data_3GQT
#
_entry.id   3GQT
#
_cell.length_a   97.418
_cell.length_b   106.374
_cell.length_c   144.774
_cell.angle_alpha   90.00
_cell.angle_beta   90.00
_cell.angle_gamma   90.00
#
_symmetry.space_group_name_H-M   'P 21 21 21'
#
loop_
_entity.id
_entity.type
_entity.pdbx_description
1 polymer 'Glutaryl-CoA dehydrogenase'
2 non-polymer 1-(1,4-dimethyl-1,2,3,4-tetrahydroquinoxalin-6-yl)methanamine
3 water water
#
_entity_poly.entity_id   1
_entity_poly.type   'polypeptide(L)'
_entity_poly.pdbx_seq_one_letter_code
;GPGSMAAATFHWDDPLLLDQQLADDERMVRDAAHAYAQGKLAPRVTEAFRHETTDAAIFREMGEIGLLGPTIPEQYGGPG
LDYVSYGLIAREVERVDSGYRSMMSVQSSLVMVPIFEFGSDAQKEKYLPKLATGEWIGCFGLTEPNHGSDPGSMVTRARK
VPGGYSLSGSKMWITNSPIADVFVVWAKLDEDGRDEIRGFILEKGCKGLSAPAIHGKVGLRASITGEIVLDEAFVPEENI
LPHVKGLRGPFTCLNSARYGIAWGALGAAESCWHIARQYVLDRKQFGRPLAANQLIQKKLADMQTEITLGLQGVLRLGRM
KDEGTAAVEITSIMKRNSCGKALDIARLARDMLGGNGISDEFGVARHLVNLEVVNTYEGTHDIHALILGRAQTGIQAFF
;
_entity_poly.pdbx_strand_id   A,B,C,D
#
loop_
_chem_comp.id
_chem_comp.type
_chem_comp.name
_chem_comp.formula
UFO non-polymer 1-(1,4-dimethyl-1,2,3,4-tetrahydroquinoxalin-6-yl)methanamine 'C11 H17 N3'
#
# COMPACT_ATOMS: atom_id res chain seq x y z
N ALA A 8 18.58 -29.47 -4.88
CA ALA A 8 17.64 -30.62 -5.06
C ALA A 8 16.48 -30.60 -4.06
N THR A 9 16.74 -30.36 -2.76
CA THR A 9 15.63 -30.22 -1.79
C THR A 9 15.31 -28.75 -1.45
N PHE A 10 14.01 -28.42 -1.30
CA PHE A 10 13.59 -27.09 -0.85
C PHE A 10 13.64 -26.91 0.66
N HIS A 11 14.19 -25.79 1.10
CA HIS A 11 14.25 -25.47 2.53
C HIS A 11 13.39 -24.22 2.75
N TRP A 12 12.11 -24.40 3.11
CA TRP A 12 11.18 -23.26 3.19
C TRP A 12 11.67 -22.20 4.18
N ASP A 13 12.36 -22.64 5.23
CA ASP A 13 12.78 -21.76 6.30
C ASP A 13 14.10 -21.04 5.96
N ASP A 14 14.75 -21.47 4.87
CA ASP A 14 16.00 -20.89 4.39
C ASP A 14 16.12 -21.20 2.88
N PRO A 15 15.26 -20.57 2.05
CA PRO A 15 15.21 -20.85 0.61
C PRO A 15 16.53 -20.74 -0.14
N LEU A 16 17.35 -19.75 0.18
CA LEU A 16 18.61 -19.53 -0.54
C LEU A 16 19.80 -20.18 0.18
N LEU A 17 19.50 -21.04 1.15
CA LEU A 17 20.55 -21.72 1.95
C LEU A 17 21.66 -20.75 2.40
N LEU A 18 21.22 -19.70 3.09
CA LEU A 18 22.11 -18.74 3.67
C LEU A 18 23.14 -19.49 4.52
N ASP A 19 22.66 -20.57 5.13
CA ASP A 19 23.54 -21.41 5.92
C ASP A 19 24.80 -21.84 5.14
N GLN A 20 24.64 -22.16 3.86
CA GLN A 20 25.78 -22.56 3.00
C GLN A 20 26.62 -21.39 2.45
N GLN A 21 26.14 -20.16 2.63
CA GLN A 21 26.91 -18.97 2.25
C GLN A 21 27.83 -18.48 3.34
N LEU A 22 27.82 -19.16 4.49
CA LEU A 22 28.58 -18.67 5.63
C LEU A 22 29.86 -19.48 5.81
N ALA A 23 30.89 -18.83 6.32
CA ALA A 23 32.11 -19.55 6.77
C ALA A 23 31.81 -20.33 8.05
N ASP A 24 32.65 -21.32 8.33
CA ASP A 24 32.46 -22.21 9.45
C ASP A 24 32.55 -21.49 10.79
N ASP A 25 33.45 -20.52 10.91
CA ASP A 25 33.51 -19.74 12.16
C ASP A 25 32.21 -18.88 12.34
N GLU A 26 31.70 -18.32 11.26
CA GLU A 26 30.41 -17.59 11.31
C GLU A 26 29.25 -18.45 11.79
N ARG A 27 29.12 -19.65 11.22
CA ARG A 27 28.13 -20.60 11.63
C ARG A 27 28.22 -20.93 13.14
N MET A 28 29.43 -21.18 13.63
CA MET A 28 29.62 -21.54 15.05
C MET A 28 29.18 -20.35 15.90
N VAL A 29 29.61 -19.15 15.52
CA VAL A 29 29.19 -17.94 16.22
C VAL A 29 27.66 -17.83 16.25
N ARG A 30 27.02 -18.06 15.10
CA ARG A 30 25.56 -18.04 15.03
C ARG A 30 24.90 -19.07 15.93
N ASP A 31 25.38 -20.32 15.84
CA ASP A 31 24.81 -21.39 16.66
C ASP A 31 24.99 -21.11 18.15
N ALA A 32 26.14 -20.56 18.54
CA ALA A 32 26.38 -20.20 19.96
C ALA A 32 25.43 -19.07 20.47
N ALA A 33 25.22 -18.05 19.64
CA ALA A 33 24.25 -16.98 19.97
C ALA A 33 22.84 -17.58 20.06
N HIS A 34 22.52 -18.46 19.12
CA HIS A 34 21.20 -19.13 19.11
C HIS A 34 20.98 -19.94 20.39
N ALA A 35 21.98 -20.74 20.75
CA ALA A 35 21.89 -21.56 21.96
C ALA A 35 21.72 -20.67 23.18
N TYR A 36 22.48 -19.58 23.27
CA TYR A 36 22.31 -18.67 24.39
C TYR A 36 20.94 -17.95 24.41
N ALA A 37 20.53 -17.38 23.27
CA ALA A 37 19.25 -16.65 23.20
C ALA A 37 18.08 -17.53 23.62
N GLN A 38 18.02 -18.72 23.01
CA GLN A 38 16.91 -19.63 23.20
C GLN A 38 16.99 -20.25 24.58
N GLY A 39 18.20 -20.49 25.06
CA GLY A 39 18.41 -21.19 26.32
C GLY A 39 18.22 -20.30 27.51
N LYS A 40 18.67 -19.04 27.40
CA LYS A 40 18.66 -18.10 28.54
C LYS A 40 17.74 -16.86 28.41
N LEU A 41 17.54 -16.36 27.20
CA LEU A 41 16.69 -15.16 27.03
C LEU A 41 15.23 -15.52 26.81
N ALA A 42 14.97 -16.55 26.01
CA ALA A 42 13.59 -17.02 25.77
C ALA A 42 12.75 -17.31 27.04
N PRO A 43 13.32 -18.01 28.05
CA PRO A 43 12.53 -18.24 29.28
C PRO A 43 12.19 -16.95 30.05
N ARG A 44 13.00 -15.90 29.90
CA ARG A 44 12.78 -14.64 30.63
C ARG A 44 11.75 -13.70 29.98
N VAL A 45 11.62 -13.77 28.65
CA VAL A 45 11.15 -12.61 27.92
C VAL A 45 9.67 -12.26 28.20
N THR A 46 8.80 -13.26 28.29
CA THR A 46 7.38 -12.97 28.46
C THR A 46 7.10 -12.15 29.73
N GLU A 47 7.62 -12.64 30.86
CA GLU A 47 7.49 -11.90 32.12
C GLU A 47 8.31 -10.62 32.14
N ALA A 48 9.54 -10.63 31.61
CA ALA A 48 10.35 -9.40 31.59
C ALA A 48 9.67 -8.26 30.80
N PHE A 49 9.12 -8.60 29.65
CA PHE A 49 8.40 -7.61 28.88
C PHE A 49 7.15 -7.13 29.64
N ARG A 50 6.36 -8.06 30.14
CA ARG A 50 5.09 -7.72 30.82
C ARG A 50 5.36 -6.82 32.00
N HIS A 51 6.39 -7.12 32.79
CA HIS A 51 6.60 -6.30 34.00
C HIS A 51 7.75 -5.31 33.97
N GLU A 52 8.44 -5.19 32.83
CA GLU A 52 9.60 -4.28 32.69
C GLU A 52 10.72 -4.65 33.67
N THR A 53 10.95 -5.95 33.80
CA THR A 53 11.96 -6.52 34.71
C THR A 53 13.36 -6.03 34.33
N THR A 54 14.11 -5.56 35.32
CA THR A 54 15.50 -5.22 35.09
C THR A 54 16.35 -6.44 35.35
N ASP A 55 17.20 -6.83 34.40
CA ASP A 55 18.14 -7.93 34.68
C ASP A 55 19.53 -7.65 34.15
N ALA A 56 20.31 -6.90 34.93
CA ALA A 56 21.71 -6.60 34.62
C ALA A 56 22.60 -7.81 34.38
N ALA A 57 22.27 -8.95 35.00
CA ALA A 57 23.10 -10.19 34.89
C ALA A 57 23.24 -10.64 33.44
N ILE A 58 22.38 -10.14 32.56
CA ILE A 58 22.46 -10.50 31.14
C ILE A 58 23.79 -10.05 30.49
N PHE A 59 24.31 -8.88 30.87
CA PHE A 59 25.57 -8.41 30.25
C PHE A 59 26.74 -9.36 30.48
N ARG A 60 26.89 -9.82 31.73
CA ARG A 60 27.93 -10.79 32.02
C ARG A 60 27.71 -12.12 31.30
N GLU A 61 26.44 -12.54 31.14
CA GLU A 61 26.19 -13.77 30.37
C GLU A 61 26.64 -13.59 28.91
N MET A 62 26.26 -12.46 28.30
CA MET A 62 26.64 -12.18 26.92
C MET A 62 28.14 -11.99 26.78
N GLY A 63 28.73 -11.22 27.70
CA GLY A 63 30.15 -10.90 27.56
C GLY A 63 31.02 -12.14 27.65
N GLU A 64 30.59 -13.10 28.45
CA GLU A 64 31.40 -14.27 28.69
C GLU A 64 31.40 -15.25 27.49
N ILE A 65 30.37 -15.23 26.66
CA ILE A 65 30.47 -16.02 25.42
C ILE A 65 30.96 -15.18 24.23
N GLY A 66 31.32 -13.94 24.49
CA GLY A 66 31.92 -13.11 23.46
C GLY A 66 30.91 -12.46 22.54
N LEU A 67 29.71 -12.18 23.05
CA LEU A 67 28.68 -11.46 22.32
C LEU A 67 28.79 -9.94 22.37
N LEU A 68 29.61 -9.41 23.30
CA LEU A 68 29.78 -7.97 23.42
C LEU A 68 31.00 -7.46 22.66
N GLY A 69 30.76 -6.43 21.84
CA GLY A 69 31.80 -5.89 20.98
C GLY A 69 32.41 -6.94 20.06
N PRO A 70 31.55 -7.65 19.29
CA PRO A 70 32.05 -8.75 18.42
C PRO A 70 33.24 -8.40 17.53
N THR A 71 33.28 -7.17 17.02
CA THR A 71 34.35 -6.79 16.11
C THR A 71 35.59 -6.22 16.83
N ILE A 72 35.50 -6.04 18.14
CA ILE A 72 36.64 -5.53 18.90
C ILE A 72 37.78 -6.61 18.93
N PRO A 73 39.04 -6.20 18.67
CA PRO A 73 40.14 -7.15 18.61
C PRO A 73 40.44 -7.78 19.96
N GLU A 74 41.11 -8.93 19.92
CA GLU A 74 41.47 -9.71 21.11
C GLU A 74 42.43 -8.97 22.03
N GLN A 75 43.21 -8.05 21.47
CA GLN A 75 44.07 -7.22 22.29
C GLN A 75 43.26 -6.55 23.42
N TYR A 76 42.01 -6.17 23.13
CA TYR A 76 41.21 -5.47 24.10
C TYR A 76 40.11 -6.28 24.78
N GLY A 77 40.13 -7.61 24.61
CA GLY A 77 39.15 -8.51 25.26
C GLY A 77 38.00 -8.92 24.35
N GLY A 78 37.93 -8.32 23.16
CA GLY A 78 36.90 -8.62 22.19
C GLY A 78 37.20 -9.98 21.61
N PRO A 79 36.22 -10.58 20.91
CA PRO A 79 36.50 -11.85 20.22
C PRO A 79 37.06 -11.65 18.82
N GLY A 80 37.20 -10.40 18.38
CA GLY A 80 37.84 -10.08 17.09
C GLY A 80 37.17 -10.78 15.91
N LEU A 81 35.84 -10.75 15.88
CA LEU A 81 35.04 -11.32 14.80
C LEU A 81 34.77 -10.29 13.70
N ASP A 82 34.38 -10.75 12.52
CA ASP A 82 34.06 -9.86 11.42
C ASP A 82 32.60 -9.35 11.46
N TYR A 83 32.24 -8.45 10.55
CA TYR A 83 30.91 -7.85 10.56
C TYR A 83 29.79 -8.86 10.36
N VAL A 84 30.03 -9.88 9.54
CA VAL A 84 29.01 -10.90 9.29
C VAL A 84 28.67 -11.58 10.61
N SER A 85 29.68 -11.94 11.40
CA SER A 85 29.40 -12.53 12.72
C SER A 85 28.58 -11.62 13.60
N TYR A 86 28.92 -10.34 13.63
CA TYR A 86 28.18 -9.39 14.43
C TYR A 86 26.70 -9.41 14.02
N GLY A 87 26.43 -9.33 12.72
CA GLY A 87 25.04 -9.36 12.26
C GLY A 87 24.32 -10.65 12.67
N LEU A 88 25.00 -11.78 12.50
CA LEU A 88 24.42 -13.05 12.90
C LEU A 88 24.01 -13.10 14.39
N ILE A 89 24.88 -12.55 15.24
CA ILE A 89 24.55 -12.45 16.67
C ILE A 89 23.31 -11.61 16.89
N ALA A 90 23.31 -10.40 16.33
CA ALA A 90 22.18 -9.49 16.52
C ALA A 90 20.84 -10.16 16.16
N ARG A 91 20.87 -10.92 15.06
CA ARG A 91 19.68 -11.60 14.53
C ARG A 91 19.18 -12.66 15.52
N GLU A 92 20.11 -13.41 16.12
CA GLU A 92 19.69 -14.46 17.06
C GLU A 92 19.12 -13.91 18.34
N VAL A 93 19.64 -12.76 18.76
CA VAL A 93 19.18 -12.18 20.00
C VAL A 93 17.82 -11.48 19.80
N GLU A 94 17.69 -10.77 18.68
CA GLU A 94 16.42 -10.09 18.39
C GLU A 94 15.32 -11.09 18.02
N ARG A 95 15.69 -12.25 17.50
CA ARG A 95 14.75 -13.38 17.33
C ARG A 95 13.92 -13.60 18.63
N VAL A 96 14.57 -13.45 19.77
CA VAL A 96 13.87 -13.50 21.04
C VAL A 96 13.16 -12.17 21.31
N ASP A 97 13.93 -11.08 21.38
CA ASP A 97 13.39 -9.75 21.69
C ASP A 97 14.34 -8.60 21.31
N SER A 98 13.79 -7.57 20.67
CA SER A 98 14.55 -6.33 20.31
C SER A 98 15.16 -5.63 21.52
N GLY A 99 14.54 -5.77 22.70
CA GLY A 99 15.06 -5.10 23.88
C GLY A 99 16.39 -5.70 24.27
N TYR A 100 16.51 -7.01 24.14
CA TYR A 100 17.76 -7.72 24.40
C TYR A 100 18.82 -7.35 23.37
N ARG A 101 18.41 -7.27 22.10
CA ARG A 101 19.32 -6.86 21.04
C ARG A 101 19.81 -5.46 21.32
N SER A 102 18.91 -4.58 21.72
CA SER A 102 19.27 -3.21 22.02
C SER A 102 20.37 -3.08 23.12
N MET A 103 20.28 -3.87 24.18
CA MET A 103 21.32 -3.88 25.24
C MET A 103 22.71 -4.10 24.63
N MET A 104 22.73 -5.11 23.76
CA MET A 104 23.88 -5.58 23.10
C MET A 104 24.41 -4.59 22.06
N SER A 105 23.52 -3.97 21.28
CA SER A 105 24.01 -3.05 20.27
C SER A 105 24.54 -1.76 20.90
N VAL A 106 23.97 -1.33 22.02
CA VAL A 106 24.50 -0.20 22.75
C VAL A 106 25.93 -0.53 23.21
N GLN A 107 26.08 -1.67 23.88
CA GLN A 107 27.38 -2.06 24.44
C GLN A 107 28.41 -2.10 23.32
N SER A 108 28.06 -2.77 22.20
CA SER A 108 29.00 -3.02 21.10
C SER A 108 29.26 -1.79 20.25
N SER A 109 28.22 -1.29 19.58
CA SER A 109 28.43 -0.22 18.61
C SER A 109 28.40 1.17 19.25
N LEU A 110 27.69 1.34 20.36
CA LEU A 110 27.54 2.72 20.88
C LEU A 110 28.52 3.06 22.01
N VAL A 111 29.17 2.03 22.55
CA VAL A 111 30.11 2.21 23.66
C VAL A 111 31.53 1.72 23.31
N MET A 112 31.69 0.42 23.04
CA MET A 112 33.02 -0.09 22.75
C MET A 112 33.63 0.50 21.47
N VAL A 113 32.81 0.66 20.42
CA VAL A 113 33.26 1.22 19.14
C VAL A 113 33.88 2.64 19.22
N PRO A 114 33.16 3.65 19.80
CA PRO A 114 33.79 4.96 19.90
C PRO A 114 35.07 4.96 20.75
N ILE A 115 35.08 4.21 21.86
CA ILE A 115 36.30 4.10 22.69
C ILE A 115 37.45 3.47 21.91
N PHE A 116 37.17 2.43 21.16
CA PHE A 116 38.21 1.77 20.37
C PHE A 116 38.71 2.64 19.22
N GLU A 117 37.79 3.33 18.56
CA GLU A 117 38.11 4.08 17.35
C GLU A 117 38.70 5.45 17.68
N PHE A 118 38.22 6.07 18.75
CA PHE A 118 38.54 7.46 19.03
C PHE A 118 39.31 7.66 20.33
N GLY A 119 39.45 6.59 21.11
CA GLY A 119 40.00 6.71 22.45
C GLY A 119 41.52 6.66 22.49
N SER A 120 42.10 7.18 23.57
CA SER A 120 43.53 7.05 23.80
C SER A 120 43.83 5.60 24.11
N ASP A 121 45.11 5.22 23.95
CA ASP A 121 45.60 3.95 24.45
C ASP A 121 45.16 3.71 25.90
N ALA A 122 45.28 4.75 26.71
CA ALA A 122 44.91 4.70 28.13
C ALA A 122 43.43 4.40 28.35
N GLN A 123 42.59 5.05 27.55
CA GLN A 123 41.14 4.81 27.62
C GLN A 123 40.78 3.38 27.18
N LYS A 124 41.37 2.95 26.07
CA LYS A 124 41.14 1.61 25.50
C LYS A 124 41.54 0.49 26.44
N GLU A 125 42.71 0.59 27.07
CA GLU A 125 43.10 -0.45 28.03
C GLU A 125 42.25 -0.40 29.30
N LYS A 126 41.84 0.78 29.72
CA LYS A 126 41.03 0.84 30.96
C LYS A 126 39.60 0.26 30.81
N TYR A 127 38.95 0.60 29.69
CA TYR A 127 37.49 0.44 29.57
C TYR A 127 37.05 -0.79 28.76
N LEU A 128 37.74 -1.06 27.66
CA LEU A 128 37.32 -2.13 26.75
C LEU A 128 37.26 -3.54 27.35
N PRO A 129 38.31 -3.96 28.13
CA PRO A 129 38.30 -5.35 28.59
C PRO A 129 37.11 -5.63 29.48
N LYS A 130 36.69 -4.66 30.27
CA LYS A 130 35.57 -4.89 31.19
C LYS A 130 34.21 -4.72 30.50
N LEU A 131 34.21 -3.92 29.45
CA LEU A 131 33.01 -3.78 28.62
C LEU A 131 32.82 -5.08 27.84
N ALA A 132 33.93 -5.68 27.41
CA ALA A 132 33.84 -6.96 26.69
C ALA A 132 33.31 -8.12 27.54
N THR A 133 33.62 -8.14 28.84
CA THR A 133 33.19 -9.28 29.66
C THR A 133 31.81 -9.00 30.24
N GLY A 134 31.38 -7.76 30.11
CA GLY A 134 30.12 -7.32 30.71
C GLY A 134 30.25 -6.99 32.18
N GLU A 135 31.46 -7.13 32.74
CA GLU A 135 31.70 -6.63 34.09
C GLU A 135 31.29 -5.16 34.20
N TRP A 136 31.58 -4.37 33.16
CA TRP A 136 31.06 -3.02 33.11
C TRP A 136 30.01 -2.87 32.02
N ILE A 137 28.94 -2.16 32.37
CA ILE A 137 27.83 -1.96 31.45
C ILE A 137 27.96 -0.53 30.93
N GLY A 138 27.88 -0.35 29.62
CA GLY A 138 27.97 0.99 29.03
C GLY A 138 26.67 1.63 28.54
N CYS A 139 26.69 2.94 28.32
CA CYS A 139 25.57 3.62 27.65
C CYS A 139 26.08 4.83 26.87
N PHE A 140 25.22 5.33 26.00
CA PHE A 140 25.59 6.30 24.97
C PHE A 140 24.64 7.48 25.12
N GLY A 141 25.18 8.64 25.49
CA GLY A 141 24.36 9.83 25.78
C GLY A 141 24.47 10.80 24.62
N LEU A 142 23.52 10.69 23.68
CA LEU A 142 23.49 11.56 22.52
C LEU A 142 22.18 12.34 22.43
N THR A 143 21.06 11.62 22.43
CA THR A 143 19.71 12.18 22.36
C THR A 143 19.37 13.08 23.56
N GLU A 144 18.72 14.21 23.27
CA GLU A 144 18.36 15.21 24.29
C GLU A 144 16.85 15.42 24.38
N PRO A 145 16.33 15.81 25.57
CA PRO A 145 14.89 16.03 25.69
C PRO A 145 14.48 17.42 25.19
N PRO A 151 21.30 16.58 16.90
CA PRO A 151 22.74 16.25 16.93
C PRO A 151 23.59 17.52 16.79
N GLY A 152 23.64 18.08 15.57
CA GLY A 152 24.30 19.37 15.32
C GLY A 152 23.73 20.46 16.23
N SER A 153 22.51 20.23 16.73
CA SER A 153 21.77 21.17 17.57
C SER A 153 21.58 20.68 19.03
N MET A 154 22.56 19.95 19.56
CA MET A 154 22.53 19.55 20.97
C MET A 154 22.96 20.73 21.84
N VAL A 155 22.61 20.64 23.12
CA VAL A 155 22.69 21.71 24.08
C VAL A 155 23.55 21.35 25.29
N THR A 156 23.84 20.06 25.46
CA THR A 156 24.76 19.63 26.50
C THR A 156 26.13 20.21 26.20
N ARG A 157 26.76 20.77 27.23
CA ARG A 157 27.90 21.66 27.03
C ARG A 157 29.00 21.23 27.98
N ALA A 158 30.22 21.18 27.45
CA ALA A 158 31.41 21.05 28.29
C ALA A 158 32.18 22.39 28.36
N ARG A 159 32.58 22.75 29.58
CA ARG A 159 33.37 23.97 29.86
C ARG A 159 34.77 23.54 30.32
N LYS A 160 35.81 24.14 29.75
CA LYS A 160 37.18 23.93 30.23
C LYS A 160 37.34 24.55 31.61
N VAL A 161 37.98 23.80 32.52
CA VAL A 161 38.22 24.22 33.92
C VAL A 161 39.55 23.60 34.39
N PRO A 162 40.14 24.14 35.48
CA PRO A 162 41.34 23.48 36.01
C PRO A 162 41.17 21.97 36.12
N GLY A 163 42.01 21.23 35.40
CA GLY A 163 42.09 19.78 35.51
C GLY A 163 41.23 18.98 34.54
N GLY A 164 40.38 19.66 33.75
CA GLY A 164 39.54 18.97 32.76
C GLY A 164 38.34 19.74 32.22
N TYR A 165 37.14 19.22 32.47
CA TYR A 165 35.91 19.79 31.92
C TYR A 165 34.79 19.69 32.93
N SER A 166 33.82 20.59 32.82
CA SER A 166 32.61 20.53 33.64
C SER A 166 31.38 20.47 32.73
N LEU A 167 30.62 19.39 32.86
CA LEU A 167 29.52 19.10 31.95
C LEU A 167 28.16 19.42 32.56
N SER A 168 27.34 20.14 31.81
CA SER A 168 25.93 20.32 32.15
C SER A 168 25.07 20.10 30.93
N GLY A 169 23.94 19.42 31.15
CA GLY A 169 23.03 19.06 30.07
C GLY A 169 22.21 17.86 30.50
N SER A 170 21.33 17.42 29.60
CA SER A 170 20.43 16.32 29.89
C SER A 170 20.32 15.46 28.64
N LYS A 171 20.41 14.13 28.84
CA LYS A 171 20.19 13.16 27.78
C LYS A 171 18.96 12.30 28.13
N MET A 172 18.24 11.89 27.10
CA MET A 172 16.94 11.26 27.29
C MET A 172 16.86 9.97 26.48
N TRP A 173 16.09 8.99 26.99
CA TRP A 173 15.89 7.71 26.30
C TRP A 173 17.22 6.98 26.10
N ILE A 174 17.99 6.86 27.17
CA ILE A 174 19.32 6.28 27.09
C ILE A 174 19.30 4.85 27.58
N THR A 175 19.39 3.92 26.64
CA THR A 175 19.32 2.50 26.97
C THR A 175 20.51 2.14 27.85
N ASN A 176 20.22 1.41 28.94
CA ASN A 176 21.23 0.91 29.88
C ASN A 176 21.57 1.92 30.98
N SER A 177 21.21 3.19 30.79
CA SER A 177 21.74 4.22 31.68
C SER A 177 21.55 3.95 33.19
N PRO A 178 20.34 3.50 33.62
CA PRO A 178 20.22 3.35 35.09
C PRO A 178 21.05 2.21 35.68
N ILE A 179 21.67 1.37 34.83
CA ILE A 179 22.53 0.29 35.30
C ILE A 179 23.98 0.41 34.80
N ALA A 180 24.31 1.53 34.19
CA ALA A 180 25.56 1.65 33.47
C ALA A 180 26.66 1.98 34.45
N ASP A 181 27.80 1.36 34.23
CA ASP A 181 29.06 1.72 34.88
C ASP A 181 29.82 2.79 34.09
N VAL A 182 29.67 2.74 32.77
CA VAL A 182 30.42 3.60 31.85
C VAL A 182 29.46 4.36 30.94
N PHE A 183 29.69 5.67 30.79
CA PHE A 183 28.82 6.59 30.05
C PHE A 183 29.60 7.30 28.97
N VAL A 184 29.27 7.05 27.71
CA VAL A 184 29.88 7.83 26.65
C VAL A 184 28.93 8.97 26.26
N VAL A 185 29.31 10.19 26.64
CA VAL A 185 28.43 11.38 26.53
C VAL A 185 28.96 12.39 25.53
N TRP A 186 28.09 12.81 24.59
CA TRP A 186 28.46 13.78 23.57
C TRP A 186 28.00 15.20 23.94
N ALA A 187 28.91 16.14 23.84
CA ALA A 187 28.67 17.50 24.32
C ALA A 187 29.47 18.49 23.50
N LYS A 188 28.95 19.70 23.33
CA LYS A 188 29.68 20.74 22.59
C LYS A 188 30.77 21.33 23.47
N LEU A 189 31.98 21.45 22.90
CA LEU A 189 33.14 22.12 23.49
C LEU A 189 33.73 23.16 22.53
N ASP A 190 33.53 24.43 22.83
CA ASP A 190 34.13 25.50 22.05
C ASP A 190 35.54 25.78 22.56
N GLU A 191 36.53 25.50 21.73
CA GLU A 191 37.91 25.86 22.03
C GLU A 191 38.66 26.17 20.74
N ASP A 192 39.67 27.05 20.84
CA ASP A 192 40.20 27.79 19.69
C ASP A 192 39.01 28.54 19.08
N GLY A 193 38.89 28.49 17.76
CA GLY A 193 37.81 29.19 17.09
C GLY A 193 36.61 28.31 16.76
N ARG A 194 36.54 27.12 17.36
CA ARG A 194 35.54 26.14 16.94
C ARG A 194 34.70 25.58 18.09
N ASP A 195 33.37 25.71 17.95
CA ASP A 195 32.44 25.01 18.84
C ASP A 195 32.12 23.67 18.20
N GLU A 196 32.54 22.57 18.85
CA GLU A 196 32.41 21.25 18.25
C GLU A 196 31.93 20.21 19.24
N ILE A 197 31.16 19.25 18.74
CA ILE A 197 30.78 18.07 19.49
C ILE A 197 32.04 17.25 19.84
N ARG A 198 32.18 16.92 21.12
CA ARG A 198 33.24 16.01 21.59
C ARG A 198 32.63 14.86 22.41
N GLY A 199 33.40 13.80 22.59
CA GLY A 199 32.96 12.68 23.42
C GLY A 199 33.75 12.59 24.71
N PHE A 200 33.05 12.29 25.81
CA PHE A 200 33.60 12.17 27.13
C PHE A 200 33.19 10.82 27.75
N ILE A 201 34.09 10.18 28.48
CA ILE A 201 33.77 9.00 29.26
C ILE A 201 33.56 9.41 30.72
N LEU A 202 32.38 9.11 31.25
CA LEU A 202 32.11 9.27 32.69
C LEU A 202 31.88 7.89 33.31
N GLU A 203 32.06 7.83 34.64
CA GLU A 203 31.87 6.59 35.38
C GLU A 203 30.77 6.77 36.40
N LYS A 204 30.01 5.69 36.63
CA LYS A 204 29.02 5.63 37.69
C LYS A 204 29.65 6.15 38.98
N GLY A 205 28.90 6.96 39.73
CA GLY A 205 29.40 7.55 40.98
C GLY A 205 29.83 9.01 40.90
N CYS A 206 30.38 9.40 39.75
CA CYS A 206 30.82 10.78 39.50
C CYS A 206 29.82 11.83 40.04
N LYS A 207 30.34 12.82 40.78
CA LYS A 207 29.49 13.87 41.36
C LYS A 207 28.83 14.69 40.24
N GLY A 208 27.55 15.02 40.41
CA GLY A 208 26.80 15.77 39.39
C GLY A 208 26.23 14.92 38.26
N LEU A 209 26.32 13.60 38.39
CA LEU A 209 25.76 12.68 37.41
C LEU A 209 24.72 11.80 38.07
N SER A 210 23.54 11.74 37.46
CA SER A 210 22.53 10.77 37.85
C SER A 210 21.87 10.17 36.61
N ALA A 211 21.29 8.99 36.79
CA ALA A 211 20.66 8.29 35.68
C ALA A 211 19.33 7.67 36.10
N PRO A 212 18.30 8.51 36.38
CA PRO A 212 17.00 7.92 36.81
C PRO A 212 16.42 7.01 35.72
N ALA A 213 15.76 5.92 36.12
CA ALA A 213 15.12 5.02 35.18
C ALA A 213 13.83 5.63 34.58
N ILE A 214 13.46 5.23 33.36
CA ILE A 214 12.15 5.53 32.79
C ILE A 214 11.31 4.26 32.77
N HIS A 215 10.15 4.30 33.43
CA HIS A 215 9.23 3.16 33.41
C HIS A 215 7.86 3.46 32.75
N GLY A 216 7.10 2.42 32.45
CA GLY A 216 5.82 2.59 31.75
C GLY A 216 5.98 2.78 30.24
N LYS A 217 7.01 2.17 29.65
CA LYS A 217 7.23 2.21 28.21
C LYS A 217 6.18 1.42 27.44
N VAL A 218 5.95 1.77 26.18
CA VAL A 218 5.09 0.99 25.30
C VAL A 218 5.85 -0.20 24.65
N GLY A 219 6.92 0.08 23.92
CA GLY A 219 7.76 -0.99 23.36
C GLY A 219 9.09 -1.11 24.09
N LEU A 220 9.85 -2.14 23.76
CA LEU A 220 11.22 -2.36 24.28
C LEU A 220 11.19 -2.42 25.81
N ARG A 221 10.12 -3.01 26.32
CA ARG A 221 9.88 -3.05 27.76
C ARG A 221 10.87 -3.97 28.48
N ALA A 222 11.47 -4.92 27.75
CA ALA A 222 12.45 -5.85 28.36
C ALA A 222 13.81 -5.21 28.52
N SER A 223 13.95 -3.95 28.09
CA SER A 223 15.24 -3.27 28.12
C SER A 223 15.12 -2.11 29.08
N ILE A 224 16.07 -1.93 29.99
CA ILE A 224 15.99 -0.80 30.90
C ILE A 224 16.56 0.48 30.24
N THR A 225 15.83 1.56 30.41
CA THR A 225 16.20 2.83 29.81
C THR A 225 16.05 3.92 30.84
N GLY A 226 16.82 4.98 30.68
CA GLY A 226 16.71 6.13 31.57
C GLY A 226 17.26 7.42 31.01
N GLU A 227 17.53 8.35 31.90
CA GLU A 227 18.13 9.62 31.51
C GLU A 227 19.60 9.64 31.85
N ILE A 228 20.29 10.66 31.34
CA ILE A 228 21.56 11.05 31.93
C ILE A 228 21.42 12.54 32.28
N VAL A 229 21.48 12.89 33.58
CA VAL A 229 21.41 14.31 34.01
C VAL A 229 22.80 14.74 34.51
N LEU A 230 23.32 15.82 33.90
CA LEU A 230 24.66 16.33 34.23
C LEU A 230 24.55 17.73 34.83
N ASP A 231 24.89 17.86 36.11
CA ASP A 231 24.89 19.17 36.82
C ASP A 231 26.32 19.50 37.21
N GLU A 232 27.00 20.22 36.32
CA GLU A 232 28.41 20.56 36.54
C GLU A 232 29.18 19.32 36.95
N ALA A 233 29.07 18.25 36.16
CA ALA A 233 29.79 17.01 36.41
C ALA A 233 31.22 17.17 35.93
N PHE A 234 32.18 16.83 36.78
CA PHE A 234 33.57 17.05 36.43
C PHE A 234 34.16 15.84 35.72
N VAL A 235 34.85 16.10 34.60
CA VAL A 235 35.49 15.03 33.84
C VAL A 235 36.99 15.30 33.75
N PRO A 236 37.80 14.38 34.32
CA PRO A 236 39.26 14.45 34.21
C PRO A 236 39.72 14.64 32.77
N GLU A 237 40.87 15.29 32.62
CA GLU A 237 41.46 15.58 31.32
C GLU A 237 41.59 14.34 30.44
N GLU A 238 41.93 13.20 31.04
CA GLU A 238 42.20 12.00 30.25
C GLU A 238 40.94 11.19 29.92
N ASN A 239 39.76 11.76 30.18
CA ASN A 239 38.50 11.09 29.87
C ASN A 239 37.82 11.63 28.60
N ILE A 240 38.38 12.69 28.00
CA ILE A 240 37.87 13.19 26.71
C ILE A 240 38.45 12.32 25.61
N LEU A 241 37.61 11.97 24.64
CA LEU A 241 38.05 11.26 23.44
C LEU A 241 38.88 12.22 22.59
N PRO A 242 40.18 11.93 22.43
CA PRO A 242 41.13 12.82 21.74
C PRO A 242 41.02 12.79 20.21
N HIS A 243 40.59 11.68 19.62
CA HIS A 243 40.76 11.55 18.16
C HIS A 243 39.52 11.74 17.31
N VAL A 244 38.57 12.53 17.80
CA VAL A 244 37.37 12.84 17.04
C VAL A 244 36.72 14.15 17.49
N LYS A 245 36.24 14.91 16.50
CA LYS A 245 35.54 16.16 16.76
C LYS A 245 34.42 16.29 15.74
N GLY A 246 33.25 16.72 16.20
CA GLY A 246 32.11 16.97 15.32
C GLY A 246 31.27 15.74 15.02
N LEU A 247 30.54 15.81 13.90
CA LEU A 247 29.48 14.84 13.57
C LEU A 247 30.00 13.43 13.39
N ARG A 248 31.22 13.30 12.90
CA ARG A 248 31.88 12.03 12.64
C ARG A 248 31.90 11.12 13.87
N GLY A 249 32.02 11.71 15.05
CA GLY A 249 32.00 11.00 16.32
C GLY A 249 30.77 10.09 16.47
N PRO A 250 29.60 10.70 16.74
CA PRO A 250 28.36 9.94 16.91
C PRO A 250 27.94 9.22 15.62
N PHE A 251 28.30 9.76 14.46
CA PHE A 251 27.86 9.13 13.21
C PHE A 251 28.47 7.76 13.01
N THR A 252 29.77 7.65 13.32
CA THR A 252 30.47 6.40 13.20
C THR A 252 29.78 5.36 14.09
N CYS A 253 29.39 5.78 15.29
CA CYS A 253 28.69 4.89 16.24
C CYS A 253 27.32 4.43 15.71
N LEU A 254 26.52 5.38 15.21
CA LEU A 254 25.18 5.06 14.74
C LEU A 254 25.21 4.20 13.50
N ASN A 255 26.15 4.47 12.60
CA ASN A 255 26.32 3.67 11.38
C ASN A 255 26.62 2.24 11.76
N SER A 256 27.46 2.08 12.78
CA SER A 256 27.77 0.74 13.25
C SER A 256 26.51 0.06 13.85
N ALA A 257 25.78 0.75 14.72
CA ALA A 257 24.55 0.22 15.32
C ALA A 257 23.46 -0.12 14.28
N ARG A 258 23.35 0.70 13.24
CA ARG A 258 22.35 0.51 12.17
C ARG A 258 22.58 -0.81 11.44
N TYR A 259 23.84 -1.16 11.25
CA TYR A 259 24.20 -2.41 10.59
C TYR A 259 23.70 -3.61 11.40
N GLY A 260 23.89 -3.54 12.72
CA GLY A 260 23.42 -4.58 13.64
C GLY A 260 21.89 -4.66 13.68
N ILE A 261 21.25 -3.49 13.71
CA ILE A 261 19.81 -3.40 13.68
C ILE A 261 19.23 -3.92 12.36
N ALA A 262 19.92 -3.70 11.24
CA ALA A 262 19.50 -4.24 9.95
C ALA A 262 19.40 -5.76 10.02
N TRP A 263 20.35 -6.40 10.71
CA TRP A 263 20.27 -7.85 10.89
C TRP A 263 19.24 -8.23 11.94
N GLY A 264 19.31 -7.57 13.09
CA GLY A 264 18.40 -7.83 14.22
C GLY A 264 16.93 -7.84 13.81
N ALA A 265 16.51 -6.81 13.06
CA ALA A 265 15.10 -6.66 12.69
C ALA A 265 14.61 -7.88 11.88
N LEU A 266 15.51 -8.45 11.10
CA LEU A 266 15.15 -9.62 10.31
C LEU A 266 14.91 -10.85 11.18
N GLY A 267 15.58 -10.90 12.33
CA GLY A 267 15.36 -11.98 13.31
C GLY A 267 13.97 -11.87 13.91
N ALA A 268 13.56 -10.64 14.28
CA ALA A 268 12.21 -10.44 14.80
C ALA A 268 11.17 -10.73 13.70
N ALA A 269 11.45 -10.35 12.46
CA ALA A 269 10.55 -10.65 11.34
C ALA A 269 10.36 -12.15 11.21
N GLU A 270 11.47 -12.91 11.24
CA GLU A 270 11.43 -14.38 11.15
C GLU A 270 10.61 -14.99 12.30
N SER A 271 10.74 -14.46 13.52
CA SER A 271 9.86 -14.93 14.60
C SER A 271 8.36 -14.70 14.28
N CYS A 272 7.98 -13.52 13.78
CA CYS A 272 6.56 -13.26 13.53
C CYS A 272 6.08 -14.19 12.39
N TRP A 273 6.91 -14.35 11.36
CA TRP A 273 6.61 -15.30 10.27
C TRP A 273 6.39 -16.72 10.77
N HIS A 274 7.32 -17.24 11.56
CA HIS A 274 7.20 -18.62 12.07
C HIS A 274 5.97 -18.76 12.97
N ILE A 275 5.67 -17.73 13.77
CA ILE A 275 4.48 -17.79 14.61
C ILE A 275 3.23 -17.82 13.72
N ALA A 276 3.20 -16.92 12.75
CA ALA A 276 2.09 -16.85 11.80
C ALA A 276 1.86 -18.20 11.11
N ARG A 277 2.93 -18.84 10.70
CA ARG A 277 2.81 -20.08 9.95
C ARG A 277 2.26 -21.22 10.84
N GLN A 278 2.78 -21.32 12.05
CA GLN A 278 2.36 -22.33 13.02
C GLN A 278 0.91 -22.12 13.42
N TYR A 279 0.53 -20.88 13.68
CA TYR A 279 -0.85 -20.54 13.96
C TYR A 279 -1.81 -21.03 12.88
N VAL A 280 -1.51 -20.77 11.61
CA VAL A 280 -2.45 -21.17 10.54
C VAL A 280 -2.48 -22.68 10.29
N LEU A 281 -1.40 -23.34 10.70
CA LEU A 281 -1.29 -24.78 10.66
C LEU A 281 -2.19 -25.40 11.75
N ASP A 282 -2.14 -24.85 12.96
CA ASP A 282 -2.93 -25.33 14.11
C ASP A 282 -4.44 -25.00 14.03
N ARG A 283 -4.77 -23.86 13.43
CA ARG A 283 -6.15 -23.40 13.40
C ARG A 283 -6.87 -23.93 12.18
N LYS A 284 -8.16 -24.23 12.38
CA LYS A 284 -9.04 -24.65 11.29
C LYS A 284 -10.18 -23.66 11.16
N GLN A 285 -10.61 -23.40 9.94
CA GLN A 285 -11.87 -22.68 9.73
C GLN A 285 -12.61 -23.27 8.56
N PHE A 286 -13.94 -23.28 8.67
CA PHE A 286 -14.85 -23.91 7.70
C PHE A 286 -14.42 -25.34 7.41
N GLY A 287 -14.00 -26.05 8.46
CA GLY A 287 -13.62 -27.46 8.33
C GLY A 287 -12.28 -27.79 7.69
N ARG A 288 -11.55 -26.77 7.22
CA ARG A 288 -10.18 -26.94 6.68
C ARG A 288 -9.21 -26.14 7.54
N PRO A 289 -7.92 -26.53 7.59
CA PRO A 289 -6.96 -25.61 8.22
C PRO A 289 -6.93 -24.24 7.54
N LEU A 290 -6.55 -23.23 8.32
CA LEU A 290 -6.45 -21.90 7.80
C LEU A 290 -5.38 -21.87 6.71
N ALA A 291 -4.45 -22.83 6.77
CA ALA A 291 -3.34 -22.95 5.81
C ALA A 291 -3.81 -23.26 4.36
N ALA A 292 -5.04 -23.75 4.26
CA ALA A 292 -5.66 -24.02 2.96
C ALA A 292 -6.23 -22.77 2.30
N ASN A 293 -6.34 -21.69 3.05
CA ASN A 293 -6.85 -20.43 2.48
C ASN A 293 -5.85 -19.74 1.52
N GLN A 294 -6.35 -19.22 0.38
CA GLN A 294 -5.48 -18.69 -0.67
C GLN A 294 -4.81 -17.40 -0.22
N LEU A 295 -5.56 -16.61 0.54
CA LEU A 295 -5.04 -15.32 0.94
C LEU A 295 -3.97 -15.50 2.03
N ILE A 296 -4.14 -16.52 2.87
CA ILE A 296 -3.18 -16.80 3.92
C ILE A 296 -1.88 -17.20 3.22
N GLN A 297 -2.02 -17.93 2.12
CA GLN A 297 -0.86 -18.44 1.43
C GLN A 297 -0.05 -17.28 0.86
N LYS A 298 -0.75 -16.26 0.34
CA LYS A 298 -0.13 -15.11 -0.26
C LYS A 298 0.65 -14.36 0.83
N LYS A 299 0.05 -14.19 2.01
CA LYS A 299 0.71 -13.50 3.12
C LYS A 299 1.99 -14.23 3.56
N LEU A 300 1.90 -15.55 3.66
CA LEU A 300 3.07 -16.38 4.00
C LEU A 300 4.16 -16.30 2.91
N ALA A 301 3.75 -16.25 1.65
CA ALA A 301 4.70 -16.10 0.55
C ALA A 301 5.42 -14.75 0.59
N ASP A 302 4.65 -13.68 0.81
CA ASP A 302 5.21 -12.35 1.01
C ASP A 302 6.21 -12.28 2.17
N MET A 303 5.88 -12.91 3.30
CA MET A 303 6.75 -12.87 4.48
C MET A 303 8.05 -13.56 4.14
N GLN A 304 7.94 -14.75 3.56
CA GLN A 304 9.11 -15.53 3.19
C GLN A 304 9.97 -14.76 2.21
N THR A 305 9.33 -14.10 1.24
CA THR A 305 10.05 -13.40 0.19
C THR A 305 10.89 -12.22 0.74
N GLU A 306 10.26 -11.38 1.54
CA GLU A 306 10.96 -10.20 2.00
C GLU A 306 12.10 -10.51 2.97
N ILE A 307 11.90 -11.53 3.79
CA ILE A 307 12.93 -11.95 4.74
C ILE A 307 14.10 -12.53 3.96
N THR A 308 13.80 -13.41 3.01
CA THR A 308 14.84 -14.07 2.19
C THR A 308 15.72 -13.07 1.44
N LEU A 309 15.08 -12.13 0.76
CA LEU A 309 15.80 -11.04 0.08
C LEU A 309 16.51 -10.11 1.05
N GLY A 310 15.88 -9.80 2.19
CA GLY A 310 16.50 -8.86 3.15
C GLY A 310 17.81 -9.44 3.70
N LEU A 311 17.82 -10.75 3.91
CA LEU A 311 19.00 -11.44 4.39
C LEU A 311 20.14 -11.42 3.36
N GLN A 312 19.84 -11.66 2.07
CA GLN A 312 20.89 -11.51 1.06
C GLN A 312 21.48 -10.12 1.11
N GLY A 313 20.63 -9.12 1.26
CA GLY A 313 21.11 -7.75 1.37
C GLY A 313 22.08 -7.48 2.55
N VAL A 314 21.70 -7.86 3.76
CA VAL A 314 22.59 -7.66 4.90
C VAL A 314 23.81 -8.58 4.86
N LEU A 315 23.69 -9.78 4.27
CA LEU A 315 24.88 -10.64 4.17
C LEU A 315 25.89 -9.95 3.25
N ARG A 316 25.41 -9.50 2.09
CA ARG A 316 26.31 -8.82 1.15
C ARG A 316 26.95 -7.58 1.77
N LEU A 317 26.17 -6.76 2.46
CA LEU A 317 26.71 -5.55 3.08
C LEU A 317 27.82 -5.93 4.09
N GLY A 318 27.55 -6.96 4.89
CA GLY A 318 28.55 -7.45 5.86
C GLY A 318 29.86 -7.83 5.15
N ARG A 319 29.72 -8.60 4.08
CA ARG A 319 30.88 -9.03 3.29
C ARG A 319 31.64 -7.80 2.80
N MET A 320 30.92 -6.77 2.34
CA MET A 320 31.57 -5.51 1.85
C MET A 320 32.26 -4.72 2.94
N LYS A 321 31.65 -4.67 4.12
CA LYS A 321 32.26 -3.97 5.22
C LYS A 321 33.56 -4.72 5.62
N ASP A 322 33.51 -6.06 5.68
CA ASP A 322 34.70 -6.87 5.98
C ASP A 322 35.85 -6.68 5.01
N GLU A 323 35.54 -6.39 3.74
CA GLU A 323 36.58 -6.14 2.75
C GLU A 323 36.84 -4.65 2.51
N GLY A 324 36.14 -3.79 3.24
CA GLY A 324 36.34 -2.35 3.12
C GLY A 324 35.81 -1.69 1.86
N THR A 325 34.89 -2.34 1.16
CA THR A 325 34.35 -1.77 -0.08
C THR A 325 33.01 -1.09 0.12
N ALA A 326 32.51 -1.09 1.35
CA ALA A 326 31.19 -0.55 1.65
C ALA A 326 31.13 0.94 2.01
N ALA A 327 30.47 1.74 1.18
CA ALA A 327 30.15 3.12 1.57
C ALA A 327 29.02 3.13 2.62
N VAL A 328 28.95 4.22 3.37
CA VAL A 328 27.97 4.38 4.42
C VAL A 328 26.51 4.36 3.95
N GLU A 329 26.28 4.85 2.74
CA GLU A 329 24.93 4.85 2.18
C GLU A 329 24.28 3.46 2.08
N ILE A 330 25.08 2.40 1.93
CA ILE A 330 24.53 1.03 1.81
C ILE A 330 23.84 0.59 3.10
N THR A 331 24.41 1.00 4.23
CA THR A 331 23.80 0.82 5.51
C THR A 331 22.41 1.47 5.54
N SER A 332 22.25 2.68 4.98
CA SER A 332 20.90 3.28 4.88
C SER A 332 19.89 2.41 4.13
N ILE A 333 20.34 1.81 3.04
CA ILE A 333 19.51 0.88 2.29
C ILE A 333 19.01 -0.26 3.16
N MET A 334 19.92 -0.97 3.79
CA MET A 334 19.57 -2.17 4.54
C MET A 334 18.87 -1.85 5.86
N LYS A 335 19.23 -0.74 6.51
CA LYS A 335 18.59 -0.38 7.76
C LYS A 335 17.11 -0.03 7.51
N ARG A 336 16.88 0.80 6.51
CA ARG A 336 15.54 1.22 6.18
C ARG A 336 14.71 -0.01 5.74
N ASN A 337 15.29 -0.84 4.89
CA ASN A 337 14.53 -1.98 4.38
C ASN A 337 14.25 -3.02 5.46
N SER A 338 15.28 -3.41 6.23
CA SER A 338 15.05 -4.38 7.31
C SER A 338 13.98 -3.90 8.31
N CYS A 339 14.10 -2.67 8.81
CA CYS A 339 13.14 -2.14 9.78
C CYS A 339 11.75 -1.98 9.21
N GLY A 340 11.64 -1.45 8.01
CA GLY A 340 10.35 -1.28 7.32
C GLY A 340 9.68 -2.58 6.96
N LYS A 341 10.42 -3.53 6.40
CA LYS A 341 9.81 -4.81 6.08
C LYS A 341 9.49 -5.62 7.33
N ALA A 342 10.33 -5.55 8.37
CA ALA A 342 10.04 -6.27 9.62
C ALA A 342 8.72 -5.79 10.24
N LEU A 343 8.52 -4.47 10.24
CA LEU A 343 7.31 -3.86 10.73
C LEU A 343 6.05 -4.28 9.90
N ASP A 344 6.16 -4.23 8.58
CA ASP A 344 5.08 -4.74 7.69
C ASP A 344 4.74 -6.18 8.04
N ILE A 345 5.77 -7.00 8.21
CA ILE A 345 5.57 -8.42 8.54
C ILE A 345 4.90 -8.61 9.90
N ALA A 346 5.36 -7.88 10.90
CA ALA A 346 4.77 -7.97 12.22
C ALA A 346 3.26 -7.59 12.15
N ARG A 347 2.93 -6.57 11.38
CA ARG A 347 1.53 -6.15 11.19
C ARG A 347 0.68 -7.15 10.43
N LEU A 348 1.28 -7.75 9.40
CA LEU A 348 0.61 -8.78 8.62
C LEU A 348 0.32 -9.99 9.48
N ALA A 349 1.29 -10.38 10.30
CA ALA A 349 1.06 -11.49 11.25
C ALA A 349 -0.03 -11.14 12.26
N ARG A 350 0.07 -9.92 12.81
CA ARG A 350 -0.90 -9.48 13.83
C ARG A 350 -2.34 -9.54 13.32
N ASP A 351 -2.53 -9.06 12.09
CA ASP A 351 -3.87 -8.98 11.52
C ASP A 351 -4.45 -10.36 11.14
N MET A 352 -3.61 -11.39 11.13
CA MET A 352 -4.04 -12.78 10.98
C MET A 352 -4.59 -13.38 12.29
N LEU A 353 -4.28 -12.79 13.44
CA LEU A 353 -4.65 -13.40 14.75
C LEU A 353 -5.98 -12.91 15.25
N GLY A 354 -6.89 -13.82 15.58
CA GLY A 354 -8.24 -13.39 15.90
C GLY A 354 -8.49 -13.25 17.39
N GLY A 355 -7.50 -13.59 18.22
CA GLY A 355 -7.67 -13.56 19.68
C GLY A 355 -7.36 -12.18 20.23
N ASN A 356 -6.95 -12.12 21.50
CA ASN A 356 -6.59 -10.86 22.13
C ASN A 356 -5.65 -11.08 23.34
N GLY A 357 -4.44 -11.60 23.09
CA GLY A 357 -3.37 -11.55 24.09
C GLY A 357 -3.05 -12.77 24.95
N ILE A 358 -3.93 -13.76 25.00
CA ILE A 358 -3.72 -14.87 25.97
C ILE A 358 -2.72 -15.89 25.39
N SER A 359 -2.99 -16.36 24.18
CA SER A 359 -2.25 -17.42 23.52
C SER A 359 -0.83 -17.05 23.08
N ASP A 360 -0.02 -18.09 22.89
CA ASP A 360 1.39 -17.97 22.46
C ASP A 360 1.62 -17.09 21.23
N GLU A 361 0.71 -17.15 20.26
CA GLU A 361 0.81 -16.32 19.07
C GLU A 361 0.92 -14.82 19.34
N PHE A 362 0.48 -14.36 20.52
CA PHE A 362 0.56 -12.93 20.85
C PHE A 362 1.97 -12.45 21.22
N GLY A 363 2.90 -13.41 21.23
CA GLY A 363 4.32 -13.08 21.03
C GLY A 363 4.48 -12.09 19.88
N VAL A 364 3.64 -12.24 18.85
CA VAL A 364 3.63 -11.30 17.72
C VAL A 364 3.40 -9.86 18.15
N ALA A 365 2.51 -9.65 19.13
CA ALA A 365 2.13 -8.29 19.53
C ALA A 365 3.25 -7.60 20.29
N ARG A 366 4.08 -8.41 20.94
CA ARG A 366 5.31 -7.89 21.56
C ARG A 366 6.37 -7.49 20.53
N HIS A 367 6.66 -8.37 19.58
CA HIS A 367 7.60 -7.98 18.54
C HIS A 367 7.11 -6.72 17.85
N LEU A 368 5.79 -6.65 17.65
CA LEU A 368 5.18 -5.51 16.94
C LEU A 368 5.47 -4.20 17.64
N VAL A 369 5.13 -4.13 18.92
CA VAL A 369 5.36 -2.83 19.61
C VAL A 369 6.86 -2.54 19.72
N ASN A 370 7.70 -3.59 19.86
CA ASN A 370 9.17 -3.38 19.82
C ASN A 370 9.60 -2.72 18.48
N LEU A 371 9.15 -3.31 17.35
CA LEU A 371 9.51 -2.80 16.02
C LEU A 371 8.93 -1.42 15.72
N GLU A 372 7.81 -1.09 16.35
CA GLU A 372 7.26 0.25 16.23
C GLU A 372 8.17 1.33 16.86
N VAL A 373 8.88 0.99 17.93
CA VAL A 373 9.85 1.92 18.51
C VAL A 373 11.14 1.95 17.69
N VAL A 374 11.65 0.78 17.34
CA VAL A 374 12.90 0.66 16.61
C VAL A 374 12.81 1.49 15.32
N ASN A 375 11.66 1.38 14.65
CA ASN A 375 11.46 2.14 13.43
C ASN A 375 11.48 3.67 13.59
N THR A 376 11.34 4.14 14.82
CA THR A 376 11.33 5.58 15.10
C THR A 376 12.61 6.09 15.77
N TYR A 377 13.67 5.27 15.77
CA TYR A 377 14.96 5.65 16.35
C TYR A 377 15.88 6.29 15.28
N HIS A 381 10.15 10.94 10.15
CA HIS A 381 11.41 11.54 9.70
C HIS A 381 12.02 10.96 8.38
N ASP A 382 11.91 9.63 8.20
CA ASP A 382 12.49 8.84 7.05
C ASP A 382 13.82 9.38 6.49
N ILE A 383 14.77 9.61 7.39
CA ILE A 383 16.02 10.24 6.98
C ILE A 383 16.82 9.34 6.04
N HIS A 384 16.61 8.02 6.11
CA HIS A 384 17.37 7.15 5.24
C HIS A 384 17.00 7.31 3.77
N ALA A 385 15.70 7.50 3.50
CA ALA A 385 15.24 7.69 2.11
C ALA A 385 15.90 8.96 1.61
N LEU A 386 15.99 9.97 2.49
CA LEU A 386 16.65 11.25 2.13
C LEU A 386 18.15 11.16 1.87
N ILE A 387 18.86 10.42 2.71
CA ILE A 387 20.27 10.09 2.43
C ILE A 387 20.43 9.45 1.05
N LEU A 388 19.54 8.50 0.73
CA LEU A 388 19.63 7.81 -0.56
C LEU A 388 19.26 8.75 -1.71
N GLY A 389 18.26 9.58 -1.48
CA GLY A 389 17.80 10.54 -2.48
C GLY A 389 18.93 11.49 -2.83
N ARG A 390 19.62 11.96 -1.81
CA ARG A 390 20.75 12.85 -2.03
C ARG A 390 21.87 12.12 -2.76
N ALA A 391 22.11 10.88 -2.38
CA ALA A 391 23.18 10.14 -3.03
C ALA A 391 22.90 9.89 -4.50
N GLN A 392 21.61 9.85 -4.89
CA GLN A 392 21.27 9.56 -6.30
C GLN A 392 21.28 10.81 -7.14
N THR A 393 20.96 11.92 -6.51
CA THR A 393 20.64 13.15 -7.22
C THR A 393 21.65 14.26 -6.99
N GLY A 394 22.42 14.15 -5.90
CA GLY A 394 23.33 15.24 -5.52
C GLY A 394 22.64 16.42 -4.86
N ILE A 395 21.32 16.33 -4.69
CA ILE A 395 20.54 17.43 -4.12
C ILE A 395 19.97 17.02 -2.77
N GLN A 396 20.14 17.90 -1.78
CA GLN A 396 19.77 17.64 -0.42
C GLN A 396 18.32 18.09 -0.23
N ALA A 397 17.51 17.27 0.45
CA ALA A 397 16.13 17.64 0.81
C ALA A 397 15.86 17.46 2.32
N PHE A 398 16.92 17.37 3.12
CA PHE A 398 16.83 17.11 4.58
C PHE A 398 16.86 18.42 5.39
N ALA B 8 34.32 1.98 0.29
CA ALA B 8 34.72 3.41 0.39
C ALA B 8 33.94 4.36 -0.54
N THR B 9 33.72 3.96 -1.80
CA THR B 9 32.95 4.83 -2.70
C THR B 9 31.50 4.31 -3.01
N PHE B 10 30.51 5.20 -2.98
CA PHE B 10 29.11 4.75 -3.20
C PHE B 10 28.72 4.73 -4.68
N HIS B 11 28.21 3.60 -5.17
CA HIS B 11 27.69 3.54 -6.53
C HIS B 11 26.17 3.52 -6.50
N TRP B 12 25.53 4.68 -6.69
CA TRP B 12 24.06 4.74 -6.58
C TRP B 12 23.39 3.75 -7.54
N ASP B 13 23.99 3.51 -8.70
CA ASP B 13 23.37 2.63 -9.68
C ASP B 13 23.69 1.14 -9.47
N ASP B 14 24.57 0.83 -8.52
CA ASP B 14 24.94 -0.57 -8.25
C ASP B 14 25.43 -0.72 -6.81
N PRO B 15 24.53 -0.47 -5.85
CA PRO B 15 24.99 -0.25 -4.47
C PRO B 15 25.74 -1.43 -3.88
N LEU B 16 25.37 -2.65 -4.28
CA LEU B 16 26.06 -3.83 -3.79
C LEU B 16 27.18 -4.32 -4.73
N LEU B 17 27.52 -3.54 -5.75
CA LEU B 17 28.62 -3.88 -6.67
C LEU B 17 28.43 -5.28 -7.24
N LEU B 18 27.26 -5.49 -7.83
CA LEU B 18 26.96 -6.74 -8.49
C LEU B 18 28.07 -7.08 -9.47
N ASP B 19 28.53 -6.04 -10.14
CA ASP B 19 29.58 -6.13 -11.14
C ASP B 19 30.80 -6.88 -10.58
N GLN B 20 31.05 -6.71 -9.30
CA GLN B 20 32.14 -7.37 -8.60
C GLN B 20 31.82 -8.78 -8.11
N GLN B 21 30.57 -9.23 -8.21
CA GLN B 21 30.23 -10.56 -7.72
C GLN B 21 30.18 -11.52 -8.89
N LEU B 22 30.40 -10.98 -10.08
CA LEU B 22 30.34 -11.75 -11.31
C LEU B 22 31.74 -12.20 -11.66
N ALA B 23 31.83 -13.42 -12.18
CA ALA B 23 33.07 -13.93 -12.79
C ALA B 23 33.31 -13.18 -14.10
N ASP B 24 34.57 -13.13 -14.52
CA ASP B 24 34.99 -12.43 -15.76
C ASP B 24 34.28 -12.86 -17.05
N ASP B 25 34.03 -14.16 -17.21
CA ASP B 25 33.32 -14.61 -18.40
C ASP B 25 31.82 -14.24 -18.36
N GLU B 26 31.24 -14.19 -17.15
CA GLU B 26 29.87 -13.67 -16.95
C GLU B 26 29.77 -12.20 -17.32
N ARG B 27 30.72 -11.39 -16.83
CA ARG B 27 30.81 -9.96 -17.17
C ARG B 27 30.91 -9.69 -18.67
N MET B 28 31.56 -10.56 -19.43
CA MET B 28 31.61 -10.26 -20.86
C MET B 28 30.34 -10.71 -21.57
N VAL B 29 29.67 -11.72 -21.04
CA VAL B 29 28.32 -12.05 -21.55
C VAL B 29 27.43 -10.82 -21.36
N ARG B 30 27.49 -10.23 -20.18
CA ARG B 30 26.63 -9.10 -19.84
C ARG B 30 26.95 -7.94 -20.77
N ASP B 31 28.24 -7.73 -20.99
CA ASP B 31 28.70 -6.67 -21.86
C ASP B 31 28.30 -6.86 -23.28
N ALA B 32 28.45 -8.08 -23.76
CA ALA B 32 27.99 -8.47 -25.09
C ALA B 32 26.51 -8.15 -25.28
N ALA B 33 25.69 -8.56 -24.30
CA ALA B 33 24.25 -8.41 -24.43
C ALA B 33 23.87 -6.94 -24.34
N HIS B 34 24.50 -6.22 -23.42
CA HIS B 34 24.25 -4.78 -23.32
C HIS B 34 24.61 -4.05 -24.61
N ALA B 35 25.79 -4.35 -25.16
CA ALA B 35 26.25 -3.66 -26.40
C ALA B 35 25.25 -3.90 -27.54
N TYR B 36 24.83 -5.15 -27.68
CA TYR B 36 23.86 -5.49 -28.74
C TYR B 36 22.53 -4.77 -28.53
N ALA B 37 22.00 -4.90 -27.30
CA ALA B 37 20.67 -4.35 -27.03
C ALA B 37 20.63 -2.85 -27.22
N GLN B 38 21.60 -2.15 -26.65
CA GLN B 38 21.65 -0.68 -26.79
C GLN B 38 21.99 -0.29 -28.23
N GLY B 39 22.93 -1.03 -28.82
CA GLY B 39 23.42 -0.73 -30.17
C GLY B 39 22.41 -1.01 -31.27
N LYS B 40 21.67 -2.10 -31.15
CA LYS B 40 20.78 -2.54 -32.24
C LYS B 40 19.26 -2.54 -31.89
N LEU B 41 18.92 -2.74 -30.63
CA LEU B 41 17.49 -2.82 -30.29
C LEU B 41 16.94 -1.48 -29.92
N ALA B 42 17.68 -0.74 -29.11
CA ALA B 42 17.17 0.60 -28.65
C ALA B 42 16.76 1.54 -29.79
N PRO B 43 17.54 1.59 -30.91
CA PRO B 43 17.11 2.48 -32.01
C PRO B 43 15.87 2.00 -32.75
N ARG B 44 15.56 0.71 -32.69
CA ARG B 44 14.37 0.17 -33.37
C ARG B 44 13.08 0.23 -32.54
N VAL B 45 13.21 0.18 -31.20
CA VAL B 45 12.05 -0.18 -30.39
C VAL B 45 10.86 0.79 -30.47
N THR B 46 11.11 2.10 -30.51
CA THR B 46 9.97 3.05 -30.50
C THR B 46 8.96 2.79 -31.66
N GLU B 47 9.48 2.73 -32.88
CA GLU B 47 8.66 2.52 -34.06
C GLU B 47 8.13 1.10 -34.12
N ALA B 48 8.97 0.13 -33.76
CA ALA B 48 8.55 -1.25 -33.76
C ALA B 48 7.35 -1.47 -32.82
N PHE B 49 7.44 -0.93 -31.62
CA PHE B 49 6.32 -1.00 -30.69
C PHE B 49 5.11 -0.25 -31.26
N ARG B 50 5.32 1.02 -31.63
CA ARG B 50 4.21 1.84 -32.11
C ARG B 50 3.43 1.18 -33.27
N HIS B 51 4.13 0.58 -34.23
CA HIS B 51 3.41 0.03 -35.40
C HIS B 51 3.35 -1.49 -35.40
N GLU B 52 3.81 -2.12 -34.31
CA GLU B 52 3.68 -3.57 -34.16
C GLU B 52 4.39 -4.27 -35.34
N THR B 53 5.57 -3.78 -35.66
CA THR B 53 6.26 -4.20 -36.86
C THR B 53 6.96 -5.50 -36.58
N THR B 54 6.81 -6.44 -37.51
CA THR B 54 7.52 -7.72 -37.48
C THR B 54 8.97 -7.49 -37.86
N ASP B 55 9.87 -7.97 -37.02
CA ASP B 55 11.26 -8.00 -37.39
C ASP B 55 11.88 -9.29 -36.86
N ALA B 56 12.40 -10.09 -37.77
CA ALA B 56 13.01 -11.35 -37.42
C ALA B 56 14.54 -11.24 -37.47
N ALA B 57 15.04 -10.07 -37.84
CA ALA B 57 16.48 -9.84 -37.97
C ALA B 57 17.17 -10.08 -36.63
N ILE B 58 16.43 -9.81 -35.58
CA ILE B 58 16.82 -10.08 -34.22
C ILE B 58 17.34 -11.50 -33.93
N PHE B 59 16.72 -12.50 -34.53
CA PHE B 59 17.19 -13.84 -34.33
C PHE B 59 18.57 -13.99 -35.00
N ARG B 60 18.68 -13.47 -36.21
CA ARG B 60 19.92 -13.58 -36.99
C ARG B 60 21.06 -12.90 -36.19
N GLU B 61 20.73 -11.73 -35.65
CA GLU B 61 21.68 -10.91 -34.87
C GLU B 61 22.13 -11.53 -33.56
N MET B 62 21.19 -11.91 -32.69
CA MET B 62 21.55 -12.56 -31.44
C MET B 62 22.22 -13.91 -31.66
N GLY B 63 21.79 -14.62 -32.69
CA GLY B 63 22.41 -15.91 -33.03
C GLY B 63 23.87 -15.77 -33.50
N GLU B 64 24.13 -14.73 -34.29
CA GLU B 64 25.51 -14.41 -34.75
C GLU B 64 26.47 -14.17 -33.57
N ILE B 65 25.99 -13.52 -32.52
CA ILE B 65 26.90 -13.29 -31.37
C ILE B 65 26.83 -14.31 -30.23
N GLY B 66 26.12 -15.43 -30.44
CA GLY B 66 26.01 -16.45 -29.41
C GLY B 66 25.14 -16.14 -28.19
N LEU B 67 24.08 -15.34 -28.37
CA LEU B 67 23.12 -15.10 -27.27
C LEU B 67 21.86 -15.99 -27.21
N LEU B 68 21.72 -16.93 -28.15
CA LEU B 68 20.53 -17.80 -28.17
C LEU B 68 20.82 -19.15 -27.54
N GLY B 69 19.93 -19.58 -26.66
CA GLY B 69 20.16 -20.82 -25.92
C GLY B 69 21.47 -20.81 -25.15
N PRO B 70 21.66 -19.84 -24.26
CA PRO B 70 22.91 -19.71 -23.50
C PRO B 70 23.41 -21.00 -22.85
N THR B 71 22.53 -21.81 -22.28
CA THR B 71 23.00 -22.98 -21.53
C THR B 71 23.20 -24.24 -22.37
N ILE B 72 22.93 -24.16 -23.66
CA ILE B 72 23.08 -25.32 -24.55
C ILE B 72 24.61 -25.54 -24.82
N PRO B 73 25.10 -26.78 -24.65
CA PRO B 73 26.55 -27.03 -24.78
C PRO B 73 27.06 -26.77 -26.21
N GLU B 74 28.37 -26.53 -26.32
CA GLU B 74 28.97 -26.24 -27.63
C GLU B 74 28.83 -27.40 -28.63
N GLN B 75 28.68 -28.63 -28.13
CA GLN B 75 28.50 -29.79 -28.97
C GLN B 75 27.35 -29.59 -29.96
N TYR B 76 26.33 -28.84 -29.55
CA TYR B 76 25.14 -28.64 -30.40
C TYR B 76 24.98 -27.23 -30.93
N GLY B 77 26.05 -26.44 -30.89
CA GLY B 77 26.04 -25.11 -31.50
C GLY B 77 25.78 -24.02 -30.47
N GLY B 78 25.41 -24.41 -29.27
CA GLY B 78 25.25 -23.44 -28.19
C GLY B 78 26.56 -22.81 -27.72
N PRO B 79 26.47 -21.70 -26.98
CA PRO B 79 27.66 -21.06 -26.41
C PRO B 79 28.19 -21.70 -25.11
N GLY B 80 27.45 -22.67 -24.55
CA GLY B 80 27.90 -23.38 -23.36
C GLY B 80 28.14 -22.51 -22.12
N LEU B 81 27.22 -21.58 -21.87
CA LEU B 81 27.30 -20.67 -20.73
C LEU B 81 26.55 -21.18 -19.49
N ASP B 82 26.57 -20.42 -18.41
CA ASP B 82 25.90 -20.90 -17.20
C ASP B 82 24.58 -20.14 -16.94
N TYR B 83 23.88 -20.51 -15.87
CA TYR B 83 22.60 -19.87 -15.60
C TYR B 83 22.73 -18.39 -15.28
N VAL B 84 23.79 -18.02 -14.57
CA VAL B 84 24.00 -16.61 -14.27
C VAL B 84 24.14 -15.81 -15.57
N SER B 85 24.90 -16.33 -16.53
CA SER B 85 25.03 -15.71 -17.86
C SER B 85 23.68 -15.55 -18.56
N TYR B 86 22.87 -16.62 -18.57
CA TYR B 86 21.53 -16.53 -19.15
C TYR B 86 20.73 -15.36 -18.55
N GLY B 87 20.74 -15.26 -17.23
CA GLY B 87 20.01 -14.20 -16.52
C GLY B 87 20.49 -12.83 -16.96
N LEU B 88 21.82 -12.67 -17.01
CA LEU B 88 22.43 -11.42 -17.41
C LEU B 88 22.02 -11.02 -18.82
N ILE B 89 21.97 -11.98 -19.77
CA ILE B 89 21.50 -11.65 -21.14
C ILE B 89 20.05 -11.15 -21.10
N ALA B 90 19.19 -11.91 -20.40
CA ALA B 90 17.77 -11.55 -20.33
C ALA B 90 17.56 -10.12 -19.77
N ARG B 91 18.27 -9.82 -18.69
CA ARG B 91 18.22 -8.47 -18.10
C ARG B 91 18.58 -7.33 -19.06
N GLU B 92 19.66 -7.49 -19.84
CA GLU B 92 20.06 -6.46 -20.81
C GLU B 92 19.09 -6.29 -21.97
N VAL B 93 18.51 -7.40 -22.42
CA VAL B 93 17.57 -7.34 -23.55
C VAL B 93 16.25 -6.67 -23.09
N GLU B 94 15.78 -7.02 -21.90
CA GLU B 94 14.52 -6.46 -21.36
C GLU B 94 14.72 -5.01 -20.92
N ARG B 95 15.94 -4.65 -20.52
CA ARG B 95 16.28 -3.26 -20.31
C ARG B 95 15.84 -2.39 -21.50
N VAL B 96 15.89 -2.94 -22.71
CA VAL B 96 15.31 -2.23 -23.86
C VAL B 96 13.81 -2.52 -23.97
N ASP B 97 13.41 -3.80 -24.01
CA ASP B 97 11.98 -4.14 -24.21
C ASP B 97 11.69 -5.58 -23.88
N SER B 98 10.63 -5.77 -23.10
CA SER B 98 10.10 -7.12 -22.76
C SER B 98 9.70 -7.98 -23.98
N GLY B 99 9.25 -7.32 -25.04
CA GLY B 99 8.91 -8.00 -26.31
C GLY B 99 10.12 -8.70 -26.86
N TYR B 100 11.23 -7.98 -26.90
CA TYR B 100 12.48 -8.56 -27.35
C TYR B 100 12.97 -9.69 -26.45
N ARG B 101 12.91 -9.51 -25.14
CA ARG B 101 13.33 -10.58 -24.25
C ARG B 101 12.49 -11.84 -24.49
N SER B 102 11.19 -11.65 -24.67
CA SER B 102 10.24 -12.72 -24.93
C SER B 102 10.63 -13.58 -26.16
N MET B 103 11.05 -12.91 -27.23
CA MET B 103 11.48 -13.60 -28.45
C MET B 103 12.63 -14.54 -28.13
N MET B 104 13.60 -14.00 -27.41
CA MET B 104 14.76 -14.73 -26.97
C MET B 104 14.44 -15.85 -25.96
N SER B 105 13.54 -15.56 -25.02
CA SER B 105 13.11 -16.51 -24.00
C SER B 105 12.52 -17.75 -24.62
N VAL B 106 11.66 -17.51 -25.59
CA VAL B 106 11.04 -18.59 -26.35
C VAL B 106 12.13 -19.47 -27.05
N GLN B 107 13.03 -18.84 -27.77
CA GLN B 107 14.08 -19.59 -28.50
C GLN B 107 14.90 -20.45 -27.54
N SER B 108 15.32 -19.82 -26.43
CA SER B 108 16.20 -20.47 -25.49
C SER B 108 15.51 -21.48 -24.59
N SER B 109 14.58 -20.99 -23.76
CA SER B 109 13.96 -21.81 -22.70
C SER B 109 12.81 -22.69 -23.19
N LEU B 110 12.12 -22.26 -24.23
CA LEU B 110 10.91 -22.95 -24.63
C LEU B 110 11.08 -23.84 -25.86
N VAL B 111 12.22 -23.72 -26.53
CA VAL B 111 12.41 -24.49 -27.77
C VAL B 111 13.69 -25.33 -27.68
N MET B 112 14.81 -24.61 -27.51
CA MET B 112 16.12 -25.28 -27.45
C MET B 112 16.23 -26.19 -26.23
N VAL B 113 15.75 -25.72 -25.08
CA VAL B 113 15.80 -26.49 -23.84
C VAL B 113 15.08 -27.87 -23.91
N PRO B 114 13.77 -27.90 -24.30
CA PRO B 114 13.10 -29.20 -24.43
C PRO B 114 13.75 -30.12 -25.49
N ILE B 115 14.13 -29.57 -26.65
CA ILE B 115 14.87 -30.38 -27.64
C ILE B 115 16.18 -30.96 -27.03
N PHE B 116 16.94 -30.10 -26.34
CA PHE B 116 18.15 -30.56 -25.68
C PHE B 116 17.90 -31.61 -24.56
N GLU B 117 16.93 -31.34 -23.70
CA GLU B 117 16.67 -32.23 -22.54
C GLU B 117 15.98 -33.53 -22.91
N PHE B 118 15.10 -33.47 -23.90
CA PHE B 118 14.12 -34.54 -24.11
C PHE B 118 14.17 -35.18 -25.48
N GLY B 119 14.95 -34.60 -26.38
CA GLY B 119 15.04 -35.02 -27.79
C GLY B 119 15.95 -36.21 -28.02
N SER B 120 15.78 -36.87 -29.18
CA SER B 120 16.71 -37.93 -29.59
C SER B 120 18.04 -37.27 -29.93
N ASP B 121 19.12 -38.06 -30.05
CA ASP B 121 20.36 -37.59 -30.62
C ASP B 121 20.16 -36.91 -31.97
N ALA B 122 19.38 -37.52 -32.86
CA ALA B 122 19.14 -36.99 -34.20
C ALA B 122 18.35 -35.65 -34.23
N GLN B 123 17.31 -35.55 -33.39
CA GLN B 123 16.60 -34.26 -33.27
C GLN B 123 17.58 -33.18 -32.75
N LYS B 124 18.36 -33.51 -31.72
CA LYS B 124 19.34 -32.55 -31.19
C LYS B 124 20.32 -32.04 -32.27
N GLU B 125 20.85 -32.97 -33.07
CA GLU B 125 21.76 -32.63 -34.17
C GLU B 125 21.09 -31.84 -35.31
N LYS B 126 19.85 -32.19 -35.62
CA LYS B 126 19.12 -31.46 -36.66
C LYS B 126 18.70 -30.02 -36.27
N TYR B 127 18.08 -29.87 -35.10
CA TYR B 127 17.47 -28.57 -34.79
C TYR B 127 18.35 -27.59 -34.01
N LEU B 128 19.18 -28.09 -33.10
CA LEU B 128 19.91 -27.20 -32.15
C LEU B 128 20.90 -26.22 -32.77
N PRO B 129 21.79 -26.70 -33.69
CA PRO B 129 22.72 -25.74 -34.34
C PRO B 129 22.01 -24.61 -35.06
N LYS B 130 20.93 -24.92 -35.76
CA LYS B 130 20.25 -23.87 -36.50
C LYS B 130 19.47 -22.92 -35.60
N LEU B 131 18.95 -23.45 -34.49
CA LEU B 131 18.25 -22.59 -33.54
C LEU B 131 19.30 -21.70 -32.85
N ALA B 132 20.48 -22.27 -32.56
CA ALA B 132 21.54 -21.47 -31.89
C ALA B 132 21.95 -20.23 -32.69
N THR B 133 22.01 -20.37 -34.03
CA THR B 133 22.47 -19.26 -34.86
C THR B 133 21.31 -18.36 -35.23
N GLY B 134 20.10 -18.76 -34.87
CA GLY B 134 18.92 -18.00 -35.33
C GLY B 134 18.58 -18.23 -36.78
N GLU B 135 19.28 -19.15 -37.45
CA GLU B 135 18.93 -19.44 -38.83
C GLU B 135 17.47 -19.99 -38.86
N TRP B 136 17.12 -20.87 -37.93
CA TRP B 136 15.73 -21.26 -37.67
C TRP B 136 15.19 -20.61 -36.41
N ILE B 137 13.94 -20.17 -36.49
CA ILE B 137 13.21 -19.50 -35.40
C ILE B 137 12.23 -20.51 -34.82
N GLY B 138 12.24 -20.67 -33.50
CA GLY B 138 11.33 -21.59 -32.84
C GLY B 138 10.14 -20.93 -32.14
N CYS B 139 9.09 -21.72 -31.89
CA CYS B 139 7.98 -21.31 -31.01
C CYS B 139 7.44 -22.48 -30.18
N PHE B 140 6.65 -22.15 -29.15
CA PHE B 140 6.29 -23.11 -28.10
C PHE B 140 4.78 -23.11 -27.95
N GLY B 141 4.12 -24.24 -28.30
CA GLY B 141 2.66 -24.31 -28.28
C GLY B 141 2.22 -25.05 -27.03
N LEU B 142 1.92 -24.32 -25.98
CA LEU B 142 1.36 -24.91 -24.75
C LEU B 142 -0.04 -24.30 -24.45
N THR B 143 -0.09 -22.97 -24.38
CA THR B 143 -1.29 -22.18 -24.06
C THR B 143 -2.43 -22.40 -25.05
N GLU B 144 -3.59 -22.73 -24.49
CA GLU B 144 -4.83 -22.95 -25.25
C GLU B 144 -5.90 -21.89 -24.99
N PRO B 145 -6.85 -21.71 -25.93
CA PRO B 145 -7.89 -20.68 -25.73
C PRO B 145 -9.00 -21.10 -24.77
N MET B 154 -5.43 -29.55 -20.94
CA MET B 154 -5.34 -29.17 -22.36
C MET B 154 -6.10 -30.14 -23.26
N VAL B 155 -6.58 -29.64 -24.39
CA VAL B 155 -7.44 -30.42 -25.25
C VAL B 155 -6.84 -30.74 -26.61
N THR B 156 -5.67 -30.19 -26.92
CA THR B 156 -4.96 -30.51 -28.17
C THR B 156 -4.49 -31.97 -28.09
N ARG B 157 -4.80 -32.72 -29.15
CA ARG B 157 -4.65 -34.17 -29.07
C ARG B 157 -3.91 -34.73 -30.25
N ALA B 158 -3.04 -35.69 -29.91
CA ALA B 158 -2.26 -36.43 -30.86
C ALA B 158 -2.92 -37.79 -31.08
N ARG B 159 -3.15 -38.12 -32.34
CA ARG B 159 -3.74 -39.42 -32.67
C ARG B 159 -2.70 -40.25 -33.42
N LYS B 160 -2.52 -41.48 -32.98
CA LYS B 160 -1.58 -42.42 -33.63
C LYS B 160 -2.08 -42.78 -35.02
N VAL B 161 -1.28 -42.49 -36.04
CA VAL B 161 -1.59 -42.86 -37.42
C VAL B 161 -0.40 -43.64 -37.96
N PRO B 162 -0.51 -44.12 -39.22
CA PRO B 162 0.61 -44.68 -39.99
C PRO B 162 1.80 -43.73 -40.09
N GLY B 163 2.95 -44.18 -39.57
CA GLY B 163 4.19 -43.46 -39.73
C GLY B 163 4.38 -42.31 -38.75
N GLY B 164 3.40 -42.16 -37.85
CA GLY B 164 3.50 -41.19 -36.76
C GLY B 164 2.20 -40.78 -36.09
N TYR B 165 1.95 -39.47 -36.11
CA TYR B 165 0.89 -38.87 -35.31
C TYR B 165 0.11 -37.84 -36.11
N SER B 166 -1.14 -37.64 -35.70
CA SER B 166 -1.99 -36.64 -36.31
C SER B 166 -2.51 -35.75 -35.21
N LEU B 167 -2.21 -34.45 -35.31
CA LEU B 167 -2.53 -33.50 -34.27
C LEU B 167 -3.70 -32.60 -34.61
N SER B 168 -4.59 -32.45 -33.64
CA SER B 168 -5.72 -31.52 -33.76
C SER B 168 -5.91 -30.66 -32.52
N GLY B 169 -6.17 -29.37 -32.74
CA GLY B 169 -6.34 -28.40 -31.65
C GLY B 169 -5.80 -27.02 -31.99
N SER B 170 -5.77 -26.13 -30.98
CA SER B 170 -5.37 -24.73 -31.15
C SER B 170 -4.55 -24.28 -29.96
N LYS B 171 -3.54 -23.46 -30.24
CA LYS B 171 -2.68 -22.94 -29.19
C LYS B 171 -2.77 -21.44 -29.39
N MET B 172 -2.86 -20.68 -28.30
CA MET B 172 -3.12 -19.22 -28.37
C MET B 172 -2.01 -18.42 -27.69
N TRP B 173 -1.80 -17.18 -28.14
CA TRP B 173 -0.76 -16.27 -27.58
C TRP B 173 0.63 -16.90 -27.73
N ILE B 174 1.01 -17.25 -28.96
CA ILE B 174 2.27 -17.97 -29.16
C ILE B 174 3.27 -17.00 -29.79
N THR B 175 4.26 -16.61 -29.00
CA THR B 175 5.30 -15.68 -29.43
C THR B 175 6.12 -16.36 -30.52
N ASN B 176 6.40 -15.60 -31.58
CA ASN B 176 7.15 -16.03 -32.78
C ASN B 176 6.38 -16.86 -33.80
N SER B 177 5.17 -17.34 -33.49
CA SER B 177 4.59 -18.40 -34.35
C SER B 177 4.43 -18.03 -35.83
N PRO B 178 4.02 -16.79 -36.16
CA PRO B 178 3.86 -16.45 -37.56
C PRO B 178 5.16 -16.42 -38.37
N ILE B 179 6.32 -16.45 -37.70
CA ILE B 179 7.58 -16.48 -38.42
C ILE B 179 8.42 -17.72 -38.11
N ALA B 180 7.90 -18.61 -37.25
CA ALA B 180 8.63 -19.77 -36.76
C ALA B 180 8.90 -20.83 -37.86
N ASP B 181 10.11 -21.39 -37.84
CA ASP B 181 10.43 -22.57 -38.65
C ASP B 181 10.13 -23.85 -37.89
N VAL B 182 10.33 -23.79 -36.57
CA VAL B 182 10.23 -24.96 -35.70
C VAL B 182 9.16 -24.68 -34.62
N PHE B 183 8.27 -25.66 -34.42
CA PHE B 183 7.18 -25.60 -33.44
C PHE B 183 7.31 -26.74 -32.44
N VAL B 184 7.49 -26.42 -31.15
CA VAL B 184 7.45 -27.44 -30.11
C VAL B 184 6.08 -27.35 -29.47
N VAL B 185 5.26 -28.37 -29.73
CA VAL B 185 3.83 -28.38 -29.42
C VAL B 185 3.50 -29.51 -28.44
N TRP B 186 2.78 -29.17 -27.38
CA TRP B 186 2.41 -30.16 -26.38
C TRP B 186 0.93 -30.59 -26.58
N ALA B 187 0.73 -31.91 -26.58
CA ALA B 187 -0.59 -32.49 -26.84
C ALA B 187 -0.72 -33.80 -26.07
N LYS B 188 -1.95 -34.15 -25.71
CA LYS B 188 -2.24 -35.41 -25.05
C LYS B 188 -2.19 -36.53 -26.07
N LEU B 189 -1.54 -37.62 -25.69
CA LEU B 189 -1.45 -38.81 -26.53
C LEU B 189 -1.75 -40.04 -25.71
N ASP B 190 -2.65 -40.86 -26.23
CA ASP B 190 -3.05 -42.10 -25.58
C ASP B 190 -2.38 -43.29 -26.27
N ASP B 195 -2.71 -42.25 -21.24
CA ASP B 195 -3.01 -40.93 -21.81
C ASP B 195 -2.11 -39.84 -21.19
N GLU B 196 -1.07 -39.43 -21.91
CA GLU B 196 -0.04 -38.53 -21.38
C GLU B 196 0.24 -37.31 -22.30
N ILE B 197 0.58 -36.16 -21.69
CA ILE B 197 1.12 -35.01 -22.41
C ILE B 197 2.46 -35.40 -23.08
N ARG B 198 2.53 -35.25 -24.40
CA ARG B 198 3.80 -35.45 -25.08
C ARG B 198 4.16 -34.17 -25.83
N GLY B 199 5.47 -33.98 -26.06
CA GLY B 199 5.99 -32.93 -26.98
C GLY B 199 6.29 -33.43 -28.39
N PHE B 200 5.95 -32.60 -29.38
CA PHE B 200 6.10 -32.92 -30.80
C PHE B 200 6.80 -31.76 -31.51
N ILE B 201 7.67 -32.11 -32.47
CA ILE B 201 8.36 -31.11 -33.25
C ILE B 201 7.79 -31.01 -34.64
N LEU B 202 7.15 -29.90 -34.96
CA LEU B 202 6.62 -29.70 -36.31
C LEU B 202 7.40 -28.63 -37.01
N GLU B 203 7.40 -28.69 -38.34
CA GLU B 203 8.09 -27.70 -39.16
C GLU B 203 7.08 -26.89 -39.98
N LYS B 204 7.41 -25.63 -40.23
CA LYS B 204 6.61 -24.73 -41.07
C LYS B 204 6.36 -25.38 -42.44
N GLY B 205 5.18 -25.18 -43.01
CA GLY B 205 4.86 -25.83 -44.30
C GLY B 205 4.18 -27.18 -44.15
N CYS B 206 4.33 -27.79 -42.98
CA CYS B 206 3.60 -29.00 -42.63
C CYS B 206 2.12 -28.78 -42.99
N LYS B 207 1.52 -29.75 -43.67
CA LYS B 207 0.14 -29.59 -44.09
C LYS B 207 -0.77 -29.78 -42.86
N GLY B 208 -1.78 -28.92 -42.74
CA GLY B 208 -2.66 -28.96 -41.56
C GLY B 208 -2.18 -28.01 -40.46
N LEU B 209 -0.99 -27.44 -40.65
CA LEU B 209 -0.40 -26.48 -39.68
C LEU B 209 -0.55 -25.05 -40.16
N SER B 210 -1.14 -24.18 -39.34
CA SER B 210 -1.10 -22.75 -39.66
C SER B 210 -0.79 -21.90 -38.42
N ALA B 211 -0.31 -20.68 -38.64
CA ALA B 211 0.06 -19.79 -37.53
C ALA B 211 -0.28 -18.33 -37.85
N PRO B 212 -1.58 -17.98 -37.82
CA PRO B 212 -1.93 -16.58 -38.15
C PRO B 212 -1.51 -15.64 -37.00
N ALA B 213 -1.19 -14.41 -37.35
CA ALA B 213 -0.74 -13.39 -36.40
C ALA B 213 -1.88 -12.77 -35.54
N ILE B 214 -1.52 -12.26 -34.37
CA ILE B 214 -2.46 -11.52 -33.53
C ILE B 214 -1.98 -10.08 -33.55
N HIS B 215 -2.83 -9.16 -34.02
CA HIS B 215 -2.50 -7.75 -34.05
C HIS B 215 -3.46 -6.98 -33.11
N GLY B 216 -3.15 -5.71 -32.85
CA GLY B 216 -3.94 -4.90 -31.92
C GLY B 216 -3.67 -5.21 -30.45
N LYS B 217 -2.48 -5.71 -30.13
CA LYS B 217 -2.15 -5.98 -28.72
C LYS B 217 -1.96 -4.65 -27.95
N VAL B 218 -2.10 -4.70 -26.63
CA VAL B 218 -1.82 -3.51 -25.82
C VAL B 218 -0.38 -3.49 -25.34
N GLY B 219 0.10 -4.58 -24.77
CA GLY B 219 1.50 -4.65 -24.45
C GLY B 219 2.24 -5.60 -25.38
N LEU B 220 3.58 -5.63 -25.26
CA LEU B 220 4.45 -6.56 -26.02
C LEU B 220 4.28 -6.40 -27.55
N ARG B 221 3.95 -5.19 -27.98
CA ARG B 221 3.71 -4.92 -29.40
C ARG B 221 4.93 -5.10 -30.30
N ALA B 222 6.12 -4.99 -29.73
CA ALA B 222 7.39 -5.20 -30.47
C ALA B 222 7.69 -6.68 -30.74
N SER B 223 6.88 -7.58 -30.20
CA SER B 223 7.06 -9.02 -30.36
C SER B 223 5.95 -9.50 -31.30
N ILE B 224 6.27 -10.22 -32.37
CA ILE B 224 5.18 -10.82 -33.15
C ILE B 224 4.64 -12.08 -32.44
N THR B 225 3.32 -12.14 -32.32
CA THR B 225 2.66 -13.25 -31.63
C THR B 225 1.58 -13.80 -32.53
N GLY B 226 1.28 -15.09 -32.41
CA GLY B 226 0.10 -15.59 -33.08
C GLY B 226 -0.46 -16.83 -32.43
N GLU B 227 -1.19 -17.58 -33.24
CA GLU B 227 -1.72 -18.89 -32.83
C GLU B 227 -0.94 -20.01 -33.51
N ILE B 228 -1.25 -21.24 -33.11
CA ILE B 228 -0.88 -22.43 -33.85
C ILE B 228 -2.23 -23.14 -34.03
N VAL B 229 -2.65 -23.33 -35.27
CA VAL B 229 -3.91 -24.01 -35.55
C VAL B 229 -3.54 -25.32 -36.24
N LEU B 230 -3.93 -26.42 -35.61
CA LEU B 230 -3.62 -27.76 -36.07
C LEU B 230 -4.92 -28.47 -36.47
N ASP B 231 -5.03 -28.80 -37.75
CA ASP B 231 -6.14 -29.61 -38.24
C ASP B 231 -5.58 -30.88 -38.92
N GLU B 232 -5.55 -31.97 -38.15
CA GLU B 232 -4.98 -33.24 -38.57
C GLU B 232 -3.56 -33.03 -39.08
N ALA B 233 -2.75 -32.33 -38.29
CA ALA B 233 -1.37 -32.02 -38.70
C ALA B 233 -0.54 -33.28 -38.51
N PHE B 234 0.14 -33.71 -39.57
CA PHE B 234 0.92 -34.95 -39.51
C PHE B 234 2.32 -34.74 -38.98
N VAL B 235 2.67 -35.51 -37.95
CA VAL B 235 4.00 -35.51 -37.36
C VAL B 235 4.61 -36.91 -37.51
N PRO B 236 5.72 -37.01 -38.25
CA PRO B 236 6.46 -38.27 -38.38
C PRO B 236 6.85 -38.78 -37.02
N GLU B 237 6.92 -40.11 -36.89
CA GLU B 237 7.31 -40.77 -35.64
C GLU B 237 8.64 -40.25 -35.08
N GLU B 238 9.59 -39.98 -35.97
CA GLU B 238 10.91 -39.48 -35.56
C GLU B 238 10.87 -38.05 -34.96
N ASN B 239 9.69 -37.43 -34.97
CA ASN B 239 9.52 -36.08 -34.45
C ASN B 239 8.85 -35.93 -33.08
N ILE B 240 8.39 -37.03 -32.48
CA ILE B 240 7.90 -36.95 -31.10
C ILE B 240 9.09 -36.92 -30.16
N LEU B 241 9.01 -36.14 -29.08
CA LEU B 241 10.11 -36.15 -28.09
C LEU B 241 10.10 -37.47 -27.32
N PRO B 242 11.21 -38.21 -27.38
CA PRO B 242 11.16 -39.53 -26.76
C PRO B 242 11.32 -39.55 -25.24
N HIS B 243 11.93 -38.53 -24.64
CA HIS B 243 12.41 -38.72 -23.27
C HIS B 243 11.66 -37.94 -22.20
N VAL B 244 10.44 -37.53 -22.54
CA VAL B 244 9.52 -37.00 -21.53
C VAL B 244 8.05 -37.33 -21.80
N LYS B 245 7.35 -37.58 -20.70
CA LYS B 245 5.89 -37.61 -20.65
C LYS B 245 5.38 -36.93 -19.41
N GLY B 246 4.18 -36.38 -19.53
CA GLY B 246 3.46 -35.80 -18.42
C GLY B 246 3.79 -34.33 -18.23
N LEU B 247 3.47 -33.87 -17.03
CA LEU B 247 3.65 -32.50 -16.61
C LEU B 247 5.12 -32.05 -16.66
N ARG B 248 6.04 -33.00 -16.52
CA ARG B 248 7.47 -32.70 -16.45
C ARG B 248 7.99 -31.93 -17.67
N GLY B 249 7.49 -32.27 -18.86
CA GLY B 249 7.94 -31.65 -20.11
C GLY B 249 7.72 -30.14 -20.12
N PRO B 250 6.45 -29.71 -20.20
CA PRO B 250 6.08 -28.28 -20.13
C PRO B 250 6.71 -27.61 -18.90
N PHE B 251 6.62 -28.26 -17.73
CA PHE B 251 7.17 -27.69 -16.50
C PHE B 251 8.63 -27.33 -16.59
N THR B 252 9.47 -28.24 -17.08
CA THR B 252 10.91 -27.96 -17.21
C THR B 252 11.12 -26.70 -18.03
N CYS B 253 10.34 -26.56 -19.11
CA CYS B 253 10.47 -25.40 -19.99
C CYS B 253 10.07 -24.10 -19.27
N LEU B 254 8.90 -24.09 -18.63
CA LEU B 254 8.42 -22.89 -17.93
C LEU B 254 9.36 -22.49 -16.80
N ASN B 255 9.94 -23.48 -16.13
CA ASN B 255 10.83 -23.23 -15.02
C ASN B 255 12.10 -22.52 -15.45
N SER B 256 12.67 -22.91 -16.61
CA SER B 256 13.80 -22.19 -17.17
C SER B 256 13.43 -20.76 -17.66
N ALA B 257 12.30 -20.62 -18.33
CA ALA B 257 11.83 -19.30 -18.80
C ALA B 257 11.52 -18.34 -17.64
N ARG B 258 10.91 -18.87 -16.59
CA ARG B 258 10.59 -18.07 -15.39
C ARG B 258 11.85 -17.50 -14.78
N TYR B 259 12.90 -18.32 -14.73
CA TYR B 259 14.21 -17.85 -14.27
C TYR B 259 14.71 -16.68 -15.13
N GLY B 260 14.64 -16.85 -16.45
CA GLY B 260 15.01 -15.78 -17.37
C GLY B 260 14.21 -14.52 -17.16
N ILE B 261 12.90 -14.65 -16.95
CA ILE B 261 12.01 -13.50 -16.79
C ILE B 261 12.27 -12.79 -15.45
N ALA B 262 12.70 -13.54 -14.44
CA ALA B 262 13.01 -12.94 -13.14
C ALA B 262 14.18 -11.98 -13.23
N TRP B 263 15.17 -12.27 -14.09
CA TRP B 263 16.23 -11.30 -14.35
C TRP B 263 15.74 -10.22 -15.30
N GLY B 264 15.01 -10.62 -16.34
CA GLY B 264 14.56 -9.66 -17.34
C GLY B 264 13.73 -8.52 -16.75
N ALA B 265 12.77 -8.88 -15.89
CA ALA B 265 11.85 -7.89 -15.33
C ALA B 265 12.64 -6.82 -14.57
N LEU B 266 13.76 -7.20 -13.94
CA LEU B 266 14.58 -6.24 -13.22
C LEU B 266 15.30 -5.28 -14.18
N GLY B 267 15.66 -5.73 -15.36
CA GLY B 267 16.24 -4.85 -16.37
C GLY B 267 15.25 -3.76 -16.77
N ALA B 268 13.98 -4.13 -16.98
CA ALA B 268 13.00 -3.10 -17.35
C ALA B 268 12.74 -2.18 -16.17
N ALA B 269 12.70 -2.74 -14.95
CA ALA B 269 12.56 -1.90 -13.79
C ALA B 269 13.70 -0.88 -13.68
N GLU B 270 14.94 -1.32 -13.95
CA GLU B 270 16.09 -0.43 -13.95
C GLU B 270 15.95 0.70 -14.95
N SER B 271 15.49 0.37 -16.16
CA SER B 271 15.30 1.42 -17.15
C SER B 271 14.32 2.43 -16.65
N CYS B 272 13.20 1.98 -16.10
CA CYS B 272 12.19 2.90 -15.56
C CYS B 272 12.76 3.83 -14.48
N TRP B 273 13.52 3.23 -13.56
CA TRP B 273 14.20 3.97 -12.47
C TRP B 273 15.16 5.01 -13.01
N HIS B 274 16.05 4.58 -13.93
CA HIS B 274 16.99 5.54 -14.55
C HIS B 274 16.29 6.65 -15.29
N ILE B 275 15.23 6.34 -16.04
CA ILE B 275 14.49 7.39 -16.78
C ILE B 275 13.84 8.38 -15.81
N ALA B 276 13.20 7.87 -14.78
CA ALA B 276 12.55 8.70 -13.79
C ALA B 276 13.55 9.61 -13.07
N ARG B 277 14.69 9.04 -12.68
CA ARG B 277 15.77 9.82 -12.03
C ARG B 277 16.27 10.96 -12.92
N GLN B 278 16.58 10.65 -14.18
CA GLN B 278 17.09 11.67 -15.08
C GLN B 278 16.04 12.74 -15.36
N TYR B 279 14.77 12.33 -15.47
CA TYR B 279 13.68 13.28 -15.68
C TYR B 279 13.59 14.27 -14.52
N VAL B 280 13.69 13.78 -13.28
CA VAL B 280 13.58 14.67 -12.13
C VAL B 280 14.81 15.57 -11.96
N LEU B 281 15.96 15.09 -12.40
CA LEU B 281 17.17 15.90 -12.47
C LEU B 281 17.04 17.03 -13.49
N ASP B 282 16.40 16.74 -14.62
CA ASP B 282 16.31 17.73 -15.72
C ASP B 282 15.19 18.73 -15.58
N ARG B 283 14.13 18.39 -14.86
CA ARG B 283 12.95 19.25 -14.81
C ARG B 283 12.92 20.06 -13.52
N LYS B 284 12.30 21.24 -13.59
CA LYS B 284 12.29 22.20 -12.50
C LYS B 284 10.86 22.52 -12.09
N GLN B 285 10.68 22.83 -10.80
CA GLN B 285 9.39 23.26 -10.28
C GLN B 285 9.70 24.24 -9.17
N PHE B 286 9.05 25.40 -9.27
CA PHE B 286 9.22 26.54 -8.35
C PHE B 286 10.69 26.92 -8.16
N GLY B 287 11.42 27.06 -9.27
CA GLY B 287 12.83 27.44 -9.26
C GLY B 287 13.72 26.51 -8.42
N ARG B 288 13.50 25.21 -8.58
CA ARG B 288 14.28 24.15 -7.93
C ARG B 288 14.10 22.89 -8.79
N PRO B 289 15.10 21.99 -8.81
CA PRO B 289 14.85 20.79 -9.61
C PRO B 289 13.80 19.89 -8.91
N LEU B 290 13.12 19.04 -9.69
CA LEU B 290 12.14 18.12 -9.09
C LEU B 290 12.79 17.25 -8.02
N ALA B 291 14.03 16.83 -8.30
CA ALA B 291 14.83 16.00 -7.40
C ALA B 291 15.00 16.59 -5.99
N ALA B 292 14.70 17.87 -5.85
CA ALA B 292 14.71 18.53 -4.56
C ALA B 292 13.54 18.15 -3.60
N ASN B 293 12.46 17.57 -4.13
CA ASN B 293 11.27 17.20 -3.36
C ASN B 293 11.44 15.90 -2.57
N GLN B 294 11.16 15.94 -1.27
CA GLN B 294 11.28 14.73 -0.43
C GLN B 294 10.44 13.54 -0.92
N LEU B 295 9.25 13.84 -1.41
CA LEU B 295 8.36 12.84 -1.95
C LEU B 295 8.99 12.13 -3.14
N ILE B 296 9.66 12.89 -4.00
CA ILE B 296 10.35 12.33 -5.16
C ILE B 296 11.53 11.48 -4.71
N GLN B 297 12.30 12.00 -3.77
CA GLN B 297 13.42 11.27 -3.20
C GLN B 297 13.06 9.94 -2.56
N LYS B 298 11.97 9.93 -1.82
CA LYS B 298 11.53 8.66 -1.26
C LYS B 298 11.21 7.58 -2.35
N LYS B 299 10.54 7.98 -3.42
CA LYS B 299 10.22 7.00 -4.48
C LYS B 299 11.51 6.45 -5.11
N LEU B 300 12.47 7.34 -5.40
CA LEU B 300 13.79 6.95 -5.90
C LEU B 300 14.45 5.95 -4.96
N ALA B 301 14.35 6.22 -3.67
CA ALA B 301 14.95 5.33 -2.67
C ALA B 301 14.31 3.94 -2.76
N ASP B 302 12.98 3.88 -2.87
CA ASP B 302 12.22 2.62 -2.96
C ASP B 302 12.60 1.85 -4.23
N MET B 303 12.76 2.55 -5.36
CA MET B 303 13.10 1.87 -6.60
C MET B 303 14.48 1.21 -6.44
N GLN B 304 15.43 2.01 -5.98
CA GLN B 304 16.80 1.58 -5.77
C GLN B 304 16.85 0.38 -4.82
N THR B 305 16.15 0.47 -3.70
CA THR B 305 16.15 -0.67 -2.74
C THR B 305 15.62 -1.96 -3.36
N GLU B 306 14.45 -1.88 -4.02
CA GLU B 306 13.82 -3.12 -4.50
C GLU B 306 14.61 -3.79 -5.64
N ILE B 307 15.20 -2.97 -6.50
CA ILE B 307 16.04 -3.48 -7.57
C ILE B 307 17.32 -4.15 -7.02
N THR B 308 17.97 -3.49 -6.07
CA THR B 308 19.20 -3.96 -5.46
C THR B 308 18.99 -5.33 -4.81
N LEU B 309 17.92 -5.46 -4.04
CA LEU B 309 17.64 -6.70 -3.31
C LEU B 309 17.18 -7.78 -4.27
N GLY B 310 16.34 -7.37 -5.22
CA GLY B 310 15.86 -8.27 -6.28
C GLY B 310 17.05 -8.88 -7.02
N LEU B 311 18.03 -8.06 -7.37
CA LEU B 311 19.23 -8.54 -8.11
C LEU B 311 20.06 -9.55 -7.28
N GLN B 312 20.22 -9.29 -5.98
CA GLN B 312 20.92 -10.24 -5.12
C GLN B 312 20.19 -11.57 -5.11
N GLY B 313 18.87 -11.51 -5.25
CA GLY B 313 18.08 -12.71 -5.20
C GLY B 313 18.27 -13.56 -6.43
N VAL B 314 18.15 -12.95 -7.60
CA VAL B 314 18.32 -13.73 -8.85
C VAL B 314 19.76 -14.20 -9.08
N LEU B 315 20.73 -13.41 -8.64
CA LEU B 315 22.12 -13.86 -8.68
C LEU B 315 22.34 -15.12 -7.82
N ARG B 316 21.86 -15.07 -6.58
CA ARG B 316 21.97 -16.27 -5.70
C ARG B 316 21.26 -17.50 -6.30
N LEU B 317 20.06 -17.30 -6.83
CA LEU B 317 19.36 -18.41 -7.48
C LEU B 317 20.20 -18.97 -8.66
N GLY B 318 20.70 -18.11 -9.52
CA GLY B 318 21.53 -18.63 -10.62
C GLY B 318 22.74 -19.45 -10.14
N ARG B 319 23.40 -18.96 -9.09
CA ARG B 319 24.57 -19.62 -8.53
C ARG B 319 24.18 -21.02 -8.03
N MET B 320 23.04 -21.11 -7.37
CA MET B 320 22.53 -22.38 -6.90
C MET B 320 22.13 -23.30 -8.07
N LYS B 321 21.49 -22.76 -9.11
CA LYS B 321 21.13 -23.58 -10.28
C LYS B 321 22.41 -24.17 -10.90
N ASP B 322 23.44 -23.36 -10.99
CA ASP B 322 24.72 -23.78 -11.54
C ASP B 322 25.34 -24.87 -10.66
N GLU B 323 25.29 -24.68 -9.33
CA GLU B 323 25.78 -25.69 -8.38
C GLU B 323 24.89 -26.90 -8.29
N GLY B 324 23.65 -26.79 -8.76
CA GLY B 324 22.67 -27.87 -8.57
C GLY B 324 22.11 -27.95 -7.15
N THR B 325 22.17 -26.84 -6.40
CA THR B 325 21.60 -26.87 -5.07
C THR B 325 20.19 -26.24 -5.03
N ALA B 326 19.64 -25.88 -6.20
CA ALA B 326 18.41 -25.10 -6.23
C ALA B 326 17.18 -25.94 -6.51
N ALA B 327 16.25 -25.98 -5.56
CA ALA B 327 14.92 -26.58 -5.82
C ALA B 327 14.06 -25.61 -6.64
N VAL B 328 13.14 -26.20 -7.40
CA VAL B 328 12.21 -25.48 -8.26
C VAL B 328 11.37 -24.39 -7.56
N GLU B 329 11.06 -24.57 -6.27
CA GLU B 329 10.26 -23.57 -5.54
C GLU B 329 10.95 -22.21 -5.40
N ILE B 330 12.29 -22.22 -5.38
CA ILE B 330 13.04 -20.95 -5.35
C ILE B 330 12.77 -20.08 -6.57
N THR B 331 12.61 -20.70 -7.75
CA THR B 331 12.24 -19.94 -8.95
C THR B 331 10.91 -19.19 -8.77
N SER B 332 9.94 -19.80 -8.10
CA SER B 332 8.68 -19.10 -7.77
C SER B 332 8.89 -17.84 -6.95
N ILE B 333 9.74 -17.90 -5.93
CA ILE B 333 10.05 -16.72 -5.12
C ILE B 333 10.53 -15.59 -6.04
N MET B 334 11.55 -15.90 -6.87
CA MET B 334 12.18 -14.81 -7.65
C MET B 334 11.28 -14.32 -8.80
N LYS B 335 10.59 -15.22 -9.46
CA LYS B 335 9.69 -14.84 -10.53
C LYS B 335 8.58 -13.91 -10.04
N ARG B 336 7.98 -14.26 -8.92
CA ARG B 336 6.89 -13.51 -8.35
C ARG B 336 7.39 -12.14 -7.88
N ASN B 337 8.56 -12.15 -7.25
CA ASN B 337 9.08 -10.89 -6.74
C ASN B 337 9.52 -9.99 -7.88
N SER B 338 10.32 -10.49 -8.81
CA SER B 338 10.76 -9.61 -9.90
C SER B 338 9.61 -9.01 -10.67
N CYS B 339 8.66 -9.84 -11.09
CA CYS B 339 7.52 -9.30 -11.86
C CYS B 339 6.69 -8.30 -11.10
N GLY B 340 6.37 -8.63 -9.84
CA GLY B 340 5.60 -7.71 -8.97
C GLY B 340 6.27 -6.40 -8.70
N LYS B 341 7.57 -6.44 -8.33
CA LYS B 341 8.27 -5.21 -7.97
C LYS B 341 8.55 -4.38 -9.20
N ALA B 342 8.80 -5.05 -10.34
CA ALA B 342 9.03 -4.30 -11.59
C ALA B 342 7.79 -3.53 -12.00
N LEU B 343 6.63 -4.18 -11.93
CA LEU B 343 5.38 -3.48 -12.21
C LEU B 343 5.17 -2.28 -11.27
N ASP B 344 5.35 -2.50 -9.97
CA ASP B 344 5.24 -1.40 -8.98
C ASP B 344 6.17 -0.22 -9.34
N ILE B 345 7.42 -0.53 -9.70
CA ILE B 345 8.39 0.50 -10.10
C ILE B 345 8.01 1.26 -11.40
N ALA B 346 7.56 0.51 -12.42
CA ALA B 346 7.10 1.11 -13.66
C ALA B 346 5.99 2.12 -13.36
N ARG B 347 5.12 1.75 -12.43
CA ARG B 347 4.01 2.58 -12.03
C ARG B 347 4.45 3.82 -11.27
N LEU B 348 5.36 3.63 -10.30
CA LEU B 348 5.96 4.78 -9.55
C LEU B 348 6.63 5.74 -10.50
N ALA B 349 7.42 5.20 -11.44
CA ALA B 349 8.04 6.00 -12.46
C ALA B 349 7.04 6.73 -13.37
N ARG B 350 6.04 6.01 -13.89
CA ARG B 350 5.02 6.67 -14.73
C ARG B 350 4.38 7.86 -14.00
N ASP B 351 4.09 7.67 -12.72
CA ASP B 351 3.38 8.69 -11.98
C ASP B 351 4.27 9.90 -11.64
N MET B 352 5.56 9.77 -11.88
CA MET B 352 6.48 10.91 -11.68
C MET B 352 6.64 11.77 -12.94
N LEU B 353 6.11 11.33 -14.09
CA LEU B 353 6.36 12.04 -15.35
C LEU B 353 5.20 12.93 -15.73
N GLY B 354 5.49 14.11 -16.29
CA GLY B 354 4.44 15.10 -16.61
C GLY B 354 4.02 15.13 -18.08
N PHE B 362 8.43 8.56 -21.64
CA PHE B 362 7.31 7.77 -22.23
C PHE B 362 7.81 6.45 -22.83
N GLY B 363 9.14 6.25 -22.86
CA GLY B 363 9.70 4.90 -22.84
C GLY B 363 9.20 4.21 -21.56
N VAL B 364 9.00 4.97 -20.49
CA VAL B 364 8.38 4.37 -19.29
C VAL B 364 6.97 3.83 -19.60
N ALA B 365 6.16 4.52 -20.40
CA ALA B 365 4.78 4.03 -20.64
C ALA B 365 4.79 2.69 -21.40
N ARG B 366 5.81 2.49 -22.21
CA ARG B 366 5.99 1.27 -22.98
C ARG B 366 6.41 0.11 -22.06
N HIS B 367 7.42 0.34 -21.22
CA HIS B 367 7.79 -0.68 -20.22
C HIS B 367 6.57 -1.04 -19.36
N LEU B 368 5.76 -0.03 -19.05
CA LEU B 368 4.60 -0.23 -18.19
C LEU B 368 3.55 -1.19 -18.81
N VAL B 369 3.11 -0.90 -20.04
CA VAL B 369 2.11 -1.81 -20.63
C VAL B 369 2.69 -3.18 -20.91
N ASN B 370 3.98 -3.25 -21.21
CA ASN B 370 4.68 -4.54 -21.32
C ASN B 370 4.60 -5.31 -20.00
N LEU B 371 4.97 -4.67 -18.90
CA LEU B 371 4.99 -5.41 -17.63
C LEU B 371 3.62 -5.78 -17.16
N GLU B 372 2.59 -5.04 -17.59
CA GLU B 372 1.21 -5.34 -17.20
C GLU B 372 0.78 -6.66 -17.82
N VAL B 373 1.27 -6.95 -19.05
CA VAL B 373 1.08 -8.28 -19.66
C VAL B 373 2.00 -9.35 -19.05
N VAL B 374 3.27 -9.02 -18.87
CA VAL B 374 4.22 -9.94 -18.28
C VAL B 374 3.68 -10.45 -16.93
N ASN B 375 3.14 -9.55 -16.12
CA ASN B 375 2.59 -9.97 -14.85
C ASN B 375 1.40 -10.91 -14.90
N THR B 376 0.74 -11.04 -16.04
CA THR B 376 -0.37 -12.00 -16.14
C THR B 376 -0.01 -13.26 -16.94
N TYR B 377 1.28 -13.49 -17.22
CA TYR B 377 1.68 -14.60 -18.10
C TYR B 377 1.15 -15.93 -17.58
N GLU B 378 1.10 -16.05 -16.28
CA GLU B 378 0.79 -17.34 -15.67
C GLU B 378 -0.64 -17.33 -15.18
N GLY B 379 -1.42 -16.37 -15.66
CA GLY B 379 -2.80 -16.21 -15.22
C GLY B 379 -2.88 -15.12 -14.17
N THR B 380 -4.09 -14.91 -13.65
CA THR B 380 -4.31 -13.85 -12.68
C THR B 380 -4.50 -14.40 -11.26
N HIS B 381 -4.10 -15.64 -10.97
CA HIS B 381 -4.40 -16.19 -9.65
C HIS B 381 -3.20 -16.43 -8.72
N ASP B 382 -2.15 -15.66 -8.92
CA ASP B 382 -0.94 -15.77 -8.10
C ASP B 382 -0.52 -17.23 -7.86
N ILE B 383 -0.27 -17.94 -8.95
CA ILE B 383 0.17 -19.33 -8.91
C ILE B 383 1.42 -19.50 -8.03
N HIS B 384 2.35 -18.55 -8.07
CA HIS B 384 3.58 -18.73 -7.28
C HIS B 384 3.44 -18.58 -5.78
N ALA B 385 2.57 -17.65 -5.34
CA ALA B 385 2.17 -17.62 -3.91
C ALA B 385 1.66 -18.98 -3.40
N LEU B 386 0.88 -19.69 -4.23
CA LEU B 386 0.34 -21.01 -3.83
C LEU B 386 1.40 -22.14 -3.83
N ILE B 387 2.23 -22.19 -4.86
CA ILE B 387 3.41 -23.07 -4.83
C ILE B 387 4.17 -22.84 -3.50
N LEU B 388 4.37 -21.59 -3.14
CA LEU B 388 5.14 -21.24 -1.96
C LEU B 388 4.38 -21.55 -0.65
N GLY B 389 3.08 -21.27 -0.60
CA GLY B 389 2.32 -21.52 0.63
C GLY B 389 2.29 -23.00 0.90
N ARG B 390 2.07 -23.77 -0.17
CA ARG B 390 2.03 -25.23 -0.09
C ARG B 390 3.34 -25.81 0.38
N ALA B 391 4.45 -25.28 -0.14
CA ALA B 391 5.75 -25.75 0.27
C ALA B 391 6.08 -25.44 1.74
N GLN B 392 5.58 -24.32 2.27
CA GLN B 392 5.75 -23.98 3.70
C GLN B 392 4.88 -24.83 4.61
N THR B 393 3.67 -25.15 4.13
CA THR B 393 2.67 -25.74 5.01
C THR B 393 2.37 -27.22 4.78
N GLY B 394 2.72 -27.72 3.60
CA GLY B 394 2.29 -29.04 3.16
C GLY B 394 0.82 -29.12 2.77
N ILE B 395 0.13 -27.98 2.69
CA ILE B 395 -1.32 -27.98 2.40
C ILE B 395 -1.70 -27.27 1.08
N GLN B 396 -2.37 -27.99 0.19
CA GLN B 396 -2.79 -27.44 -1.10
C GLN B 396 -3.87 -26.38 -0.87
N ALA B 397 -3.74 -25.22 -1.51
CA ALA B 397 -4.74 -24.15 -1.38
C ALA B 397 -6.08 -24.57 -1.99
N PHE B 398 -7.15 -24.23 -1.28
CA PHE B 398 -8.52 -24.50 -1.70
C PHE B 398 -9.06 -23.28 -2.42
N ALA C 8 -15.61 32.19 1.52
CA ALA C 8 -15.75 31.03 2.45
C ALA C 8 -14.39 30.74 3.06
N THR C 9 -14.35 30.40 4.34
CA THR C 9 -13.07 30.02 4.95
C THR C 9 -12.97 28.49 5.09
N PHE C 10 -11.76 27.99 5.02
CA PHE C 10 -11.52 26.57 5.14
C PHE C 10 -11.43 26.16 6.60
N HIS C 11 -12.10 25.08 6.97
CA HIS C 11 -11.91 24.46 8.28
C HIS C 11 -11.13 23.16 8.08
N TRP C 12 -9.82 23.15 8.36
CA TRP C 12 -9.03 21.93 8.16
C TRP C 12 -9.57 20.75 8.97
N ASP C 13 -10.18 21.04 10.13
CA ASP C 13 -10.65 20.01 11.07
C ASP C 13 -12.02 19.51 10.69
N ASP C 14 -12.69 20.20 9.76
CA ASP C 14 -14.03 19.80 9.31
C ASP C 14 -14.23 20.28 7.87
N PRO C 15 -13.48 19.73 6.88
CA PRO C 15 -13.51 20.35 5.54
C PRO C 15 -14.91 20.50 4.91
N LEU C 16 -15.76 19.50 5.09
CA LEU C 16 -17.11 19.51 4.51
C LEU C 16 -18.16 20.12 5.43
N LEU C 17 -17.70 20.74 6.52
CA LEU C 17 -18.61 21.32 7.51
C LEU C 17 -19.75 20.37 7.90
N LEU C 18 -19.37 19.20 8.37
CA LEU C 18 -20.31 18.26 8.93
C LEU C 18 -21.16 18.94 10.00
N ASP C 19 -20.56 19.90 10.70
CA ASP C 19 -21.23 20.65 11.78
C ASP C 19 -22.48 21.30 11.23
N GLN C 20 -22.36 21.89 10.04
CA GLN C 20 -23.47 22.53 9.34
C GLN C 20 -24.47 21.54 8.70
N GLN C 21 -24.11 20.26 8.59
CA GLN C 21 -25.05 19.27 8.06
C GLN C 21 -25.91 18.63 9.16
N LEU C 22 -25.55 18.87 10.41
CA LEU C 22 -26.30 18.37 11.55
C LEU C 22 -27.34 19.41 11.97
N ALA C 23 -28.51 18.94 12.38
CA ALA C 23 -29.52 19.80 13.03
C ALA C 23 -29.02 20.15 14.43
N ASP C 24 -29.32 21.36 14.91
CA ASP C 24 -28.91 21.86 16.23
C ASP C 24 -29.02 20.91 17.45
N ASP C 25 -30.13 20.18 17.55
CA ASP C 25 -30.30 19.16 18.61
C ASP C 25 -29.24 18.03 18.52
N GLU C 26 -28.94 17.63 17.28
CA GLU C 26 -27.90 16.64 17.02
C GLU C 26 -26.57 17.21 17.45
N ARG C 27 -26.32 18.50 17.20
CA ARG C 27 -25.07 19.13 17.64
C ARG C 27 -24.96 19.15 19.17
N MET C 28 -26.09 19.41 19.82
CA MET C 28 -26.13 19.47 21.29
C MET C 28 -25.89 18.09 21.90
N VAL C 29 -26.50 17.07 21.30
CA VAL C 29 -26.20 15.67 21.72
C VAL C 29 -24.70 15.37 21.56
N ARG C 30 -24.13 15.74 20.41
CA ARG C 30 -22.70 15.53 20.20
C ARG C 30 -21.89 16.24 21.29
N ASP C 31 -22.23 17.50 21.53
CA ASP C 31 -21.48 18.28 22.51
C ASP C 31 -21.64 17.78 23.93
N ALA C 32 -22.82 17.25 24.25
CA ALA C 32 -23.06 16.64 25.58
C ALA C 32 -22.21 15.40 25.71
N ALA C 33 -22.20 14.55 24.68
CA ALA C 33 -21.33 13.36 24.67
C ALA C 33 -19.84 13.73 24.79
N HIS C 34 -19.43 14.75 24.05
CA HIS C 34 -18.05 15.26 24.08
C HIS C 34 -17.67 15.73 25.50
N ALA C 35 -18.53 16.54 26.13
CA ALA C 35 -18.26 17.05 27.48
C ALA C 35 -18.15 15.90 28.46
N TYR C 36 -19.04 14.90 28.33
CA TYR C 36 -18.96 13.74 29.18
C TYR C 36 -17.65 12.97 29.00
N ALA C 37 -17.34 12.60 27.75
CA ALA C 37 -16.15 11.75 27.51
C ALA C 37 -14.86 12.46 27.90
N GLN C 38 -14.74 13.72 27.47
CA GLN C 38 -13.52 14.51 27.78
C GLN C 38 -13.43 14.80 29.28
N GLY C 39 -14.56 15.13 29.90
CA GLY C 39 -14.60 15.41 31.36
C GLY C 39 -14.40 14.22 32.29
N LYS C 40 -15.05 13.09 31.99
CA LYS C 40 -15.03 11.93 32.89
C LYS C 40 -14.18 10.73 32.42
N LEU C 41 -14.20 10.44 31.11
CA LEU C 41 -13.43 9.27 30.63
C LEU C 41 -11.94 9.55 30.37
N ALA C 42 -11.64 10.67 29.73
CA ALA C 42 -10.24 10.99 29.41
C ALA C 42 -9.31 10.99 30.63
N PRO C 43 -9.79 11.52 31.79
CA PRO C 43 -8.89 11.47 32.96
C PRO C 43 -8.62 10.06 33.46
N ARG C 44 -9.52 9.14 33.19
CA ARG C 44 -9.40 7.78 33.69
C ARG C 44 -8.63 6.82 32.81
N VAL C 45 -8.60 7.09 31.49
CA VAL C 45 -8.28 6.05 30.49
C VAL C 45 -6.86 5.48 30.58
N THR C 46 -5.87 6.33 30.85
CA THR C 46 -4.51 5.81 30.79
C THR C 46 -4.29 4.75 31.83
N GLU C 47 -4.70 5.04 33.07
CA GLU C 47 -4.58 4.11 34.18
C GLU C 47 -5.44 2.89 33.90
N ALA C 48 -6.68 3.11 33.42
CA ALA C 48 -7.62 2.03 33.17
C ALA C 48 -7.03 1.01 32.21
N PHE C 49 -6.35 1.50 31.19
CA PHE C 49 -5.82 0.66 30.12
C PHE C 49 -4.58 -0.05 30.66
N ARG C 50 -3.71 0.74 31.26
CA ARG C 50 -2.42 0.23 31.76
C ARG C 50 -2.57 -0.94 32.72
N HIS C 51 -3.61 -0.92 33.54
CA HIS C 51 -3.77 -1.94 34.59
C HIS C 51 -5.05 -2.74 34.43
N GLU C 52 -5.71 -2.54 33.28
CA GLU C 52 -6.86 -3.36 32.93
C GLU C 52 -7.85 -3.35 34.07
N THR C 53 -8.32 -2.16 34.43
CA THR C 53 -9.21 -2.04 35.60
C THR C 53 -10.67 -2.34 35.26
N THR C 54 -11.37 -2.91 36.21
CA THR C 54 -12.82 -3.04 36.13
C THR C 54 -13.43 -1.78 36.67
N ASP C 55 -14.22 -1.12 35.84
CA ASP C 55 -14.84 0.15 36.19
C ASP C 55 -16.26 0.19 35.61
N ALA C 56 -17.26 0.16 36.50
CA ALA C 56 -18.67 0.06 36.13
C ALA C 56 -19.37 1.41 36.06
N ALA C 57 -18.74 2.45 36.62
CA ALA C 57 -19.30 3.81 36.80
C ALA C 57 -19.89 4.40 35.53
N ILE C 58 -19.24 4.08 34.43
CA ILE C 58 -19.59 4.56 33.12
C ILE C 58 -21.08 4.38 32.79
N PHE C 59 -21.65 3.29 33.30
CA PHE C 59 -23.02 2.95 32.92
C PHE C 59 -24.03 3.94 33.53
N ARG C 60 -23.93 4.16 34.83
CA ARG C 60 -24.81 5.15 35.47
C ARG C 60 -24.55 6.54 34.94
N GLU C 61 -23.28 6.84 34.74
CA GLU C 61 -22.90 8.14 34.21
C GLU C 61 -23.53 8.43 32.83
N MET C 62 -23.48 7.46 31.92
CA MET C 62 -24.03 7.69 30.61
C MET C 62 -25.52 7.61 30.62
N GLY C 63 -26.05 6.66 31.38
CA GLY C 63 -27.48 6.52 31.56
C GLY C 63 -28.12 7.77 32.10
N GLU C 64 -27.47 8.41 33.07
CA GLU C 64 -28.10 9.55 33.75
C GLU C 64 -28.18 10.78 32.86
N ILE C 65 -27.35 10.87 31.82
CA ILE C 65 -27.49 11.97 30.89
C ILE C 65 -28.11 11.50 29.56
N GLY C 66 -28.65 10.28 29.55
CA GLY C 66 -29.47 9.82 28.44
C GLY C 66 -28.67 9.54 27.20
N LEU C 67 -27.54 8.83 27.35
CA LEU C 67 -26.71 8.40 26.22
C LEU C 67 -26.69 6.87 26.03
N LEU C 68 -27.39 6.14 26.88
CA LEU C 68 -27.53 4.69 26.73
C LEU C 68 -28.81 4.35 26.01
N GLY C 69 -28.73 3.40 25.06
CA GLY C 69 -29.88 3.05 24.21
C GLY C 69 -30.48 4.24 23.49
N PRO C 70 -29.67 5.02 22.76
CA PRO C 70 -30.15 6.28 22.21
C PRO C 70 -31.43 6.18 21.40
N THR C 71 -31.57 5.12 20.62
CA THR C 71 -32.71 4.98 19.72
C THR C 71 -33.96 4.40 20.40
N ILE C 72 -33.84 4.01 21.68
CA ILE C 72 -34.95 3.44 22.44
C ILE C 72 -35.95 4.54 22.82
N PRO C 73 -37.26 4.29 22.62
CA PRO C 73 -38.27 5.32 22.88
C PRO C 73 -38.39 5.71 24.38
N GLU C 74 -38.95 6.89 24.64
CA GLU C 74 -38.99 7.48 25.98
C GLU C 74 -39.89 6.69 26.92
N GLN C 75 -40.93 6.10 26.35
CA GLN C 75 -41.83 5.16 27.04
C GLN C 75 -41.05 4.11 27.87
N TYR C 76 -39.94 3.60 27.34
CA TYR C 76 -39.14 2.62 28.12
C TYR C 76 -37.87 3.18 28.74
N GLY C 77 -37.79 4.50 28.85
CA GLY C 77 -36.64 5.14 29.48
C GLY C 77 -35.54 5.62 28.54
N GLY C 78 -35.62 5.28 27.26
CA GLY C 78 -34.63 5.75 26.29
C GLY C 78 -34.81 7.24 26.04
N PRO C 79 -33.80 7.88 25.44
CA PRO C 79 -33.99 9.30 25.09
C PRO C 79 -34.77 9.55 23.78
N GLY C 80 -35.18 8.50 23.07
CA GLY C 80 -35.97 8.70 21.85
C GLY C 80 -35.24 9.44 20.72
N LEU C 81 -33.96 9.09 20.50
CA LEU C 81 -33.16 9.79 19.50
C LEU C 81 -33.14 9.00 18.21
N ASP C 82 -32.46 9.51 17.21
CA ASP C 82 -32.33 8.78 15.97
C ASP C 82 -30.92 8.18 15.82
N TYR C 83 -30.69 7.54 14.67
CA TYR C 83 -29.41 6.93 14.32
C TYR C 83 -28.28 7.92 14.14
N VAL C 84 -28.57 9.11 13.60
CA VAL C 84 -27.51 10.11 13.48
C VAL C 84 -26.97 10.48 14.86
N SER C 85 -27.85 10.73 15.82
CA SER C 85 -27.43 10.99 17.19
C SER C 85 -26.67 9.84 17.86
N TYR C 86 -27.15 8.62 17.65
CA TYR C 86 -26.47 7.43 18.16
C TYR C 86 -25.00 7.40 17.65
N GLY C 87 -24.80 7.63 16.36
CA GLY C 87 -23.44 7.64 15.82
C GLY C 87 -22.56 8.75 16.34
N LEU C 88 -23.12 9.95 16.46
CA LEU C 88 -22.38 11.06 17.07
C LEU C 88 -21.89 10.75 18.48
N ILE C 89 -22.74 10.11 19.29
CA ILE C 89 -22.37 9.67 20.65
C ILE C 89 -21.23 8.66 20.61
N ALA C 90 -21.37 7.65 19.74
CA ALA C 90 -20.34 6.61 19.62
C ALA C 90 -19.01 7.25 19.24
N ARG C 91 -19.06 8.20 18.31
CA ARG C 91 -17.82 8.86 17.83
C ARG C 91 -17.17 9.63 18.99
N GLU C 92 -17.96 10.30 19.83
CA GLU C 92 -17.35 11.03 20.97
C GLU C 92 -16.74 10.14 22.06
N VAL C 93 -17.38 9.01 22.33
CA VAL C 93 -16.87 8.09 23.33
C VAL C 93 -15.60 7.41 22.80
N GLU C 94 -15.62 6.97 21.55
CA GLU C 94 -14.44 6.27 21.00
C GLU C 94 -13.26 7.23 20.78
N ARG C 95 -13.55 8.51 20.54
CA ARG C 95 -12.51 9.57 20.50
C ARG C 95 -11.61 9.44 21.74
N VAL C 96 -12.20 9.08 22.87
CA VAL C 96 -11.40 8.75 24.06
C VAL C 96 -10.85 7.34 23.99
N ASP C 97 -11.74 6.34 23.86
CA ASP C 97 -11.26 4.95 23.88
C ASP C 97 -12.30 3.96 23.32
N SER C 98 -11.79 3.02 22.52
CA SER C 98 -12.64 1.92 21.94
C SER C 98 -13.21 1.01 22.99
N GLY C 99 -12.49 0.79 24.09
CA GLY C 99 -13.00 -0.10 25.17
C GLY C 99 -14.25 0.50 25.77
N TYR C 100 -14.23 1.81 26.05
CA TYR C 100 -15.42 2.51 26.52
C TYR C 100 -16.56 2.53 25.49
N ARG C 101 -16.26 2.80 24.22
CA ARG C 101 -17.29 2.69 23.19
C ARG C 101 -17.89 1.27 23.19
N SER C 102 -17.05 0.23 23.29
CA SER C 102 -17.55 -1.16 23.30
C SER C 102 -18.58 -1.35 24.43
N MET C 103 -18.30 -0.77 25.60
CA MET C 103 -19.21 -0.88 26.72
C MET C 103 -20.60 -0.36 26.38
N MET C 104 -20.63 0.83 25.77
CA MET C 104 -21.85 1.45 25.35
C MET C 104 -22.52 0.73 24.15
N SER C 105 -21.72 0.21 23.21
CA SER C 105 -22.29 -0.52 22.04
C SER C 105 -23.06 -1.74 22.53
N VAL C 106 -22.46 -2.45 23.48
CA VAL C 106 -23.11 -3.63 24.00
C VAL C 106 -24.44 -3.25 24.65
N GLN C 107 -24.40 -2.24 25.52
CA GLN C 107 -25.62 -1.87 26.26
C GLN C 107 -26.74 -1.44 25.31
N SER C 108 -26.42 -0.59 24.33
CA SER C 108 -27.46 -0.04 23.50
C SER C 108 -27.90 -1.04 22.40
N SER C 109 -26.94 -1.48 21.58
CA SER C 109 -27.27 -2.24 20.37
C SER C 109 -27.46 -3.72 20.61
N LEU C 110 -26.73 -4.29 21.58
CA LEU C 110 -26.70 -5.75 21.77
C LEU C 110 -27.55 -6.25 22.95
N VAL C 111 -28.06 -5.34 23.77
CA VAL C 111 -28.89 -5.74 24.91
C VAL C 111 -30.26 -5.06 24.80
N MET C 112 -30.26 -3.74 24.80
CA MET C 112 -31.49 -2.97 24.76
C MET C 112 -32.26 -3.17 23.44
N VAL C 113 -31.54 -3.13 22.32
CA VAL C 113 -32.20 -3.39 21.03
C VAL C 113 -33.00 -4.72 20.91
N PRO C 114 -32.38 -5.88 21.23
CA PRO C 114 -33.14 -7.13 21.09
C PRO C 114 -34.34 -7.24 22.05
N ILE C 115 -34.18 -6.75 23.27
CA ILE C 115 -35.30 -6.69 24.21
C ILE C 115 -36.41 -5.82 23.61
N PHE C 116 -36.05 -4.66 23.08
CA PHE C 116 -37.05 -3.74 22.51
C PHE C 116 -37.74 -4.33 21.30
N GLU C 117 -36.96 -4.92 20.39
CA GLU C 117 -37.51 -5.41 19.14
C GLU C 117 -38.27 -6.73 19.26
N PHE C 118 -37.82 -7.58 20.17
CA PHE C 118 -38.23 -8.99 20.17
C PHE C 118 -38.84 -9.51 21.48
N GLY C 119 -38.88 -8.67 22.50
CA GLY C 119 -39.29 -9.08 23.83
C GLY C 119 -40.80 -8.87 24.03
N SER C 120 -41.36 -9.54 25.03
CA SER C 120 -42.76 -9.35 25.40
C SER C 120 -42.89 -8.00 26.05
N ASP C 121 -44.12 -7.49 26.15
CA ASP C 121 -44.36 -6.27 26.93
C ASP C 121 -43.84 -6.37 28.36
N ALA C 122 -44.02 -7.52 29.01
CA ALA C 122 -43.46 -7.73 30.37
C ALA C 122 -41.93 -7.49 30.37
N GLN C 123 -41.23 -8.17 29.44
CA GLN C 123 -39.77 -8.06 29.32
C GLN C 123 -39.32 -6.62 29.11
N LYS C 124 -39.98 -5.93 28.18
CA LYS C 124 -39.61 -4.55 27.87
C LYS C 124 -39.76 -3.67 29.10
N GLU C 125 -40.87 -3.85 29.80
CA GLU C 125 -41.17 -3.00 30.94
C GLU C 125 -40.28 -3.34 32.12
N LYS C 126 -39.89 -4.60 32.25
CA LYS C 126 -39.06 -4.99 33.38
C LYS C 126 -37.55 -4.60 33.20
N TYR C 127 -37.05 -4.67 31.96
CA TYR C 127 -35.60 -4.57 31.72
C TYR C 127 -35.12 -3.21 31.15
N LEU C 128 -35.82 -2.67 30.16
CA LEU C 128 -35.40 -1.44 29.46
C LEU C 128 -35.14 -0.24 30.39
N PRO C 129 -36.11 0.11 31.29
CA PRO C 129 -35.85 1.32 32.11
C PRO C 129 -34.57 1.30 32.90
N LYS C 130 -34.27 0.18 33.55
CA LYS C 130 -33.02 -0.01 34.30
C LYS C 130 -31.74 -0.14 33.44
N LEU C 131 -31.85 -0.77 32.26
CA LEU C 131 -30.75 -0.66 31.28
C LEU C 131 -30.53 0.79 30.82
N ALA C 132 -31.59 1.53 30.56
CA ALA C 132 -31.45 2.95 30.15
C ALA C 132 -30.75 3.86 31.15
N THR C 133 -30.92 3.65 32.46
CA THR C 133 -30.27 4.52 33.48
C THR C 133 -28.88 4.02 33.85
N GLY C 134 -28.60 2.78 33.46
CA GLY C 134 -27.31 2.18 33.75
C GLY C 134 -27.35 1.51 35.10
N GLU C 135 -28.52 1.52 35.75
CA GLU C 135 -28.67 0.77 37.02
C GLU C 135 -28.40 -0.72 36.79
N TRP C 136 -28.92 -1.28 35.68
CA TRP C 136 -28.54 -2.65 35.31
C TRP C 136 -27.56 -2.65 34.13
N ILE C 137 -26.60 -3.56 34.18
CA ILE C 137 -25.59 -3.63 33.12
C ILE C 137 -25.82 -4.88 32.28
N GLY C 138 -25.79 -4.74 30.97
CA GLY C 138 -26.11 -5.86 30.10
C GLY C 138 -24.93 -6.45 29.40
N CYS C 139 -25.05 -7.70 28.96
CA CYS C 139 -24.10 -8.27 28.03
C CYS C 139 -24.83 -9.19 26.99
N PHE C 140 -24.08 -9.65 26.00
CA PHE C 140 -24.66 -10.29 24.79
C PHE C 140 -23.81 -11.53 24.51
N GLY C 141 -24.41 -12.70 24.58
CA GLY C 141 -23.67 -13.95 24.41
C GLY C 141 -24.01 -14.57 23.07
N LEU C 142 -23.16 -14.30 22.08
CA LEU C 142 -23.29 -14.92 20.78
C LEU C 142 -22.04 -15.76 20.43
N THR C 143 -20.89 -15.10 20.54
CA THR C 143 -19.55 -15.63 20.18
C THR C 143 -19.20 -16.86 21.00
N GLU C 144 -18.73 -17.91 20.33
CA GLU C 144 -18.29 -19.16 20.97
C GLU C 144 -16.84 -19.53 20.59
N PRO C 145 -16.12 -20.22 21.51
CA PRO C 145 -14.73 -20.70 21.44
C PRO C 145 -14.09 -21.10 20.09
N ASN C 146 -14.78 -21.80 19.17
CA ASN C 146 -14.09 -22.24 17.92
C ASN C 146 -14.58 -21.73 16.55
N HIS C 147 -15.90 -21.51 16.43
CA HIS C 147 -16.52 -21.02 15.18
C HIS C 147 -16.91 -19.52 15.26
N GLY C 148 -16.45 -18.84 16.32
CA GLY C 148 -16.66 -17.40 16.48
C GLY C 148 -18.12 -16.98 16.57
N SER C 149 -18.49 -16.01 15.74
CA SER C 149 -19.79 -15.34 15.87
C SER C 149 -20.85 -15.74 14.82
N ASP C 150 -20.53 -16.73 14.00
CA ASP C 150 -21.50 -17.26 13.03
C ASP C 150 -22.66 -18.00 13.73
N PRO C 151 -23.90 -17.48 13.61
CA PRO C 151 -25.06 -18.00 14.33
C PRO C 151 -25.45 -19.43 13.93
N GLY C 152 -25.52 -19.73 12.63
CA GLY C 152 -25.77 -21.12 12.17
C GLY C 152 -24.86 -22.17 12.82
N SER C 153 -23.65 -21.77 13.18
CA SER C 153 -22.63 -22.68 13.70
C SER C 153 -22.60 -22.88 15.21
N MET C 154 -23.44 -22.14 15.94
CA MET C 154 -23.36 -22.15 17.41
C MET C 154 -23.79 -23.49 17.96
N VAL C 155 -23.20 -23.89 19.09
CA VAL C 155 -23.52 -25.17 19.73
C VAL C 155 -24.07 -24.99 21.15
N THR C 156 -24.10 -23.75 21.66
CA THR C 156 -24.77 -23.49 22.94
C THR C 156 -26.23 -23.88 22.77
N ARG C 157 -26.77 -24.55 23.77
CA ARG C 157 -28.00 -25.33 23.59
C ARG C 157 -29.02 -25.12 24.72
N ALA C 158 -30.27 -24.90 24.33
CA ALA C 158 -31.37 -24.89 25.29
C ALA C 158 -32.19 -26.18 25.15
N ARG C 159 -32.49 -26.81 26.29
CA ARG C 159 -33.37 -27.98 26.37
C ARG C 159 -34.64 -27.54 27.05
N LYS C 160 -35.78 -28.00 26.54
CA LYS C 160 -37.08 -27.76 27.14
C LYS C 160 -37.17 -28.56 28.43
N VAL C 161 -37.52 -27.89 29.52
CA VAL C 161 -37.76 -28.56 30.80
C VAL C 161 -39.08 -28.00 31.34
N PRO C 162 -39.59 -28.56 32.47
CA PRO C 162 -40.82 -28.01 33.06
C PRO C 162 -40.53 -26.62 33.59
N GLY C 163 -41.40 -25.67 33.28
CA GLY C 163 -41.21 -24.28 33.69
C GLY C 163 -40.50 -23.40 32.66
N GLY C 164 -39.78 -24.01 31.73
CA GLY C 164 -39.00 -23.23 30.77
C GLY C 164 -37.88 -24.00 30.09
N TYR C 165 -36.64 -23.61 30.36
CA TYR C 165 -35.50 -24.11 29.59
C TYR C 165 -34.27 -24.29 30.45
N SER C 166 -33.42 -25.22 30.04
CA SER C 166 -32.10 -25.41 30.63
C SER C 166 -31.06 -25.19 29.56
N LEU C 167 -30.07 -24.36 29.86
CA LEU C 167 -29.08 -23.93 28.87
C LEU C 167 -27.69 -24.37 29.25
N SER C 168 -26.94 -24.85 28.25
CA SER C 168 -25.55 -25.22 28.46
C SER C 168 -24.72 -24.84 27.27
N GLY C 169 -23.58 -24.22 27.56
CA GLY C 169 -22.59 -23.90 26.56
C GLY C 169 -21.65 -22.90 27.17
N SER C 170 -20.77 -22.41 26.33
CA SER C 170 -19.89 -21.35 26.73
C SER C 170 -19.86 -20.27 25.65
N LYS C 171 -19.82 -19.02 26.08
CA LYS C 171 -19.65 -17.89 25.18
C LYS C 171 -18.34 -17.23 25.58
N MET C 172 -17.64 -16.66 24.60
CA MET C 172 -16.26 -16.19 24.78
C MET C 172 -16.15 -14.74 24.29
N TRP C 173 -15.25 -13.95 24.89
CA TRP C 173 -15.03 -12.52 24.51
C TRP C 173 -16.29 -11.68 24.64
N ILE C 174 -16.89 -11.75 25.83
CA ILE C 174 -18.15 -11.11 26.10
C ILE C 174 -17.92 -9.81 26.88
N THR C 175 -17.95 -8.67 26.19
CA THR C 175 -17.75 -7.35 26.83
C THR C 175 -18.78 -7.13 27.97
N ASN C 176 -18.31 -6.72 29.14
CA ASN C 176 -19.17 -6.43 30.32
C ASN C 176 -19.58 -7.66 31.11
N SER C 177 -19.33 -8.88 30.63
CA SER C 177 -19.92 -10.05 31.33
C SER C 177 -19.58 -10.19 32.82
N PRO C 178 -18.31 -9.95 33.25
CA PRO C 178 -18.07 -10.12 34.70
C PRO C 178 -18.74 -9.10 35.64
N ILE C 179 -19.37 -8.06 35.08
CA ILE C 179 -20.13 -7.09 35.88
C ILE C 179 -21.58 -6.95 35.41
N ALA C 180 -22.03 -7.80 34.49
CA ALA C 180 -23.40 -7.66 34.00
C ALA C 180 -24.45 -8.18 35.00
N ASP C 181 -25.60 -7.50 34.99
CA ASP C 181 -26.84 -7.92 35.66
C ASP C 181 -27.80 -8.67 34.74
N VAL C 182 -27.73 -8.35 33.44
CA VAL C 182 -28.67 -8.84 32.46
C VAL C 182 -27.86 -9.44 31.30
N PHE C 183 -28.24 -10.64 30.88
CA PHE C 183 -27.48 -11.38 29.88
C PHE C 183 -28.47 -11.77 28.78
N VAL C 184 -28.22 -11.35 27.53
CA VAL C 184 -29.04 -11.76 26.39
C VAL C 184 -28.26 -12.84 25.64
N VAL C 185 -28.70 -14.09 25.76
CA VAL C 185 -27.95 -15.22 25.23
C VAL C 185 -28.67 -15.90 24.08
N TRP C 186 -27.91 -16.25 23.05
CA TRP C 186 -28.46 -16.93 21.88
C TRP C 186 -28.00 -18.38 21.92
N ALA C 187 -28.94 -19.27 21.61
CA ALA C 187 -28.75 -20.70 21.76
C ALA C 187 -29.69 -21.45 20.81
N LYS C 188 -29.30 -22.66 20.46
CA LYS C 188 -30.16 -23.49 19.61
C LYS C 188 -31.19 -24.25 20.46
N LEU C 189 -32.44 -24.19 20.01
CA LEU C 189 -33.52 -24.97 20.63
C LEU C 189 -34.17 -25.89 19.58
N ASP C 190 -34.00 -27.19 19.78
CA ASP C 190 -34.56 -28.18 18.87
C ASP C 190 -36.03 -28.44 19.20
N GLU C 191 -36.88 -28.29 18.18
CA GLU C 191 -38.27 -28.75 18.26
C GLU C 191 -38.60 -29.71 17.14
N ASP C 192 -39.02 -30.91 17.55
CA ASP C 192 -39.13 -32.08 16.69
C ASP C 192 -38.03 -32.05 15.63
N GLY C 193 -38.42 -31.97 14.36
CA GLY C 193 -37.44 -31.92 13.29
C GLY C 193 -36.37 -30.85 13.49
N ARG C 194 -36.80 -29.65 13.91
CA ARG C 194 -36.08 -28.40 13.62
C ARG C 194 -35.34 -27.73 14.81
N ASP C 195 -34.05 -27.52 14.62
CA ASP C 195 -33.17 -26.82 15.54
C ASP C 195 -33.07 -25.35 15.14
N GLU C 196 -33.53 -24.44 15.98
CA GLU C 196 -33.45 -23.04 15.56
C GLU C 196 -32.89 -22.11 16.66
N ILE C 197 -32.33 -20.99 16.21
CA ILE C 197 -31.67 -20.05 17.12
C ILE C 197 -32.72 -19.22 17.88
N ARG C 198 -32.69 -19.27 19.20
CA ARG C 198 -33.60 -18.45 20.03
C ARG C 198 -32.78 -17.54 20.94
N GLY C 199 -33.41 -16.46 21.42
CA GLY C 199 -32.78 -15.54 22.35
C GLY C 199 -33.42 -15.69 23.72
N PHE C 200 -32.57 -15.71 24.76
CA PHE C 200 -32.96 -15.85 26.15
C PHE C 200 -32.37 -14.72 27.02
N ILE C 201 -33.15 -14.29 28.01
CA ILE C 201 -32.72 -13.29 28.97
C ILE C 201 -32.42 -13.99 30.28
N LEU C 202 -31.21 -13.81 30.81
CA LEU C 202 -30.88 -14.41 32.09
C LEU C 202 -30.40 -13.32 33.00
N GLU C 203 -30.38 -13.61 34.31
CA GLU C 203 -30.02 -12.60 35.31
C GLU C 203 -28.90 -13.07 36.20
N LYS C 204 -28.08 -12.11 36.63
CA LYS C 204 -26.95 -12.37 37.49
C LYS C 204 -27.48 -13.16 38.70
N GLY C 205 -26.79 -14.20 39.10
CA GLY C 205 -27.17 -14.97 40.30
C GLY C 205 -27.98 -16.23 40.01
N CYS C 206 -28.55 -16.32 38.82
CA CYS C 206 -29.14 -17.57 38.38
C CYS C 206 -28.12 -18.71 38.55
N LYS C 207 -28.54 -19.77 39.27
CA LYS C 207 -27.71 -20.97 39.44
C LYS C 207 -27.40 -21.58 38.06
N GLY C 208 -26.13 -21.91 37.82
CA GLY C 208 -25.69 -22.47 36.52
C GLY C 208 -25.05 -21.44 35.60
N LEU C 209 -25.15 -20.16 35.97
CA LEU C 209 -24.57 -19.04 35.22
C LEU C 209 -23.31 -18.48 35.90
N SER C 210 -22.18 -18.48 35.20
CA SER C 210 -21.03 -17.76 35.75
C SER C 210 -20.34 -16.91 34.65
N ALA C 211 -19.57 -15.91 35.07
CA ALA C 211 -18.96 -14.98 34.12
C ALA C 211 -17.53 -14.56 34.50
N PRO C 212 -16.56 -15.51 34.48
CA PRO C 212 -15.16 -15.23 34.82
C PRO C 212 -14.55 -14.23 33.83
N ALA C 213 -13.74 -13.32 34.37
CA ALA C 213 -13.05 -12.28 33.61
C ALA C 213 -11.93 -12.86 32.76
N ILE C 214 -11.56 -12.13 31.71
CA ILE C 214 -10.38 -12.46 30.92
C ILE C 214 -9.35 -11.35 31.20
N HIS C 215 -8.17 -11.72 31.63
CA HIS C 215 -7.14 -10.75 31.93
C HIS C 215 -5.95 -10.96 31.01
N GLY C 216 -5.13 -9.92 30.85
CA GLY C 216 -3.91 -9.99 30.06
C GLY C 216 -4.18 -9.72 28.60
N LYS C 217 -5.19 -8.88 28.31
CA LYS C 217 -5.54 -8.56 26.92
C LYS C 217 -4.46 -7.65 26.30
N VAL C 218 -4.36 -7.65 24.97
CA VAL C 218 -3.46 -6.72 24.32
C VAL C 218 -4.19 -5.42 24.04
N GLY C 219 -5.35 -5.50 23.39
CA GLY C 219 -6.16 -4.32 23.10
C GLY C 219 -7.45 -4.32 23.93
N LEU C 220 -8.16 -3.20 23.91
CA LEU C 220 -9.42 -3.03 24.62
C LEU C 220 -9.29 -3.30 26.15
N ARG C 221 -8.10 -3.07 26.69
CA ARG C 221 -7.79 -3.24 28.10
C ARG C 221 -8.65 -2.40 29.07
N ALA C 222 -9.17 -1.26 28.62
CA ALA C 222 -10.03 -0.43 29.50
C ALA C 222 -11.42 -1.01 29.74
N SER C 223 -11.74 -2.10 29.06
CA SER C 223 -13.08 -2.66 29.10
C SER C 223 -13.03 -4.05 29.68
N ILE C 224 -13.69 -4.21 30.84
CA ILE C 224 -13.77 -5.55 31.44
C ILE C 224 -14.52 -6.53 30.53
N THR C 225 -13.91 -7.69 30.29
CA THR C 225 -14.40 -8.65 29.31
C THR C 225 -14.29 -10.03 29.94
N GLY C 226 -15.27 -10.90 29.70
CA GLY C 226 -15.20 -12.27 30.19
C GLY C 226 -15.90 -13.29 29.31
N GLU C 227 -16.24 -14.41 29.91
CA GLU C 227 -17.02 -15.45 29.26
C GLU C 227 -18.42 -15.43 29.84
N ILE C 228 -19.32 -16.20 29.24
CA ILE C 228 -20.57 -16.59 29.92
C ILE C 228 -20.51 -18.11 29.92
N VAL C 229 -20.48 -18.72 31.10
CA VAL C 229 -20.44 -20.21 31.18
C VAL C 229 -21.77 -20.70 31.73
N LEU C 230 -22.45 -21.55 30.98
CA LEU C 230 -23.78 -21.96 31.36
C LEU C 230 -23.73 -23.47 31.52
N ASP C 231 -24.11 -23.92 32.71
CA ASP C 231 -24.14 -25.33 33.06
C ASP C 231 -25.50 -25.60 33.67
N GLU C 232 -26.43 -26.05 32.82
CA GLU C 232 -27.83 -26.29 33.22
C GLU C 232 -28.47 -25.04 33.83
N ALA C 233 -28.23 -23.86 33.26
CA ALA C 233 -28.85 -22.64 33.76
C ALA C 233 -30.35 -22.63 33.44
N PHE C 234 -31.19 -22.48 34.48
CA PHE C 234 -32.64 -22.47 34.30
C PHE C 234 -33.14 -21.13 33.80
N VAL C 235 -33.90 -21.16 32.72
CA VAL C 235 -34.56 -19.95 32.24
C VAL C 235 -36.06 -20.23 32.24
N PRO C 236 -36.83 -19.45 33.01
CA PRO C 236 -38.27 -19.63 32.97
C PRO C 236 -38.85 -19.23 31.63
N GLU C 237 -40.04 -19.77 31.33
CA GLU C 237 -40.76 -19.49 30.09
C GLU C 237 -40.83 -18.00 29.73
N GLU C 238 -41.13 -17.17 30.72
CA GLU C 238 -41.34 -15.74 30.47
C GLU C 238 -40.03 -15.00 30.11
N ASN C 239 -38.90 -15.71 30.09
CA ASN C 239 -37.62 -15.11 29.75
C ASN C 239 -37.04 -15.53 28.41
N ILE C 240 -37.76 -16.35 27.66
CA ILE C 240 -37.40 -16.55 26.25
C ILE C 240 -37.93 -15.36 25.42
N LEU C 241 -37.14 -14.86 24.47
CA LEU C 241 -37.64 -13.78 23.62
C LEU C 241 -38.69 -14.37 22.67
N PRO C 242 -39.95 -13.90 22.76
CA PRO C 242 -40.97 -14.59 21.96
C PRO C 242 -40.97 -14.26 20.45
N HIS C 243 -40.58 -13.04 20.08
CA HIS C 243 -40.93 -12.52 18.74
C HIS C 243 -39.84 -12.60 17.69
N VAL C 244 -38.98 -13.61 17.81
CA VAL C 244 -37.95 -13.88 16.80
C VAL C 244 -37.42 -15.30 16.96
N LYS C 245 -37.02 -15.89 15.83
CA LYS C 245 -36.16 -17.08 15.84
C LYS C 245 -35.28 -17.09 14.56
N GLY C 246 -34.20 -17.86 14.56
CA GLY C 246 -33.28 -17.85 13.41
C GLY C 246 -32.37 -16.62 13.34
N LEU C 247 -31.93 -16.24 12.12
CA LEU C 247 -30.88 -15.22 11.94
C LEU C 247 -31.29 -13.80 12.33
N ARG C 248 -32.55 -13.43 12.08
CA ARG C 248 -33.06 -12.10 12.37
C ARG C 248 -32.72 -11.61 13.80
N GLY C 249 -32.66 -12.54 14.76
CA GLY C 249 -32.35 -12.21 16.17
C GLY C 249 -30.97 -11.58 16.37
N PRO C 250 -29.88 -12.37 16.24
CA PRO C 250 -28.50 -11.89 16.32
C PRO C 250 -28.13 -10.84 15.27
N PHE C 251 -28.61 -11.02 14.04
CA PHE C 251 -28.29 -10.08 12.96
C PHE C 251 -28.79 -8.66 13.23
N THR C 252 -30.02 -8.54 13.75
CA THR C 252 -30.59 -7.22 14.06
C THR C 252 -29.68 -6.47 15.05
N CYS C 253 -29.19 -7.20 16.05
CA CYS C 253 -28.23 -6.66 17.02
C CYS C 253 -26.87 -6.28 16.40
N LEU C 254 -26.30 -7.18 15.61
CA LEU C 254 -24.99 -6.93 15.05
C LEU C 254 -25.07 -5.76 14.07
N ASN C 255 -26.17 -5.67 13.34
CA ASN C 255 -26.34 -4.61 12.38
C ASN C 255 -26.37 -3.24 13.05
N SER C 256 -27.06 -3.17 14.19
CA SER C 256 -27.12 -1.93 14.97
C SER C 256 -25.73 -1.58 15.57
N ALA C 257 -25.04 -2.56 16.14
CA ALA C 257 -23.72 -2.34 16.71
C ALA C 257 -22.69 -1.91 15.65
N ARG C 258 -22.70 -2.59 14.52
CA ARG C 258 -21.83 -2.25 13.40
C ARG C 258 -21.98 -0.78 12.95
N TYR C 259 -23.20 -0.27 12.89
CA TYR C 259 -23.47 1.13 12.56
C TYR C 259 -22.80 2.07 13.60
N GLY C 260 -22.96 1.75 14.89
CA GLY C 260 -22.30 2.56 15.94
C GLY C 260 -20.78 2.54 15.84
N ILE C 261 -20.23 1.36 15.64
CA ILE C 261 -18.78 1.23 15.41
C ILE C 261 -18.25 1.98 14.20
N ALA C 262 -18.98 1.98 13.08
CA ALA C 262 -18.57 2.76 11.91
C ALA C 262 -18.37 4.26 12.24
N TRP C 263 -19.23 4.80 13.10
CA TRP C 263 -19.06 6.19 13.57
C TRP C 263 -17.92 6.25 14.59
N GLY C 264 -17.91 5.29 15.49
CA GLY C 264 -16.93 5.32 16.59
C GLY C 264 -15.49 5.25 16.13
N ALA C 265 -15.19 4.35 15.18
CA ALA C 265 -13.83 4.15 14.71
C ALA C 265 -13.26 5.44 14.13
N LEU C 266 -14.13 6.26 13.52
CA LEU C 266 -13.73 7.53 12.95
C LEU C 266 -13.34 8.54 14.05
N GLY C 267 -14.01 8.45 15.22
CA GLY C 267 -13.60 9.24 16.38
C GLY C 267 -12.18 8.94 16.81
N ALA C 268 -11.84 7.66 16.97
CA ALA C 268 -10.47 7.24 17.27
C ALA C 268 -9.47 7.69 16.19
N ALA C 269 -9.85 7.52 14.90
CA ALA C 269 -9.02 8.04 13.80
C ALA C 269 -8.77 9.54 13.97
N GLU C 270 -9.82 10.32 14.22
CA GLU C 270 -9.63 11.75 14.44
C GLU C 270 -8.69 12.05 15.62
N SER C 271 -8.85 11.37 16.75
CA SER C 271 -7.85 11.57 17.84
C SER C 271 -6.44 11.34 17.38
N CYS C 272 -6.20 10.23 16.67
CA CYS C 272 -4.84 9.97 16.20
C CYS C 272 -4.32 11.05 15.26
N TRP C 273 -5.15 11.47 14.32
CA TRP C 273 -4.78 12.52 13.36
C TRP C 273 -4.48 13.84 14.10
N HIS C 274 -5.38 14.24 14.98
CA HIS C 274 -5.12 15.46 15.76
C HIS C 274 -3.83 15.41 16.56
N ILE C 275 -3.55 14.26 17.15
CA ILE C 275 -2.35 14.13 17.95
C ILE C 275 -1.10 14.22 17.08
N ALA C 276 -1.15 13.53 15.94
CA ALA C 276 -0.03 13.50 15.01
C ALA C 276 0.25 14.91 14.50
N ARG C 277 -0.80 15.63 14.15
CA ARG C 277 -0.69 16.98 13.65
C ARG C 277 -0.06 17.89 14.70
N GLN C 278 -0.53 17.78 15.95
CA GLN C 278 0.05 18.64 16.98
C GLN C 278 1.50 18.33 17.24
N TYR C 279 1.82 17.04 17.24
CA TYR C 279 3.15 16.58 17.51
C TYR C 279 4.14 17.12 16.48
N VAL C 280 3.75 17.15 15.21
CA VAL C 280 4.69 17.60 14.19
C VAL C 280 4.79 19.15 14.13
N LEU C 281 3.74 19.82 14.61
CA LEU C 281 3.81 21.27 14.87
C LEU C 281 4.79 21.58 16.02
N ASP C 282 4.72 20.80 17.10
CA ASP C 282 5.51 21.02 18.31
C ASP C 282 6.97 20.64 18.19
N ARG C 283 7.27 19.55 17.51
CA ARG C 283 8.64 19.03 17.43
C ARG C 283 9.41 19.65 16.25
N LYS C 284 10.72 19.83 16.47
CA LYS C 284 11.63 20.53 15.55
C LYS C 284 12.72 19.59 15.08
N GLN C 285 13.21 19.83 13.87
CA GLN C 285 14.34 19.11 13.29
C GLN C 285 15.01 20.01 12.25
N PHE C 286 16.34 19.99 12.24
CA PHE C 286 17.14 20.88 11.38
C PHE C 286 16.70 22.34 11.54
N GLY C 287 16.24 22.66 12.74
CA GLY C 287 15.77 24.02 13.08
C GLY C 287 14.44 24.45 12.48
N ARG C 288 13.57 23.48 12.18
CA ARG C 288 12.24 23.75 11.62
C ARG C 288 11.26 22.72 12.20
N PRO C 289 9.95 23.08 12.34
CA PRO C 289 9.09 21.99 12.87
C PRO C 289 9.01 20.81 11.90
N LEU C 290 8.75 19.63 12.46
CA LEU C 290 8.56 18.42 11.65
C LEU C 290 7.50 18.65 10.56
N ALA C 291 6.51 19.47 10.89
CA ALA C 291 5.39 19.77 10.00
C ALA C 291 5.80 20.42 8.66
N ALA C 292 7.04 20.93 8.59
CA ALA C 292 7.58 21.48 7.33
C ALA C 292 7.98 20.42 6.26
N ASN C 293 8.08 19.13 6.65
CA ASN C 293 8.53 18.07 5.73
C ASN C 293 7.41 17.68 4.79
N GLN C 294 7.70 17.59 3.50
CA GLN C 294 6.64 17.16 2.58
C GLN C 294 6.08 15.75 2.88
N LEU C 295 6.95 14.83 3.30
CA LEU C 295 6.54 13.48 3.68
C LEU C 295 5.52 13.48 4.79
N ILE C 296 5.72 14.34 5.79
CA ILE C 296 4.77 14.49 6.87
C ILE C 296 3.46 15.09 6.38
N GLN C 297 3.56 16.11 5.50
CA GLN C 297 2.34 16.78 5.04
C GLN C 297 1.45 15.86 4.19
N LYS C 298 2.09 15.02 3.39
CA LYS C 298 1.40 14.03 2.62
C LYS C 298 0.54 13.12 3.52
N LYS C 299 1.13 12.60 4.59
CA LYS C 299 0.41 11.76 5.55
C LYS C 299 -0.78 12.47 6.20
N LEU C 300 -0.58 13.74 6.58
CA LEU C 300 -1.68 14.54 7.15
C LEU C 300 -2.80 14.76 6.13
N ALA C 301 -2.45 14.95 4.85
CA ALA C 301 -3.46 15.05 3.78
C ALA C 301 -4.26 13.76 3.67
N ASP C 302 -3.59 12.61 3.77
CA ASP C 302 -4.28 11.32 3.64
C ASP C 302 -5.22 11.09 4.82
N MET C 303 -4.74 11.41 6.03
CA MET C 303 -5.60 11.28 7.22
C MET C 303 -6.86 12.12 7.11
N GLN C 304 -6.68 13.39 6.77
CA GLN C 304 -7.80 14.32 6.63
C GLN C 304 -8.80 13.84 5.57
N THR C 305 -8.27 13.36 4.44
CA THR C 305 -9.12 12.96 3.32
C THR C 305 -9.98 11.74 3.72
N GLU C 306 -9.35 10.71 4.31
CA GLU C 306 -10.06 9.45 4.62
C GLU C 306 -11.11 9.66 5.70
N ILE C 307 -10.76 10.50 6.66
CA ILE C 307 -11.73 10.83 7.72
C ILE C 307 -12.90 11.65 7.17
N THR C 308 -12.62 12.67 6.37
CA THR C 308 -13.67 13.54 5.83
C THR C 308 -14.66 12.76 4.98
N LEU C 309 -14.13 11.87 4.13
CA LEU C 309 -14.98 11.01 3.30
C LEU C 309 -15.70 9.97 4.13
N GLY C 310 -15.00 9.38 5.10
CA GLY C 310 -15.61 8.39 5.98
C GLY C 310 -16.82 8.97 6.68
N LEU C 311 -16.69 10.20 7.19
CA LEU C 311 -17.80 10.87 7.88
C LEU C 311 -19.00 11.17 6.99
N GLN C 312 -18.77 11.55 5.73
CA GLN C 312 -19.91 11.78 4.82
C GLN C 312 -20.66 10.49 4.60
N GLY C 313 -19.91 9.38 4.53
CA GLY C 313 -20.51 8.04 4.40
C GLY C 313 -21.43 7.62 5.56
N VAL C 314 -20.92 7.65 6.79
CA VAL C 314 -21.74 7.29 7.93
C VAL C 314 -22.88 8.27 8.17
N LEU C 315 -22.66 9.53 7.86
CA LEU C 315 -23.75 10.48 7.99
C LEU C 315 -24.87 10.12 7.01
N ARG C 316 -24.54 9.91 5.73
CA ARG C 316 -25.56 9.52 4.75
C ARG C 316 -26.27 8.23 5.16
N LEU C 317 -25.51 7.23 5.64
CA LEU C 317 -26.09 5.99 6.13
C LEU C 317 -27.10 6.22 7.28
N GLY C 318 -26.69 7.04 8.26
CA GLY C 318 -27.56 7.40 9.39
C GLY C 318 -28.87 8.06 8.93
N ARG C 319 -28.77 9.01 8.00
CA ARG C 319 -29.95 9.69 7.41
C ARG C 319 -30.86 8.67 6.70
N MET C 320 -30.27 7.75 5.93
CA MET C 320 -31.01 6.64 5.29
C MET C 320 -31.69 5.71 6.30
N LYS C 321 -30.97 5.29 7.33
CA LYS C 321 -31.59 4.47 8.39
C LYS C 321 -32.76 5.22 9.05
N ASP C 322 -32.61 6.52 9.30
CA ASP C 322 -33.68 7.30 9.91
C ASP C 322 -34.91 7.42 9.00
N GLU C 323 -34.67 7.42 7.68
CA GLU C 323 -35.75 7.39 6.71
C GLU C 323 -36.25 5.99 6.34
N GLY C 324 -35.64 4.94 6.87
CA GLY C 324 -35.99 3.56 6.48
C GLY C 324 -35.63 3.14 5.04
N THR C 325 -34.75 3.91 4.39
CA THR C 325 -34.31 3.61 3.02
C THR C 325 -32.97 2.81 2.97
N ALA C 326 -32.39 2.48 4.12
CA ALA C 326 -31.09 1.79 4.16
C ALA C 326 -31.15 0.27 4.14
N ALA C 327 -30.69 -0.33 3.04
CA ALA C 327 -30.45 -1.78 3.04
C ALA C 327 -29.28 -2.16 3.98
N VAL C 328 -29.33 -3.35 4.58
CA VAL C 328 -28.33 -3.74 5.58
C VAL C 328 -26.93 -3.85 4.98
N GLU C 329 -26.85 -4.10 3.67
CA GLU C 329 -25.54 -4.16 3.03
C GLU C 329 -24.76 -2.84 3.07
N ILE C 330 -25.47 -1.71 3.09
CA ILE C 330 -24.79 -0.41 3.24
C ILE C 330 -23.97 -0.37 4.54
N THR C 331 -24.47 -1.02 5.60
CA THR C 331 -23.71 -1.06 6.86
C THR C 331 -22.35 -1.71 6.66
N SER C 332 -22.27 -2.71 5.78
CA SER C 332 -20.99 -3.43 5.58
C SER C 332 -20.00 -2.48 4.96
N ILE C 333 -20.45 -1.62 4.04
CA ILE C 333 -19.52 -0.67 3.41
C ILE C 333 -18.91 0.23 4.49
N MET C 334 -19.78 0.77 5.36
CA MET C 334 -19.30 1.77 6.34
C MET C 334 -18.51 1.15 7.47
N LYS C 335 -18.96 -0.01 7.91
CA LYS C 335 -18.20 -0.71 8.96
C LYS C 335 -16.80 -1.09 8.46
N ARG C 336 -16.74 -1.70 7.30
CA ARG C 336 -15.44 -2.12 6.77
C ARG C 336 -14.50 -0.93 6.55
N ASN C 337 -15.04 0.15 5.97
CA ASN C 337 -14.24 1.31 5.65
C ASN C 337 -13.79 2.01 6.93
N SER C 338 -14.69 2.25 7.85
CA SER C 338 -14.32 3.01 9.02
C SER C 338 -13.28 2.27 9.80
N CYS C 339 -13.47 0.97 10.03
CA CYS C 339 -12.48 0.23 10.82
C CYS C 339 -11.15 0.09 10.11
N GLY C 340 -11.15 -0.28 8.81
CA GLY C 340 -9.86 -0.42 8.10
C GLY C 340 -9.11 0.92 7.99
N LYS C 341 -9.84 1.98 7.65
CA LYS C 341 -9.20 3.31 7.50
C LYS C 341 -8.70 3.83 8.86
N ALA C 342 -9.47 3.63 9.91
CA ALA C 342 -9.06 4.07 11.28
C ALA C 342 -7.77 3.34 11.69
N LEU C 343 -7.71 2.03 11.40
CA LEU C 343 -6.47 1.28 11.65
C LEU C 343 -5.26 1.82 10.84
N ASP C 344 -5.45 2.07 9.53
CA ASP C 344 -4.37 2.64 8.70
C ASP C 344 -3.90 3.95 9.29
N ILE C 345 -4.85 4.75 9.74
CA ILE C 345 -4.54 6.08 10.23
C ILE C 345 -3.79 5.99 11.57
N ALA C 346 -4.22 5.12 12.48
CA ALA C 346 -3.50 4.88 13.76
C ALA C 346 -2.05 4.44 13.50
N ARG C 347 -1.88 3.57 12.52
CA ARG C 347 -0.53 3.12 12.13
C ARG C 347 0.33 4.25 11.54
N LEU C 348 -0.31 5.06 10.71
CA LEU C 348 0.41 6.19 10.09
C LEU C 348 0.82 7.18 11.18
N ALA C 349 -0.11 7.46 12.09
CA ALA C 349 0.15 8.35 13.20
C ALA C 349 1.23 7.79 14.15
N ARG C 350 1.13 6.50 14.49
CA ARG C 350 2.14 5.85 15.35
C ARG C 350 3.54 6.04 14.77
N ASP C 351 3.66 5.83 13.45
CA ASP C 351 4.95 5.87 12.80
C ASP C 351 5.53 7.30 12.70
N MET C 352 4.68 8.31 12.92
CA MET C 352 5.11 9.71 12.99
C MET C 352 5.62 10.16 14.36
N LEU C 353 5.36 9.39 15.42
CA LEU C 353 5.76 9.78 16.78
C LEU C 353 7.05 9.13 17.20
N GLY C 354 7.95 9.90 17.80
CA GLY C 354 9.29 9.35 18.18
C GLY C 354 9.68 9.42 19.65
N GLU C 361 0.26 11.97 24.12
CA GLU C 361 0.55 11.69 22.70
C GLU C 361 0.64 10.16 22.42
N PHE C 362 1.21 9.40 23.36
CA PHE C 362 1.11 7.91 23.30
C PHE C 362 -0.33 7.39 23.54
N GLY C 363 -1.29 8.33 23.65
CA GLY C 363 -2.68 7.97 23.40
C GLY C 363 -2.74 7.20 22.06
N VAL C 364 -1.86 7.53 21.12
CA VAL C 364 -1.95 6.89 19.78
C VAL C 364 -1.71 5.40 19.89
N ALA C 365 -0.75 5.01 20.72
CA ALA C 365 -0.38 3.60 20.83
C ALA C 365 -1.50 2.77 21.40
N ARG C 366 -2.29 3.38 22.26
CA ARG C 366 -3.48 2.80 22.85
C ARG C 366 -4.60 2.65 21.81
N HIS C 367 -4.96 3.74 21.12
CA HIS C 367 -5.93 3.66 20.02
C HIS C 367 -5.50 2.58 19.02
N LEU C 368 -4.21 2.51 18.76
CA LEU C 368 -3.69 1.55 17.79
C LEU C 368 -3.98 0.12 18.21
N VAL C 369 -3.56 -0.28 19.41
CA VAL C 369 -3.81 -1.68 19.78
C VAL C 369 -5.28 -1.98 19.93
N ASN C 370 -6.05 -0.98 20.36
CA ASN C 370 -7.52 -1.11 20.41
C ASN C 370 -8.06 -1.43 19.01
N LEU C 371 -7.69 -0.60 18.04
CA LEU C 371 -8.21 -0.77 16.68
C LEU C 371 -7.73 -2.08 16.03
N GLU C 372 -6.56 -2.59 16.43
CA GLU C 372 -6.13 -3.91 15.97
C GLU C 372 -7.09 -5.03 16.40
N VAL C 373 -7.67 -4.93 17.61
CA VAL C 373 -8.71 -5.87 18.04
C VAL C 373 -10.08 -5.60 17.40
N VAL C 374 -10.50 -4.34 17.38
CA VAL C 374 -11.77 -3.93 16.78
C VAL C 374 -11.84 -4.45 15.33
N ASN C 375 -10.73 -4.37 14.61
CA ASN C 375 -10.68 -4.91 13.27
C ASN C 375 -10.86 -6.42 13.12
N THR C 376 -10.73 -7.16 14.22
CA THR C 376 -10.98 -8.60 14.21
C THR C 376 -12.26 -9.01 14.96
N TYR C 377 -13.09 -8.04 15.35
CA TYR C 377 -14.33 -8.34 16.06
C TYR C 377 -15.09 -9.45 15.35
N GLU C 378 -15.09 -9.40 14.03
CA GLU C 378 -15.95 -10.25 13.24
C GLU C 378 -15.16 -11.33 12.53
N GLY C 379 -13.96 -11.58 13.05
CA GLY C 379 -13.09 -12.64 12.51
C GLY C 379 -12.00 -12.05 11.63
N THR C 380 -11.24 -12.92 10.98
CA THR C 380 -10.11 -12.46 10.18
C THR C 380 -10.29 -12.79 8.69
N HIS C 381 -11.53 -13.05 8.28
CA HIS C 381 -11.81 -13.41 6.90
C HIS C 381 -12.52 -12.32 6.09
N ASP C 382 -12.51 -11.09 6.59
CA ASP C 382 -13.09 -9.94 5.88
C ASP C 382 -14.54 -10.22 5.47
N ILE C 383 -15.37 -10.53 6.46
CA ILE C 383 -16.76 -10.90 6.26
C ILE C 383 -17.50 -9.83 5.45
N HIS C 384 -17.14 -8.56 5.65
CA HIS C 384 -17.87 -7.52 5.01
C HIS C 384 -17.57 -7.40 3.52
N ALA C 385 -16.33 -7.62 3.13
CA ALA C 385 -15.97 -7.76 1.71
C ALA C 385 -16.82 -8.82 1.04
N LEU C 386 -16.97 -9.94 1.73
CA LEU C 386 -17.77 -11.07 1.19
C LEU C 386 -19.25 -10.74 1.10
N ILE C 387 -19.79 -10.02 2.08
CA ILE C 387 -21.16 -9.53 1.96
C ILE C 387 -21.29 -8.66 0.71
N LEU C 388 -20.31 -7.76 0.51
CA LEU C 388 -20.40 -6.82 -0.64
C LEU C 388 -20.16 -7.54 -1.98
N GLY C 389 -19.23 -8.50 -1.99
CA GLY C 389 -18.95 -9.34 -3.15
C GLY C 389 -20.19 -10.11 -3.60
N ARG C 390 -20.87 -10.70 -2.64
CA ARG C 390 -22.10 -11.43 -2.96
C ARG C 390 -23.20 -10.52 -3.43
N ALA C 391 -23.34 -9.34 -2.80
CA ALA C 391 -24.33 -8.38 -3.28
C ALA C 391 -24.08 -7.86 -4.70
N GLN C 392 -22.82 -7.80 -5.14
CA GLN C 392 -22.56 -7.25 -6.46
C GLN C 392 -22.72 -8.31 -7.53
N THR C 393 -22.34 -9.54 -7.18
CA THR C 393 -22.20 -10.60 -8.18
C THR C 393 -23.27 -11.69 -8.05
N GLY C 394 -23.99 -11.68 -6.93
CA GLY C 394 -24.88 -12.78 -6.56
C GLY C 394 -24.16 -13.93 -5.88
N ILE C 395 -22.84 -14.02 -5.98
CA ILE C 395 -22.16 -15.26 -5.61
C ILE C 395 -21.62 -15.26 -4.17
N GLN C 396 -22.04 -16.26 -3.38
CA GLN C 396 -21.39 -16.53 -2.09
C GLN C 396 -19.98 -17.05 -2.34
N ALA C 397 -18.96 -16.37 -1.85
CA ALA C 397 -17.56 -16.76 -2.15
C ALA C 397 -17.16 -18.10 -1.58
N PHE C 398 -16.44 -18.84 -2.42
CA PHE C 398 -15.87 -20.16 -2.14
C PHE C 398 -14.57 -20.07 -1.30
N ALA D 8 -35.36 -2.27 3.19
CA ALA D 8 -35.20 -1.60 1.88
C ALA D 8 -34.27 -2.42 1.00
N THR D 9 -34.28 -2.12 -0.29
CA THR D 9 -33.56 -2.92 -1.28
C THR D 9 -32.16 -2.34 -1.48
N PHE D 10 -31.17 -3.22 -1.58
CA PHE D 10 -29.80 -2.79 -1.86
C PHE D 10 -29.59 -2.48 -3.34
N HIS D 11 -28.95 -1.37 -3.64
CA HIS D 11 -28.60 -1.09 -5.01
C HIS D 11 -27.07 -1.20 -5.14
N TRP D 12 -26.54 -2.38 -5.50
CA TRP D 12 -25.07 -2.54 -5.56
C TRP D 12 -24.37 -1.43 -6.40
N ASP D 13 -25.05 -0.98 -7.45
CA ASP D 13 -24.51 0.02 -8.38
C ASP D 13 -24.63 1.49 -7.86
N ASP D 14 -25.39 1.70 -6.78
CA ASP D 14 -25.60 3.05 -6.22
C ASP D 14 -25.96 2.86 -4.74
N PRO D 15 -25.02 2.29 -3.94
CA PRO D 15 -25.34 1.91 -2.56
C PRO D 15 -25.95 3.02 -1.69
N LEU D 16 -25.50 4.27 -1.85
CA LEU D 16 -26.10 5.34 -1.06
C LEU D 16 -27.24 6.10 -1.76
N LEU D 17 -27.67 5.62 -2.91
CA LEU D 17 -28.81 6.21 -3.63
C LEU D 17 -28.53 7.67 -3.98
N LEU D 18 -27.38 7.88 -4.60
CA LEU D 18 -27.03 9.19 -5.09
C LEU D 18 -28.21 9.77 -5.92
N ASP D 19 -28.81 8.91 -6.72
CA ASP D 19 -29.91 9.28 -7.58
C ASP D 19 -31.03 9.99 -6.80
N GLN D 20 -31.32 9.49 -5.60
CA GLN D 20 -32.31 10.11 -4.72
C GLN D 20 -31.88 11.40 -4.05
N GLN D 21 -30.58 11.72 -4.01
CA GLN D 21 -30.15 13.01 -3.43
C GLN D 21 -30.12 14.14 -4.47
N LEU D 22 -30.52 13.83 -5.70
CA LEU D 22 -30.45 14.83 -6.76
C LEU D 22 -31.79 15.52 -6.92
N ALA D 23 -31.74 16.79 -7.32
CA ALA D 23 -32.94 17.50 -7.76
C ALA D 23 -33.39 16.96 -9.13
N ASP D 24 -34.67 17.20 -9.44
CA ASP D 24 -35.29 16.83 -10.71
C ASP D 24 -34.49 17.28 -11.93
N ASP D 25 -34.08 18.53 -11.96
CA ASP D 25 -33.38 19.07 -13.11
C ASP D 25 -31.97 18.48 -13.20
N GLU D 26 -31.32 18.28 -12.05
CA GLU D 26 -30.01 17.62 -12.00
C GLU D 26 -30.10 16.23 -12.64
N ARG D 27 -31.13 15.47 -12.27
CA ARG D 27 -31.32 14.13 -12.80
C ARG D 27 -31.52 14.16 -14.31
N MET D 28 -32.30 15.15 -14.80
CA MET D 28 -32.62 15.23 -16.22
C MET D 28 -31.37 15.50 -17.03
N VAL D 29 -30.57 16.44 -16.56
CA VAL D 29 -29.28 16.76 -17.17
C VAL D 29 -28.36 15.53 -17.22
N ARG D 30 -28.30 14.79 -16.12
CA ARG D 30 -27.53 13.55 -16.07
C ARG D 30 -27.98 12.55 -17.15
N ASP D 31 -29.29 12.38 -17.27
CA ASP D 31 -29.89 11.47 -18.25
C ASP D 31 -29.63 11.98 -19.68
N ALA D 32 -29.74 13.29 -19.88
CA ALA D 32 -29.37 13.90 -21.18
C ALA D 32 -27.90 13.65 -21.53
N ALA D 33 -26.98 13.93 -20.61
CA ALA D 33 -25.55 13.71 -20.88
C ALA D 33 -25.28 12.22 -21.15
N HIS D 34 -25.91 11.37 -20.38
CA HIS D 34 -25.77 9.95 -20.54
C HIS D 34 -26.23 9.45 -21.94
N ALA D 35 -27.41 9.92 -22.36
CA ALA D 35 -27.93 9.49 -23.67
C ALA D 35 -27.01 9.98 -24.76
N TYR D 36 -26.52 11.21 -24.63
CA TYR D 36 -25.58 11.72 -25.63
C TYR D 36 -24.26 10.91 -25.66
N ALA D 37 -23.64 10.74 -24.47
CA ALA D 37 -22.37 10.00 -24.39
C ALA D 37 -22.48 8.54 -24.92
N GLN D 38 -23.54 7.86 -24.55
CA GLN D 38 -23.74 6.47 -24.97
C GLN D 38 -24.20 6.39 -26.43
N GLY D 39 -25.04 7.31 -26.89
CA GLY D 39 -25.53 7.31 -28.28
C GLY D 39 -24.45 7.73 -29.28
N LYS D 40 -23.69 8.77 -28.95
CA LYS D 40 -22.77 9.41 -29.88
C LYS D 40 -21.28 9.14 -29.66
N LEU D 41 -20.83 9.19 -28.41
CA LEU D 41 -19.41 9.01 -28.07
C LEU D 41 -18.93 7.57 -28.01
N ALA D 42 -19.72 6.68 -27.41
CA ALA D 42 -19.27 5.30 -27.23
C ALA D 42 -19.04 4.57 -28.56
N PRO D 43 -19.88 4.80 -29.60
CA PRO D 43 -19.52 4.20 -30.91
C PRO D 43 -18.22 4.76 -31.56
N ARG D 44 -17.81 5.97 -31.18
CA ARG D 44 -16.61 6.58 -31.79
C ARG D 44 -15.33 6.25 -31.06
N VAL D 45 -15.41 5.94 -29.77
CA VAL D 45 -14.21 6.06 -28.94
C VAL D 45 -13.06 5.12 -29.32
N THR D 46 -13.39 3.85 -29.58
CA THR D 46 -12.32 2.89 -29.90
C THR D 46 -11.42 3.34 -31.07
N GLU D 47 -12.02 3.67 -32.20
CA GLU D 47 -11.25 4.12 -33.34
C GLU D 47 -10.56 5.46 -33.10
N ALA D 48 -11.26 6.39 -32.46
CA ALA D 48 -10.73 7.72 -32.19
C ALA D 48 -9.45 7.69 -31.36
N PHE D 49 -9.48 6.89 -30.31
CA PHE D 49 -8.33 6.69 -29.44
C PHE D 49 -7.19 6.01 -30.20
N ARG D 50 -7.51 4.89 -30.88
CA ARG D 50 -6.52 4.13 -31.61
C ARG D 50 -5.75 4.99 -32.61
N HIS D 51 -6.47 5.74 -33.43
CA HIS D 51 -5.81 6.51 -34.50
C HIS D 51 -5.56 7.97 -34.15
N GLU D 52 -5.85 8.36 -32.91
CA GLU D 52 -5.69 9.72 -32.42
C GLU D 52 -6.43 10.75 -33.31
N THR D 53 -7.63 10.36 -33.73
CA THR D 53 -8.48 11.28 -34.49
C THR D 53 -9.30 12.08 -33.50
N THR D 54 -9.91 13.13 -33.99
CA THR D 54 -10.72 14.03 -33.19
C THR D 54 -11.97 14.32 -34.00
N ASP D 55 -13.07 14.69 -33.37
CA ASP D 55 -14.25 15.07 -34.16
C ASP D 55 -14.96 16.26 -33.53
N ALA D 56 -14.42 17.45 -33.77
CA ALA D 56 -14.92 18.70 -33.15
C ALA D 56 -16.38 19.01 -33.45
N ALA D 57 -17.01 18.12 -34.23
CA ALA D 57 -18.44 18.06 -34.41
C ALA D 57 -19.04 17.82 -33.04
N ILE D 58 -18.24 17.19 -32.19
CA ILE D 58 -18.61 16.93 -30.80
C ILE D 58 -18.91 18.22 -30.02
N PHE D 59 -18.17 19.31 -30.29
CA PHE D 59 -18.49 20.59 -29.64
C PHE D 59 -19.89 21.07 -30.00
N ARG D 60 -20.17 21.10 -31.31
CA ARG D 60 -21.46 21.51 -31.82
C ARG D 60 -22.55 20.56 -31.30
N GLU D 61 -22.24 19.27 -31.21
CA GLU D 61 -23.18 18.26 -30.68
C GLU D 61 -23.53 18.51 -29.22
N MET D 62 -22.50 18.68 -28.39
CA MET D 62 -22.73 18.91 -26.97
C MET D 62 -23.41 20.25 -26.73
N GLY D 63 -23.00 21.26 -27.48
CA GLY D 63 -23.63 22.59 -27.39
C GLY D 63 -25.11 22.56 -27.72
N GLU D 64 -25.49 21.80 -28.76
CA GLU D 64 -26.91 21.65 -29.16
C GLU D 64 -27.76 21.11 -28.03
N ILE D 65 -27.19 20.20 -27.23
CA ILE D 65 -27.91 19.53 -26.14
C ILE D 65 -27.83 20.35 -24.84
N GLY D 66 -26.97 21.38 -24.84
CA GLY D 66 -26.91 22.31 -23.72
C GLY D 66 -26.04 21.78 -22.59
N LEU D 67 -24.88 21.24 -22.96
CA LEU D 67 -23.96 20.63 -22.01
C LEU D 67 -22.67 21.45 -21.85
N LEU D 68 -22.51 22.46 -22.72
CA LEU D 68 -21.35 23.31 -22.66
C LEU D 68 -21.59 24.50 -21.73
N GLY D 69 -20.62 24.74 -20.85
CA GLY D 69 -20.70 25.83 -19.87
C GLY D 69 -21.95 25.74 -19.03
N PRO D 70 -22.14 24.61 -18.32
CA PRO D 70 -23.43 24.38 -17.69
C PRO D 70 -23.84 25.41 -16.64
N THR D 71 -22.89 26.07 -15.99
CA THR D 71 -23.26 27.04 -14.98
C THR D 71 -23.45 28.46 -15.53
N ILE D 72 -23.23 28.66 -16.83
CA ILE D 72 -23.38 30.01 -17.43
C ILE D 72 -24.89 30.33 -17.59
N PRO D 73 -25.34 31.53 -17.13
CA PRO D 73 -26.77 31.87 -17.15
C PRO D 73 -27.40 31.85 -18.56
N GLU D 74 -28.70 31.58 -18.61
CA GLU D 74 -29.48 31.61 -19.86
C GLU D 74 -29.33 32.96 -20.55
N GLN D 75 -29.23 34.01 -19.77
CA GLN D 75 -28.97 35.35 -20.24
C GLN D 75 -27.92 35.35 -21.39
N TYR D 76 -26.87 34.54 -21.25
CA TYR D 76 -25.79 34.52 -22.24
C TYR D 76 -25.71 33.25 -23.06
N GLY D 77 -26.83 32.54 -23.15
CA GLY D 77 -26.93 31.35 -23.98
C GLY D 77 -26.57 30.04 -23.29
N GLY D 78 -26.16 30.13 -22.01
CA GLY D 78 -25.84 28.93 -21.23
C GLY D 78 -27.08 28.28 -20.69
N PRO D 79 -26.97 27.02 -20.18
CA PRO D 79 -28.18 26.39 -19.65
C PRO D 79 -28.60 26.89 -18.27
N GLY D 80 -27.76 27.70 -17.63
CA GLY D 80 -28.07 28.20 -16.31
C GLY D 80 -28.29 27.09 -15.29
N LEU D 81 -27.35 26.14 -15.22
CA LEU D 81 -27.47 25.04 -14.28
C LEU D 81 -26.53 25.26 -13.09
N ASP D 82 -26.68 24.43 -12.05
CA ASP D 82 -25.87 24.60 -10.83
C ASP D 82 -24.59 23.70 -10.85
N TYR D 83 -23.79 23.77 -9.79
CA TYR D 83 -22.50 23.07 -9.77
C TYR D 83 -22.62 21.55 -9.81
N VAL D 84 -23.68 21.01 -9.19
CA VAL D 84 -23.94 19.56 -9.18
C VAL D 84 -24.24 19.02 -10.60
N SER D 85 -25.03 19.78 -11.35
CA SER D 85 -25.25 19.48 -12.78
C SER D 85 -23.95 19.42 -13.59
N TYR D 86 -23.07 20.40 -13.39
CA TYR D 86 -21.76 20.36 -14.05
C TYR D 86 -21.04 19.05 -13.76
N GLY D 87 -21.01 18.65 -12.51
CA GLY D 87 -20.29 17.42 -12.18
C GLY D 87 -20.94 16.20 -12.79
N LEU D 88 -22.26 16.19 -12.83
CA LEU D 88 -22.96 15.02 -13.36
C LEU D 88 -22.67 14.83 -14.85
N ILE D 89 -22.57 15.95 -15.56
CA ILE D 89 -22.27 15.91 -16.99
C ILE D 89 -20.86 15.40 -17.18
N ALA D 90 -19.91 15.98 -16.44
CA ALA D 90 -18.50 15.55 -16.54
C ALA D 90 -18.35 14.03 -16.38
N ARG D 91 -19.04 13.52 -15.38
CA ARG D 91 -18.99 12.12 -15.04
C ARG D 91 -19.59 11.24 -16.17
N GLU D 92 -20.66 11.69 -16.83
CA GLU D 92 -21.26 10.86 -17.91
C GLU D 92 -20.36 10.84 -19.13
N VAL D 93 -19.72 11.97 -19.40
CA VAL D 93 -18.83 12.04 -20.54
C VAL D 93 -17.55 11.17 -20.30
N GLU D 94 -16.96 11.30 -19.10
CA GLU D 94 -15.73 10.57 -18.76
C GLU D 94 -15.94 9.05 -18.65
N ARG D 95 -17.14 8.65 -18.22
CA ARG D 95 -17.58 7.27 -18.25
C ARG D 95 -17.27 6.65 -19.62
N VAL D 96 -17.40 7.44 -20.68
CA VAL D 96 -16.97 7.01 -22.02
C VAL D 96 -15.47 7.23 -22.18
N ASP D 97 -14.99 8.48 -22.06
CA ASP D 97 -13.57 8.74 -22.21
C ASP D 97 -13.15 10.10 -21.62
N SER D 98 -12.00 10.11 -20.93
CA SER D 98 -11.42 11.34 -20.38
C SER D 98 -11.08 12.37 -21.44
N GLY D 99 -10.66 11.88 -22.63
CA GLY D 99 -10.34 12.78 -23.73
C GLY D 99 -11.51 13.68 -24.07
N TYR D 100 -12.71 13.10 -24.21
CA TYR D 100 -13.94 13.89 -24.43
C TYR D 100 -14.27 14.79 -23.26
N ARG D 101 -14.12 14.30 -22.03
CA ARG D 101 -14.38 15.16 -20.86
C ARG D 101 -13.42 16.36 -20.85
N SER D 102 -12.16 16.11 -21.16
CA SER D 102 -11.16 17.18 -21.24
C SER D 102 -11.56 18.31 -22.22
N MET D 103 -12.06 17.94 -23.39
CA MET D 103 -12.57 18.93 -24.37
C MET D 103 -13.63 19.82 -23.79
N MET D 104 -14.58 19.18 -23.11
CA MET D 104 -15.64 19.86 -22.42
C MET D 104 -15.20 20.71 -21.19
N SER D 105 -14.26 20.20 -20.37
CA SER D 105 -13.74 21.00 -19.23
C SER D 105 -13.13 22.29 -19.74
N VAL D 106 -12.35 22.18 -20.82
CA VAL D 106 -11.70 23.36 -21.44
C VAL D 106 -12.78 24.39 -21.80
N GLN D 107 -13.74 23.99 -22.64
CA GLN D 107 -14.81 24.89 -23.06
C GLN D 107 -15.50 25.54 -21.86
N SER D 108 -15.98 24.72 -20.93
CA SER D 108 -16.76 25.24 -19.80
C SER D 108 -15.95 26.04 -18.80
N SER D 109 -14.96 25.39 -18.15
CA SER D 109 -14.26 26.01 -17.01
C SER D 109 -13.10 26.92 -17.41
N LEU D 110 -12.44 26.61 -18.53
CA LEU D 110 -11.24 27.30 -18.88
C LEU D 110 -11.50 28.40 -19.92
N VAL D 111 -12.70 28.39 -20.52
CA VAL D 111 -13.01 29.45 -21.50
C VAL D 111 -14.25 30.26 -21.15
N MET D 112 -15.39 29.59 -21.01
CA MET D 112 -16.64 30.28 -20.69
C MET D 112 -16.66 30.93 -19.31
N VAL D 113 -16.10 30.22 -18.32
CA VAL D 113 -16.02 30.75 -16.95
C VAL D 113 -15.22 32.10 -16.83
N PRO D 114 -13.97 32.17 -17.32
CA PRO D 114 -13.25 33.47 -17.16
C PRO D 114 -13.86 34.62 -17.96
N ILE D 115 -14.55 34.31 -19.05
CA ILE D 115 -15.26 35.34 -19.84
C ILE D 115 -16.44 35.85 -19.05
N PHE D 116 -17.20 34.93 -18.47
CA PHE D 116 -18.35 35.32 -17.66
C PHE D 116 -17.97 36.06 -16.38
N GLU D 117 -16.89 35.62 -15.73
CA GLU D 117 -16.52 36.15 -14.42
C GLU D 117 -15.82 37.49 -14.53
N PHE D 118 -14.96 37.60 -15.52
CA PHE D 118 -14.01 38.69 -15.62
C PHE D 118 -14.26 39.58 -16.85
N GLY D 119 -15.11 39.14 -17.77
CA GLY D 119 -15.31 39.87 -19.01
C GLY D 119 -16.27 41.04 -18.91
N SER D 120 -16.20 41.93 -19.89
CA SER D 120 -17.13 43.05 -19.97
C SER D 120 -18.45 42.52 -20.50
N ASP D 121 -19.50 43.33 -20.41
CA ASP D 121 -20.80 42.98 -21.01
C ASP D 121 -20.72 42.68 -22.51
N ALA D 122 -19.89 43.45 -23.22
CA ALA D 122 -19.66 43.27 -24.67
C ALA D 122 -19.01 41.91 -24.96
N GLN D 123 -18.02 41.55 -24.15
CA GLN D 123 -17.32 40.26 -24.29
C GLN D 123 -18.28 39.08 -24.05
N LYS D 124 -19.00 39.16 -22.94
CA LYS D 124 -20.01 38.17 -22.60
C LYS D 124 -21.04 37.97 -23.71
N GLU D 125 -21.60 39.06 -24.24
CA GLU D 125 -22.60 38.96 -25.31
C GLU D 125 -22.02 38.45 -26.63
N LYS D 126 -20.78 38.81 -26.93
CA LYS D 126 -20.17 38.41 -28.17
C LYS D 126 -19.75 36.94 -28.16
N TYR D 127 -19.12 36.51 -27.07
CA TYR D 127 -18.50 35.19 -27.06
C TYR D 127 -19.31 34.05 -26.45
N LEU D 128 -20.02 34.29 -25.34
CA LEU D 128 -20.66 33.20 -24.62
C LEU D 128 -21.71 32.41 -25.42
N PRO D 129 -22.66 33.10 -26.11
CA PRO D 129 -23.73 32.35 -26.80
C PRO D 129 -23.20 31.34 -27.83
N LYS D 130 -22.13 31.69 -28.54
CA LYS D 130 -21.53 30.79 -29.54
C LYS D 130 -20.62 29.72 -28.93
N LEU D 131 -19.98 30.04 -27.80
CA LEU D 131 -19.30 28.98 -27.02
C LEU D 131 -20.29 27.95 -26.47
N ALA D 132 -21.43 28.43 -26.00
CA ALA D 132 -22.46 27.61 -25.42
C ALA D 132 -23.08 26.61 -26.42
N THR D 133 -23.21 27.00 -27.71
CA THR D 133 -23.79 26.10 -28.72
C THR D 133 -22.69 25.25 -29.32
N GLY D 134 -21.43 25.59 -29.04
CA GLY D 134 -20.32 24.84 -29.57
C GLY D 134 -19.98 25.24 -31.00
N GLU D 135 -20.59 26.35 -31.47
CA GLU D 135 -20.30 26.91 -32.79
C GLU D 135 -18.88 27.46 -32.85
N TRP D 136 -18.47 28.07 -31.74
CA TRP D 136 -17.07 28.47 -31.52
C TRP D 136 -16.40 27.59 -30.45
N ILE D 137 -15.18 27.17 -30.73
CA ILE D 137 -14.43 26.24 -29.87
C ILE D 137 -13.37 27.09 -29.17
N GLY D 138 -13.28 26.94 -27.85
CA GLY D 138 -12.36 27.73 -27.03
C GLY D 138 -11.13 26.95 -26.60
N CYS D 139 -10.04 27.66 -26.27
CA CYS D 139 -8.89 27.07 -25.60
C CYS D 139 -8.27 28.05 -24.60
N PHE D 140 -7.36 27.54 -23.79
CA PHE D 140 -6.91 28.23 -22.56
C PHE D 140 -5.40 28.17 -22.55
N GLY D 141 -4.76 29.33 -22.69
CA GLY D 141 -3.30 29.38 -22.80
C GLY D 141 -2.65 29.91 -21.53
N LEU D 142 -2.21 29.00 -20.69
CA LEU D 142 -1.57 29.34 -19.42
C LEU D 142 -0.13 28.82 -19.39
N THR D 143 0.01 27.51 -19.58
CA THR D 143 1.26 26.75 -19.51
C THR D 143 2.29 27.16 -20.58
N GLU D 144 3.55 27.26 -20.17
CA GLU D 144 4.63 27.62 -21.09
C GLU D 144 5.77 26.62 -21.07
N PRO D 145 6.43 26.42 -22.23
CA PRO D 145 7.56 25.50 -22.26
C PRO D 145 8.47 25.75 -21.06
N MET D 154 6.04 32.70 -15.98
CA MET D 154 5.32 33.14 -17.18
C MET D 154 6.08 34.26 -17.89
N VAL D 155 6.47 33.96 -19.13
CA VAL D 155 7.29 34.82 -19.98
C VAL D 155 6.46 35.57 -21.03
N THR D 156 5.30 35.02 -21.38
CA THR D 156 4.42 35.66 -22.37
C THR D 156 4.05 37.05 -21.84
N ARG D 157 4.32 38.07 -22.66
CA ARG D 157 4.11 39.46 -22.25
C ARG D 157 3.28 40.25 -23.22
N ALA D 158 2.33 40.99 -22.68
CA ALA D 158 1.58 41.98 -23.43
C ALA D 158 2.25 43.36 -23.31
N ARG D 159 2.25 44.10 -24.41
CA ARG D 159 2.71 45.48 -24.42
C ARG D 159 1.63 46.35 -25.06
N LYS D 160 1.54 47.59 -24.58
CA LYS D 160 0.54 48.52 -25.10
C LYS D 160 0.99 49.05 -26.47
N VAL D 161 0.05 49.12 -27.41
CA VAL D 161 0.24 49.67 -28.75
C VAL D 161 -1.01 50.47 -29.13
N PRO D 162 -0.96 51.28 -30.22
CA PRO D 162 -2.18 51.96 -30.67
C PRO D 162 -3.38 51.00 -30.73
N GLY D 163 -4.49 51.36 -30.08
CA GLY D 163 -5.75 50.61 -30.18
C GLY D 163 -5.86 49.35 -29.33
N GLY D 164 -4.76 48.89 -28.74
CA GLY D 164 -4.79 47.67 -27.92
C GLY D 164 -3.46 47.18 -27.39
N TYR D 165 -3.13 45.93 -27.72
CA TYR D 165 -1.95 45.23 -27.15
C TYR D 165 -1.26 44.31 -28.14
N SER D 166 0.05 44.18 -27.96
CA SER D 166 0.86 43.28 -28.74
C SER D 166 1.40 42.21 -27.79
N LEU D 167 1.12 40.94 -28.08
CA LEU D 167 1.56 39.84 -27.23
C LEU D 167 2.59 38.96 -27.92
N SER D 168 3.65 38.62 -27.20
CA SER D 168 4.69 37.73 -27.71
C SER D 168 5.08 36.65 -26.70
N GLY D 169 5.24 35.41 -27.18
CA GLY D 169 5.48 34.24 -26.32
C GLY D 169 4.84 32.94 -26.82
N SER D 170 4.98 31.88 -26.04
CA SER D 170 4.50 30.55 -26.38
C SER D 170 3.80 29.82 -25.22
N LYS D 171 2.62 29.28 -25.49
CA LYS D 171 1.98 28.34 -24.57
C LYS D 171 2.12 26.93 -25.12
N MET D 172 2.28 25.96 -24.23
CA MET D 172 2.48 24.55 -24.62
C MET D 172 1.45 23.59 -23.96
N TRP D 173 1.23 22.45 -24.62
CA TRP D 173 0.20 21.46 -24.23
C TRP D 173 -1.21 22.00 -24.05
N ILE D 174 -1.70 22.76 -25.03
CA ILE D 174 -3.00 23.40 -24.95
C ILE D 174 -4.07 22.52 -25.65
N THR D 175 -4.97 21.94 -24.87
CA THR D 175 -6.08 21.16 -25.39
C THR D 175 -7.00 22.07 -26.22
N ASN D 176 -7.36 21.56 -27.40
CA ASN D 176 -8.22 22.27 -28.37
C ASN D 176 -7.47 23.31 -29.23
N SER D 177 -6.24 23.68 -28.87
CA SER D 177 -5.65 24.86 -29.55
C SER D 177 -5.63 24.80 -31.11
N PRO D 178 -5.30 23.64 -31.73
CA PRO D 178 -5.23 23.63 -33.22
C PRO D 178 -6.58 23.75 -33.89
N ILE D 179 -7.66 23.58 -33.14
CA ILE D 179 -8.99 23.69 -33.69
C ILE D 179 -9.81 24.86 -33.09
N ALA D 180 -9.23 25.64 -32.17
CA ALA D 180 -10.03 26.65 -31.50
C ALA D 180 -10.24 27.93 -32.35
N ASP D 181 -11.39 28.54 -32.13
CA ASP D 181 -11.79 29.81 -32.71
C ASP D 181 -11.52 30.96 -31.74
N VAL D 182 -11.61 30.64 -30.45
CA VAL D 182 -11.48 31.64 -29.35
C VAL D 182 -10.35 31.18 -28.40
N PHE D 183 -9.40 32.07 -28.13
CA PHE D 183 -8.32 31.77 -27.21
C PHE D 183 -8.38 32.69 -25.98
N VAL D 184 -8.38 32.12 -24.77
CA VAL D 184 -8.20 32.93 -23.54
C VAL D 184 -6.74 32.78 -23.08
N VAL D 185 -5.93 33.81 -23.30
CA VAL D 185 -4.49 33.71 -23.04
C VAL D 185 -4.12 34.60 -21.87
N TRP D 186 -3.19 34.11 -21.06
CA TRP D 186 -2.71 34.79 -19.86
C TRP D 186 -1.28 35.26 -20.10
N ALA D 187 -1.10 36.57 -19.96
CA ALA D 187 0.15 37.26 -20.26
C ALA D 187 0.36 38.36 -19.21
N LYS D 188 1.63 38.60 -18.87
CA LYS D 188 2.01 39.67 -17.95
C LYS D 188 1.93 41.02 -18.65
N LEU D 189 1.29 41.98 -17.98
CA LEU D 189 1.22 43.35 -18.50
C LEU D 189 1.76 44.38 -17.49
N ASP D 190 2.72 45.15 -17.96
CA ASP D 190 3.37 46.22 -17.18
C ASP D 190 2.95 47.61 -17.68
N ASP D 195 3.36 45.24 -12.57
CA ASP D 195 3.43 44.21 -13.61
C ASP D 195 2.56 42.98 -13.26
N GLU D 196 1.36 42.93 -13.83
CA GLU D 196 0.40 41.88 -13.47
C GLU D 196 0.01 40.91 -14.59
N ILE D 197 -0.42 39.72 -14.18
CA ILE D 197 -1.06 38.75 -15.07
C ILE D 197 -2.45 39.23 -15.45
N ARG D 198 -2.68 39.28 -16.76
CA ARG D 198 -3.95 39.71 -17.28
C ARG D 198 -4.40 38.68 -18.33
N GLY D 199 -5.71 38.67 -18.56
CA GLY D 199 -6.30 37.76 -19.53
C GLY D 199 -6.80 38.51 -20.75
N PHE D 200 -6.58 37.88 -21.90
CA PHE D 200 -6.87 38.45 -23.22
C PHE D 200 -7.62 37.45 -24.08
N ILE D 201 -8.71 37.89 -24.72
CA ILE D 201 -9.43 37.10 -25.70
C ILE D 201 -8.87 37.33 -27.11
N LEU D 202 -8.36 36.26 -27.72
CA LEU D 202 -7.90 36.34 -29.11
C LEU D 202 -8.77 35.45 -29.99
N GLU D 203 -8.75 35.72 -31.29
CA GLU D 203 -9.52 34.90 -32.22
C GLU D 203 -8.61 34.27 -33.25
N LYS D 204 -9.05 33.12 -33.77
CA LYS D 204 -8.39 32.48 -34.91
C LYS D 204 -8.50 33.49 -36.05
N GLY D 205 -7.36 33.80 -36.65
CA GLY D 205 -7.32 34.77 -37.75
C GLY D 205 -6.64 36.06 -37.30
N CYS D 206 -6.27 36.11 -36.03
CA CYS D 206 -5.42 37.16 -35.52
C CYS D 206 -4.01 36.98 -36.06
N LYS D 207 -3.52 38.03 -36.69
CA LYS D 207 -2.18 38.03 -37.25
C LYS D 207 -1.15 38.06 -36.11
N GLY D 208 -0.21 37.13 -36.13
CA GLY D 208 0.72 37.00 -35.03
C GLY D 208 0.43 35.79 -34.15
N LEU D 209 -0.73 35.16 -34.35
CA LEU D 209 -1.16 33.99 -33.60
C LEU D 209 -1.11 32.72 -34.47
N SER D 210 -0.39 31.70 -34.01
CA SER D 210 -0.32 30.39 -34.67
C SER D 210 -0.60 29.27 -33.64
N ALA D 211 -1.44 28.28 -34.02
CA ALA D 211 -1.76 27.15 -33.13
C ALA D 211 -1.37 25.76 -33.69
N PRO D 212 -0.08 25.44 -33.75
CA PRO D 212 0.28 24.18 -34.41
C PRO D 212 -0.01 22.93 -33.56
N ALA D 213 -0.37 21.84 -34.23
CA ALA D 213 -0.81 20.60 -33.58
C ALA D 213 0.33 19.78 -32.99
N ILE D 214 0.04 19.05 -31.92
CA ILE D 214 0.95 18.03 -31.34
C ILE D 214 0.37 16.62 -31.49
N HIS D 215 1.10 15.72 -32.14
CA HIS D 215 0.65 14.34 -32.28
C HIS D 215 1.50 13.41 -31.42
N GLY D 216 1.10 12.14 -31.38
CA GLY D 216 1.83 11.07 -30.67
C GLY D 216 1.59 10.94 -29.17
N LYS D 217 0.41 11.34 -28.70
CA LYS D 217 0.12 11.26 -27.27
C LYS D 217 0.00 9.77 -26.82
N VAL D 218 0.27 9.48 -25.54
CA VAL D 218 0.07 8.15 -24.94
C VAL D 218 -1.36 8.04 -24.38
N GLY D 219 -1.77 9.03 -23.62
CA GLY D 219 -3.16 9.08 -23.14
C GLY D 219 -3.91 10.29 -23.70
N LEU D 220 -5.21 10.33 -23.43
CA LEU D 220 -6.10 11.40 -23.95
C LEU D 220 -5.98 11.55 -25.47
N ARG D 221 -5.85 10.41 -26.13
CA ARG D 221 -5.67 10.39 -27.57
C ARG D 221 -6.88 10.86 -28.37
N ALA D 222 -8.04 10.87 -27.73
CA ALA D 222 -9.28 11.30 -28.37
C ALA D 222 -9.44 12.82 -28.40
N SER D 223 -8.56 13.55 -27.71
CA SER D 223 -8.60 15.01 -27.77
C SER D 223 -7.39 15.47 -28.53
N ILE D 224 -7.51 16.60 -29.23
CA ILE D 224 -6.38 17.16 -29.93
C ILE D 224 -5.74 18.29 -29.09
N THR D 225 -4.42 18.30 -29.11
CA THR D 225 -3.65 19.26 -28.34
C THR D 225 -2.62 19.93 -29.24
N GLY D 226 -2.27 21.18 -28.92
CA GLY D 226 -1.19 21.86 -29.66
C GLY D 226 -0.53 23.00 -28.89
N GLU D 227 0.16 23.86 -29.63
CA GLU D 227 0.74 25.06 -29.04
C GLU D 227 -0.08 26.32 -29.31
N ILE D 228 0.32 27.39 -28.62
CA ILE D 228 -0.08 28.73 -29.02
C ILE D 228 1.19 29.52 -29.11
N VAL D 229 1.54 29.93 -30.34
CA VAL D 229 2.72 30.76 -30.58
C VAL D 229 2.25 32.18 -30.88
N LEU D 230 2.76 33.12 -30.08
CA LEU D 230 2.39 34.51 -30.19
C LEU D 230 3.61 35.35 -30.54
N ASP D 231 3.54 36.01 -31.70
CA ASP D 231 4.62 36.87 -32.18
C ASP D 231 4.01 38.20 -32.59
N GLU D 232 4.01 39.17 -31.67
CA GLU D 232 3.33 40.46 -31.87
C GLU D 232 1.86 40.31 -32.29
N ALA D 233 1.14 39.45 -31.57
CA ALA D 233 -0.26 39.26 -31.88
C ALA D 233 -1.03 40.46 -31.36
N PHE D 234 -1.75 41.11 -32.27
CA PHE D 234 -2.56 42.27 -31.92
C PHE D 234 -3.82 41.84 -31.18
N VAL D 235 -4.07 42.47 -30.04
CA VAL D 235 -5.33 42.32 -29.30
C VAL D 235 -5.93 43.72 -29.12
N PRO D 236 -7.13 43.95 -29.67
CA PRO D 236 -7.90 45.18 -29.50
C PRO D 236 -8.17 45.46 -28.02
N GLU D 237 -8.24 46.75 -27.66
CA GLU D 237 -8.51 47.15 -26.28
C GLU D 237 -9.81 46.53 -25.73
N GLU D 238 -10.84 46.42 -26.57
CA GLU D 238 -12.09 45.75 -26.17
C GLU D 238 -11.94 44.23 -25.87
N ASN D 239 -10.72 43.70 -25.93
CA ASN D 239 -10.49 42.23 -25.79
C ASN D 239 -9.68 41.82 -24.55
N ILE D 240 -9.29 42.80 -23.74
CA ILE D 240 -8.67 42.50 -22.47
C ILE D 240 -9.79 42.26 -21.47
N LEU D 241 -9.66 41.23 -20.64
CA LEU D 241 -10.62 40.99 -19.60
C LEU D 241 -10.49 42.14 -18.58
N PRO D 242 -11.52 42.99 -18.47
CA PRO D 242 -11.37 44.19 -17.59
C PRO D 242 -11.36 43.90 -16.07
N HIS D 243 -12.01 42.82 -15.62
CA HIS D 243 -12.28 42.64 -14.19
C HIS D 243 -11.46 41.59 -13.42
N VAL D 244 -10.20 41.38 -13.80
CA VAL D 244 -9.29 40.55 -13.02
C VAL D 244 -7.83 40.88 -13.31
N LYS D 245 -6.98 40.74 -12.30
CA LYS D 245 -5.54 40.83 -12.45
C LYS D 245 -4.86 39.83 -11.52
N GLY D 246 -3.65 39.38 -11.86
CA GLY D 246 -2.90 38.45 -11.00
C GLY D 246 -3.37 36.99 -11.03
N LEU D 247 -2.80 36.19 -10.12
CA LEU D 247 -3.06 34.74 -9.99
C LEU D 247 -4.52 34.34 -9.95
N ARG D 248 -5.35 35.25 -9.46
CA ARG D 248 -6.76 35.04 -9.34
C ARG D 248 -7.47 34.62 -10.66
N GLY D 249 -7.06 35.21 -11.77
CA GLY D 249 -7.67 34.89 -13.05
C GLY D 249 -7.51 33.41 -13.39
N PRO D 250 -6.27 32.95 -13.61
CA PRO D 250 -6.05 31.55 -14.00
C PRO D 250 -6.48 30.55 -12.92
N PHE D 251 -6.28 30.91 -11.65
CA PHE D 251 -6.65 30.00 -10.55
C PHE D 251 -8.14 29.75 -10.46
N THR D 252 -8.95 30.79 -10.67
CA THR D 252 -10.38 30.59 -10.68
C THR D 252 -10.78 29.58 -11.78
N CYS D 253 -10.15 29.71 -12.94
CA CYS D 253 -10.40 28.78 -14.04
C CYS D 253 -10.04 27.35 -13.64
N LEU D 254 -8.81 27.17 -13.15
CA LEU D 254 -8.29 25.85 -12.80
C LEU D 254 -9.11 25.23 -11.67
N ASN D 255 -9.49 26.06 -10.71
CA ASN D 255 -10.32 25.60 -9.57
C ASN D 255 -11.64 25.03 -10.08
N SER D 256 -12.19 25.68 -11.09
CA SER D 256 -13.43 25.23 -11.67
C SER D 256 -13.21 23.94 -12.45
N ALA D 257 -12.14 23.87 -13.25
CA ALA D 257 -11.86 22.65 -14.01
C ALA D 257 -11.64 21.47 -13.07
N ARG D 258 -10.86 21.69 -12.01
CA ARG D 258 -10.58 20.60 -11.05
C ARG D 258 -11.82 19.98 -10.49
N TYR D 259 -12.80 20.84 -10.19
CA TYR D 259 -14.09 20.36 -9.72
C TYR D 259 -14.78 19.40 -10.72
N GLY D 260 -14.82 19.80 -11.98
CA GLY D 260 -15.37 18.88 -12.98
C GLY D 260 -14.59 17.57 -13.14
N ILE D 261 -13.26 17.68 -13.08
CA ILE D 261 -12.38 16.52 -13.15
C ILE D 261 -12.58 15.57 -11.96
N ALA D 262 -12.81 16.13 -10.78
CA ALA D 262 -13.18 15.32 -9.59
C ALA D 262 -14.42 14.43 -9.79
N TRP D 263 -15.47 14.97 -10.43
CA TRP D 263 -16.60 14.11 -10.82
C TRP D 263 -16.25 13.18 -11.97
N GLY D 264 -15.58 13.72 -12.97
CA GLY D 264 -15.27 13.02 -14.21
C GLY D 264 -14.53 11.74 -13.90
N ALA D 265 -13.50 11.86 -13.07
CA ALA D 265 -12.60 10.73 -12.83
C ALA D 265 -13.35 9.57 -12.17
N LEU D 266 -14.40 9.92 -11.40
CA LEU D 266 -15.24 8.88 -10.78
C LEU D 266 -16.09 8.15 -11.82
N GLY D 267 -16.42 8.82 -12.93
CA GLY D 267 -17.12 8.14 -14.04
C GLY D 267 -16.25 7.11 -14.71
N ALA D 268 -14.99 7.46 -14.94
CA ALA D 268 -14.03 6.54 -15.54
C ALA D 268 -13.78 5.38 -14.58
N ALA D 269 -13.70 5.68 -13.27
CA ALA D 269 -13.54 4.62 -12.24
C ALA D 269 -14.74 3.64 -12.29
N GLU D 270 -15.96 4.20 -12.37
CA GLU D 270 -17.16 3.38 -12.50
C GLU D 270 -17.11 2.49 -13.73
N SER D 271 -16.68 3.02 -14.88
CA SER D 271 -16.57 2.12 -16.06
C SER D 271 -15.62 0.96 -15.80
N CYS D 272 -14.43 1.24 -15.27
CA CYS D 272 -13.47 0.18 -14.94
C CYS D 272 -14.02 -0.86 -13.97
N TRP D 273 -14.69 -0.38 -12.93
CA TRP D 273 -15.32 -1.27 -11.99
C TRP D 273 -16.41 -2.15 -12.66
N HIS D 274 -17.30 -1.52 -13.44
CA HIS D 274 -18.28 -2.31 -14.19
C HIS D 274 -17.66 -3.33 -15.17
N ILE D 275 -16.60 -2.91 -15.87
CA ILE D 275 -15.93 -3.80 -16.80
C ILE D 275 -15.31 -4.98 -16.06
N ALA D 276 -14.59 -4.67 -14.97
CA ALA D 276 -14.01 -5.73 -14.18
C ALA D 276 -15.07 -6.67 -13.62
N ARG D 277 -16.17 -6.10 -13.11
CA ARG D 277 -17.20 -6.91 -12.48
C ARG D 277 -17.80 -7.89 -13.53
N GLN D 278 -18.18 -7.36 -14.68
CA GLN D 278 -18.72 -8.15 -15.80
C GLN D 278 -17.73 -9.22 -16.26
N TYR D 279 -16.45 -8.88 -16.34
CA TYR D 279 -15.41 -9.82 -16.75
C TYR D 279 -15.33 -11.04 -15.82
N VAL D 280 -15.33 -10.79 -14.51
CA VAL D 280 -15.21 -11.90 -13.57
C VAL D 280 -16.49 -12.72 -13.45
N LEU D 281 -17.59 -12.18 -13.94
CA LEU D 281 -18.84 -12.94 -14.03
C LEU D 281 -18.82 -13.84 -15.26
N ASP D 282 -18.29 -13.31 -16.36
CA ASP D 282 -18.25 -14.03 -17.64
C ASP D 282 -17.17 -15.09 -17.70
N ARG D 283 -16.08 -14.90 -16.97
CA ARG D 283 -14.99 -15.87 -17.04
C ARG D 283 -15.06 -16.83 -15.87
N LYS D 284 -14.67 -18.06 -16.13
CA LYS D 284 -14.70 -19.15 -15.16
C LYS D 284 -13.32 -19.75 -15.02
N GLN D 285 -12.97 -20.18 -13.81
CA GLN D 285 -11.84 -21.07 -13.55
C GLN D 285 -12.30 -22.09 -12.51
N PHE D 286 -11.72 -23.29 -12.58
CA PHE D 286 -12.12 -24.45 -11.75
C PHE D 286 -13.64 -24.69 -11.68
N GLY D 287 -14.33 -24.54 -12.82
CA GLY D 287 -15.78 -24.76 -12.90
C GLY D 287 -16.68 -23.71 -12.25
N ARG D 288 -16.09 -22.62 -11.75
CA ARG D 288 -16.88 -21.52 -11.17
C ARG D 288 -16.53 -20.16 -11.77
N PRO D 289 -17.49 -19.20 -11.80
CA PRO D 289 -17.14 -17.86 -12.28
C PRO D 289 -15.95 -17.31 -11.46
N LEU D 290 -15.09 -16.51 -12.09
CA LEU D 290 -13.96 -15.89 -11.37
C LEU D 290 -14.44 -15.13 -10.15
N ALA D 291 -15.62 -14.52 -10.28
CA ALA D 291 -16.29 -13.77 -9.21
C ALA D 291 -16.50 -14.56 -7.93
N ALA D 292 -16.35 -15.90 -7.97
CA ALA D 292 -16.53 -16.72 -6.75
C ALA D 292 -15.31 -16.63 -5.83
N ASN D 293 -14.20 -16.16 -6.39
CA ASN D 293 -12.97 -16.08 -5.65
C ASN D 293 -12.96 -14.98 -4.58
N GLN D 294 -12.45 -15.35 -3.40
CA GLN D 294 -12.38 -14.49 -2.23
C GLN D 294 -11.61 -13.17 -2.46
N LEU D 295 -10.49 -13.27 -3.15
CA LEU D 295 -9.63 -12.11 -3.40
C LEU D 295 -10.27 -11.19 -4.42
N ILE D 296 -10.94 -11.77 -5.41
CA ILE D 296 -11.66 -10.98 -6.39
C ILE D 296 -12.75 -10.17 -5.71
N GLN D 297 -13.51 -10.80 -4.82
CA GLN D 297 -14.57 -10.08 -4.14
C GLN D 297 -14.07 -8.95 -3.27
N LYS D 298 -12.96 -9.15 -2.58
CA LYS D 298 -12.29 -8.05 -1.88
C LYS D 298 -11.99 -6.82 -2.81
N LYS D 299 -11.43 -7.07 -4.00
CA LYS D 299 -11.10 -5.98 -4.92
C LYS D 299 -12.38 -5.27 -5.36
N LEU D 300 -13.41 -6.06 -5.65
CA LEU D 300 -14.71 -5.47 -6.00
C LEU D 300 -15.32 -4.66 -4.89
N ALA D 301 -15.21 -5.16 -3.66
CA ALA D 301 -15.70 -4.40 -2.49
C ALA D 301 -14.96 -3.05 -2.29
N ASP D 302 -13.65 -3.07 -2.53
CA ASP D 302 -12.80 -1.84 -2.50
C ASP D 302 -13.17 -0.87 -3.60
N MET D 303 -13.35 -1.39 -4.81
CA MET D 303 -13.78 -0.53 -5.92
C MET D 303 -15.08 0.20 -5.59
N GLN D 304 -16.08 -0.60 -5.18
CA GLN D 304 -17.41 -0.08 -4.83
C GLN D 304 -17.32 0.94 -3.68
N THR D 305 -16.54 0.61 -2.65
CA THR D 305 -16.47 1.52 -1.52
C THR D 305 -15.85 2.87 -1.89
N GLU D 306 -14.72 2.86 -2.59
CA GLU D 306 -14.03 4.14 -2.87
C GLU D 306 -14.87 5.02 -3.79
N ILE D 307 -15.56 4.40 -4.74
CA ILE D 307 -16.46 5.17 -5.66
C ILE D 307 -17.63 5.78 -4.90
N THR D 308 -18.23 4.97 -4.04
CA THR D 308 -19.39 5.38 -3.25
C THR D 308 -19.05 6.58 -2.37
N LEU D 309 -17.95 6.50 -1.60
CA LEU D 309 -17.53 7.59 -0.71
C LEU D 309 -17.04 8.80 -1.50
N GLY D 310 -16.35 8.54 -2.61
CA GLY D 310 -15.90 9.63 -3.50
C GLY D 310 -17.06 10.46 -4.06
N LEU D 311 -18.10 9.76 -4.48
CA LEU D 311 -19.32 10.43 -4.98
C LEU D 311 -19.98 11.30 -3.92
N GLN D 312 -20.13 10.78 -2.71
CA GLN D 312 -20.64 11.60 -1.59
C GLN D 312 -19.84 12.86 -1.35
N GLY D 313 -18.52 12.77 -1.48
CA GLY D 313 -17.66 13.95 -1.32
C GLY D 313 -17.80 15.02 -2.41
N VAL D 314 -17.84 14.58 -3.67
CA VAL D 314 -18.00 15.57 -4.75
C VAL D 314 -19.42 16.14 -4.75
N LEU D 315 -20.44 15.35 -4.36
CA LEU D 315 -21.82 15.88 -4.23
C LEU D 315 -21.90 16.98 -3.15
N ARG D 316 -21.32 16.69 -1.99
CA ARG D 316 -21.28 17.66 -0.91
C ARG D 316 -20.52 18.92 -1.32
N LEU D 317 -19.36 18.76 -1.97
CA LEU D 317 -18.61 19.91 -2.51
C LEU D 317 -19.47 20.76 -3.49
N GLY D 318 -20.12 20.11 -4.45
CA GLY D 318 -21.03 20.79 -5.36
C GLY D 318 -22.11 21.59 -4.63
N ARG D 319 -22.68 21.00 -3.58
CA ARG D 319 -23.73 21.67 -2.78
C ARG D 319 -23.17 22.92 -2.10
N MET D 320 -21.98 22.78 -1.53
CA MET D 320 -21.33 23.89 -0.84
C MET D 320 -20.98 25.00 -1.81
N LYS D 321 -20.43 24.62 -2.98
CA LYS D 321 -20.16 25.60 -4.04
C LYS D 321 -21.43 26.35 -4.42
N ASP D 322 -22.53 25.63 -4.62
CA ASP D 322 -23.83 26.25 -4.91
C ASP D 322 -24.33 27.20 -3.80
N GLU D 323 -24.02 26.89 -2.54
CA GLU D 323 -24.43 27.79 -1.43
C GLU D 323 -23.39 28.84 -1.00
N GLY D 324 -22.23 28.87 -1.65
CA GLY D 324 -21.15 29.82 -1.30
C GLY D 324 -20.31 29.53 -0.06
N THR D 325 -20.35 28.29 0.44
CA THR D 325 -19.64 27.92 1.65
C THR D 325 -18.35 27.13 1.43
N ALA D 326 -18.01 26.86 0.18
CA ALA D 326 -16.87 25.99 -0.12
C ALA D 326 -15.60 26.79 -0.33
N ALA D 327 -14.64 26.66 0.58
CA ALA D 327 -13.28 27.15 0.35
C ALA D 327 -12.55 26.33 -0.74
N VAL D 328 -11.59 26.99 -1.37
CA VAL D 328 -10.84 26.43 -2.48
C VAL D 328 -10.10 25.15 -2.12
N GLU D 329 -9.68 25.03 -0.84
CA GLU D 329 -8.89 23.85 -0.43
C GLU D 329 -9.73 22.58 -0.52
N ILE D 330 -11.05 22.70 -0.45
CA ILE D 330 -11.86 21.49 -0.53
C ILE D 330 -11.75 20.85 -1.91
N THR D 331 -11.61 21.68 -2.96
CA THR D 331 -11.42 21.13 -4.27
C THR D 331 -10.17 20.26 -4.32
N SER D 332 -9.12 20.67 -3.61
CA SER D 332 -7.89 19.85 -3.48
C SER D 332 -8.14 18.48 -2.89
N ILE D 333 -8.92 18.41 -1.81
CA ILE D 333 -9.27 17.12 -1.25
C ILE D 333 -9.94 16.22 -2.32
N MET D 334 -10.95 16.76 -3.00
CA MET D 334 -11.76 15.91 -3.91
C MET D 334 -11.04 15.57 -5.21
N LYS D 335 -10.34 16.54 -5.76
CA LYS D 335 -9.61 16.32 -7.00
C LYS D 335 -8.53 15.26 -6.77
N ARG D 336 -7.75 15.45 -5.69
CA ARG D 336 -6.70 14.46 -5.36
C ARG D 336 -7.30 13.08 -5.13
N ASN D 337 -8.34 13.01 -4.31
CA ASN D 337 -8.97 11.72 -4.02
C ASN D 337 -9.58 11.04 -5.27
N SER D 338 -10.41 11.76 -6.03
CA SER D 338 -11.05 11.14 -7.24
C SER D 338 -9.99 10.65 -8.22
N CYS D 339 -9.00 11.49 -8.50
CA CYS D 339 -7.98 11.09 -9.47
C CYS D 339 -7.16 9.94 -8.93
N GLY D 340 -6.70 10.02 -7.68
CA GLY D 340 -5.84 8.99 -7.05
C GLY D 340 -6.60 7.65 -6.96
N LYS D 341 -7.82 7.67 -6.43
CA LYS D 341 -8.62 6.44 -6.31
C LYS D 341 -9.07 5.87 -7.68
N ALA D 342 -9.45 6.74 -8.63
CA ALA D 342 -9.80 6.20 -9.97
C ALA D 342 -8.64 5.43 -10.61
N LEU D 343 -7.44 6.02 -10.54
CA LEU D 343 -6.25 5.36 -11.11
C LEU D 343 -6.00 4.04 -10.39
N ASP D 344 -6.08 4.04 -9.06
CA ASP D 344 -5.92 2.80 -8.30
C ASP D 344 -6.92 1.74 -8.79
N ILE D 345 -8.18 2.17 -8.97
CA ILE D 345 -9.22 1.26 -9.48
C ILE D 345 -8.96 0.78 -10.92
N ALA D 346 -8.51 1.70 -11.79
CA ALA D 346 -8.22 1.31 -13.18
C ALA D 346 -7.09 0.23 -13.15
N ARG D 347 -6.14 0.41 -12.24
CA ARG D 347 -5.01 -0.54 -12.12
C ARG D 347 -5.43 -1.88 -11.52
N LEU D 348 -6.32 -1.84 -10.52
CA LEU D 348 -6.89 -3.05 -9.96
C LEU D 348 -7.65 -3.84 -11.03
N ALA D 349 -8.48 -3.15 -11.81
CA ALA D 349 -9.25 -3.79 -12.85
C ALA D 349 -8.33 -4.34 -13.94
N ARG D 350 -7.32 -3.56 -14.35
CA ARG D 350 -6.35 -4.03 -15.36
C ARG D 350 -5.67 -5.34 -14.96
N ASP D 351 -5.27 -5.43 -13.71
CA ASP D 351 -4.52 -6.60 -13.20
C ASP D 351 -5.38 -7.85 -13.05
N MET D 352 -6.70 -7.67 -13.11
CA MET D 352 -7.66 -8.78 -13.13
C MET D 352 -7.83 -9.37 -14.51
N LEU D 353 -7.41 -8.67 -15.55
CA LEU D 353 -7.62 -9.17 -16.93
C LEU D 353 -6.45 -9.98 -17.49
N GLY D 354 -6.78 -11.10 -18.13
CA GLY D 354 -5.77 -12.08 -18.56
C GLY D 354 -5.36 -12.10 -20.02
N GLY D 355 -6.02 -11.29 -20.86
CA GLY D 355 -5.72 -11.26 -22.30
C GLY D 355 -4.68 -10.20 -22.64
N ASN D 356 -4.79 -9.58 -23.82
CA ASN D 356 -3.87 -8.53 -24.25
C ASN D 356 -4.45 -7.74 -25.44
N GLY D 357 -5.48 -6.95 -25.16
CA GLY D 357 -5.96 -5.95 -26.11
C GLY D 357 -7.13 -6.22 -27.04
N ILE D 358 -7.53 -7.46 -27.25
CA ILE D 358 -8.56 -7.62 -28.32
C ILE D 358 -9.99 -7.48 -27.77
N SER D 359 -10.25 -8.16 -26.66
CA SER D 359 -11.61 -8.21 -26.18
C SER D 359 -12.03 -6.84 -25.65
N ASP D 360 -13.34 -6.65 -25.56
CA ASP D 360 -13.95 -5.39 -25.17
C ASP D 360 -13.51 -4.96 -23.77
N GLU D 361 -13.16 -5.92 -22.93
CA GLU D 361 -12.74 -5.61 -21.56
C GLU D 361 -11.50 -4.69 -21.55
N PHE D 362 -10.68 -4.75 -22.61
CA PHE D 362 -9.55 -3.83 -22.73
C PHE D 362 -9.84 -2.33 -22.86
N GLY D 363 -11.14 -1.95 -22.89
CA GLY D 363 -11.51 -0.56 -22.65
C GLY D 363 -10.85 -0.08 -21.34
N VAL D 364 -10.60 -1.02 -20.43
CA VAL D 364 -9.95 -0.68 -19.16
C VAL D 364 -8.56 -0.11 -19.40
N ALA D 365 -7.85 -0.63 -20.40
CA ALA D 365 -6.48 -0.15 -20.69
C ALA D 365 -6.50 1.23 -21.26
N ARG D 366 -7.59 1.61 -21.94
CA ARG D 366 -7.69 2.97 -22.47
C ARG D 366 -7.94 3.93 -21.31
N HIS D 367 -8.92 3.60 -20.45
CA HIS D 367 -9.21 4.40 -19.28
C HIS D 367 -7.95 4.56 -18.43
N LEU D 368 -7.19 3.47 -18.29
CA LEU D 368 -5.99 3.49 -17.43
C LEU D 368 -4.94 4.53 -17.93
N VAL D 369 -4.59 4.45 -19.22
CA VAL D 369 -3.64 5.43 -19.79
C VAL D 369 -4.19 6.83 -19.74
N ASN D 370 -5.48 7.01 -19.95
CA ASN D 370 -6.06 8.34 -19.79
C ASN D 370 -5.85 8.89 -18.38
N LEU D 371 -6.15 8.04 -17.39
CA LEU D 371 -6.09 8.46 -15.99
C LEU D 371 -4.66 8.66 -15.52
N GLU D 372 -3.73 7.90 -16.10
CA GLU D 372 -2.32 8.14 -15.85
C GLU D 372 -1.91 9.58 -16.28
N VAL D 373 -2.47 10.08 -17.38
CA VAL D 373 -2.23 11.45 -17.81
C VAL D 373 -3.00 12.41 -16.91
N VAL D 374 -4.27 12.10 -16.62
CA VAL D 374 -5.11 13.03 -15.82
C VAL D 374 -4.50 13.32 -14.45
N ASN D 375 -3.93 12.27 -13.86
CA ASN D 375 -3.32 12.36 -12.55
C ASN D 375 -2.02 13.09 -12.52
N THR D 376 -1.38 13.18 -13.67
CA THR D 376 0.01 13.54 -13.79
C THR D 376 0.05 14.85 -14.55
N TYR D 377 -1.05 15.62 -14.47
CA TYR D 377 -1.21 16.88 -15.21
C TYR D 377 -0.53 18.03 -14.47
N GLU D 378 -0.74 18.09 -13.16
CA GLU D 378 -0.32 19.23 -12.32
C GLU D 378 0.89 18.87 -11.45
N HIS D 381 4.88 15.30 -8.27
CA HIS D 381 4.48 16.64 -7.82
C HIS D 381 3.66 16.61 -6.51
N ASP D 382 2.53 15.88 -6.53
CA ASP D 382 1.43 15.91 -5.50
C ASP D 382 1.19 17.28 -4.85
N ILE D 383 0.96 18.26 -5.72
CA ILE D 383 0.62 19.63 -5.34
C ILE D 383 -0.54 19.69 -4.35
N HIS D 384 -1.53 18.81 -4.52
CA HIS D 384 -2.74 18.87 -3.71
C HIS D 384 -2.49 18.38 -2.28
N ALA D 385 -1.66 17.38 -2.11
CA ALA D 385 -1.22 17.01 -0.75
C ALA D 385 -0.57 18.18 0.00
N LEU D 386 0.24 18.95 -0.72
CA LEU D 386 0.93 20.10 -0.12
C LEU D 386 0.05 21.32 0.12
N ILE D 387 -0.94 21.53 -0.75
CA ILE D 387 -1.95 22.55 -0.49
C ILE D 387 -2.66 22.18 0.82
N LEU D 388 -3.02 20.90 0.96
CA LEU D 388 -3.68 20.47 2.20
C LEU D 388 -2.75 20.51 3.43
N GLY D 389 -1.50 20.07 3.26
CA GLY D 389 -0.50 20.15 4.33
C GLY D 389 -0.29 21.60 4.82
N ARG D 390 -0.19 22.53 3.89
CA ARG D 390 -0.03 23.92 4.27
C ARG D 390 -1.24 24.40 5.07
N ALA D 391 -2.45 24.15 4.54
CA ALA D 391 -3.70 24.52 5.25
C ALA D 391 -3.84 23.95 6.68
N GLN D 392 -3.21 22.82 6.96
CA GLN D 392 -3.33 22.18 8.29
C GLN D 392 -2.26 22.69 9.26
N THR D 393 -1.10 23.06 8.71
CA THR D 393 0.11 23.32 9.50
C THR D 393 0.57 24.78 9.49
N GLY D 394 -0.02 25.60 8.61
CA GLY D 394 0.45 26.97 8.43
C GLY D 394 1.83 27.11 7.80
N ILE D 395 2.41 26.01 7.32
CA ILE D 395 3.75 25.99 6.71
C ILE D 395 3.76 25.47 5.27
N GLN D 396 4.35 26.25 4.38
CA GLN D 396 4.46 25.93 2.97
C GLN D 396 5.64 24.95 2.74
N ALA D 397 5.41 23.92 1.91
CA ALA D 397 6.47 22.93 1.61
C ALA D 397 6.61 22.53 0.15
C2 UFO E . -13.03 -8.20 22.80
C1 UFO E . -12.30 -9.12 22.03
C5 UFO E . -14.23 -9.47 20.61
C4 UFO E . -14.96 -8.56 21.39
C3 UFO E . -14.36 -7.92 22.47
N14 UFO E . -11.16 -8.07 24.33
C13 UFO E . -12.45 -7.48 24.00
N7 UFO E . -14.89 -10.11 19.52
C12 UFO E . -16.27 -9.75 19.21
C8 UFO E . -14.24 -11.14 18.72
C9 UFO E . -12.85 -11.60 19.23
N10 UFO E . -12.18 -10.69 20.15
C11 UFO E . -10.73 -10.79 20.29
C6 UFO E . -12.90 -9.76 20.94
C2 UFO F . 2.41 -20.27 -19.05
C1 UFO F . 3.47 -19.45 -18.62
C5 UFO F . 4.19 -19.13 -20.92
C4 UFO F . 3.14 -19.94 -21.35
C3 UFO F . 2.25 -20.51 -20.42
N14 UFO F . 1.90 -21.05 -16.74
C13 UFO F . 1.41 -20.93 -18.10
N7 UFO F . 5.09 -18.53 -21.85
C12 UFO F . 4.84 -18.51 -23.30
C8 UFO F . 6.33 -17.90 -21.38
C9 UFO F . 6.03 -17.12 -20.11
N10 UFO F . 5.44 -18.06 -19.15
C11 UFO F . 5.95 -18.06 -17.79
C6 UFO F . 4.37 -18.89 -19.55
C2 UFO G . 1.67 -12.88 -24.97
C1 UFO G . 0.47 -12.75 -24.24
C5 UFO G . 1.08 -14.70 -22.93
C4 UFO G . 2.27 -14.81 -23.66
C3 UFO G . 2.56 -13.91 -24.67
N14 UFO G . 1.20 -10.85 -26.19
C13 UFO G . 2.10 -11.93 -26.06
N7 UFO G . 0.82 -15.65 -21.93
C12 UFO G . 1.86 -16.62 -21.62
C8 UFO G . -0.43 -15.69 -21.17
C9 UFO G . -1.53 -14.77 -21.74
N10 UFO G . -1.03 -13.62 -22.50
C11 UFO G . -1.89 -12.44 -22.60
C6 UFO G . 0.18 -13.68 -23.22
#